data_5I20
#
_entry.id   5I20
#
_cell.length_a   105.840
_cell.length_b   84.650
_cell.length_c   112.250
_cell.angle_alpha   90.000
_cell.angle_beta   108.460
_cell.angle_gamma   90.000
#
_symmetry.space_group_name_H-M   'P 1 2 1'
#
loop_
_entity.id
_entity.type
_entity.pdbx_description
1 polymer 'Uncharacterized protein'
2 non-polymer '(2R)-2,3-dihydroxypropyl (9Z)-octadec-9-enoate'
3 non-polymer 'SULFATE ION'
4 water water
#
_entity_poly.entity_id   1
_entity_poly.type   'polypeptide(L)'
_entity_poly.pdbx_seq_one_letter_code
;MSRSSATLIGFTAILLWSTLALATSSTGAVPPFLLTALTFTIGGAVGIAAGLARGVGLSVLRQPWPVWVHGIGGLFGYHF
FYFSALKLAPPAEAGLVAYLWPLLIVLFSAFLPGERLRPAHVAGALMGLAGTVVLLGARAGGFGFAPEYVPGYLAAAACA
VIWSVYSVASRRFARVPTEVVAGFCLATAALSALCHILFEPSVWPVGSEWLAVVALGIGPVGIAFYTWDIGMKRGDVRLL
GVLSYAAPVLSTLLLVVAGFAAPSGALAIACALIVGGAAVATLLARRLESSGENLYFQ
;
_entity_poly.pdbx_strand_id   A,B,C,D,E,F
#
loop_
_chem_comp.id
_chem_comp.type
_chem_comp.name
_chem_comp.formula
OLC non-polymer '(2R)-2,3-dihydroxypropyl (9Z)-octadec-9-enoate' 'C21 H40 O4'
SO4 non-polymer 'SULFATE ION' 'O4 S -2'
#
# COMPACT_ATOMS: atom_id res chain seq x y z
N SER A 2 -20.18 2.75 -25.14
CA SER A 2 -20.01 3.80 -24.13
C SER A 2 -18.84 4.71 -24.46
N ARG A 3 -19.05 6.01 -24.27
CA ARG A 3 -18.04 6.99 -24.64
C ARG A 3 -16.80 6.92 -23.75
N SER A 4 -17.02 6.76 -22.45
CA SER A 4 -15.92 6.62 -21.49
C SER A 4 -15.14 5.34 -21.75
N SER A 5 -15.85 4.28 -22.12
CA SER A 5 -15.22 2.99 -22.40
C SER A 5 -14.30 3.10 -23.62
N ALA A 6 -14.86 3.59 -24.72
CA ALA A 6 -14.11 3.76 -25.97
C ALA A 6 -12.92 4.70 -25.76
N THR A 7 -13.11 5.74 -24.95
CA THR A 7 -12.02 6.65 -24.63
C THR A 7 -10.93 5.90 -23.85
N LEU A 8 -11.34 5.11 -22.87
CA LEU A 8 -10.39 4.32 -22.09
C LEU A 8 -9.69 3.31 -23.00
N ILE A 9 -10.46 2.73 -23.92
CA ILE A 9 -9.93 1.79 -24.92
C ILE A 9 -8.89 2.49 -25.82
N GLY A 10 -9.20 3.70 -26.26
CA GLY A 10 -8.26 4.47 -27.07
C GLY A 10 -6.97 4.77 -26.34
N PHE A 11 -7.06 4.92 -25.02
CA PHE A 11 -5.89 5.24 -24.21
C PHE A 11 -4.91 4.08 -24.16
N THR A 12 -5.38 2.87 -24.50
CA THR A 12 -4.49 1.72 -24.51
C THR A 12 -3.52 1.81 -25.69
N ALA A 13 -3.93 2.47 -26.78
CA ALA A 13 -3.04 2.72 -27.90
C ALA A 13 -1.88 3.62 -27.46
N ILE A 14 -2.20 4.64 -26.67
CA ILE A 14 -1.21 5.55 -26.13
C ILE A 14 -0.24 4.80 -25.20
N LEU A 15 -0.76 3.86 -24.43
CA LEU A 15 0.07 3.03 -23.57
C LEU A 15 1.01 2.16 -24.40
N LEU A 16 0.49 1.56 -25.46
CA LEU A 16 1.30 0.67 -26.30
C LEU A 16 2.35 1.44 -27.10
N TRP A 17 2.02 2.66 -27.53
CA TRP A 17 2.97 3.49 -28.26
C TRP A 17 4.06 4.03 -27.34
N SER A 18 3.80 4.01 -26.04
CA SER A 18 4.79 4.44 -25.06
C SER A 18 5.95 3.45 -24.96
N THR A 19 5.73 2.21 -25.40
CA THR A 19 6.76 1.17 -25.29
C THR A 19 7.71 1.14 -26.49
N LEU A 20 7.49 2.01 -27.47
CA LEU A 20 8.26 2.02 -28.71
C LEU A 20 9.76 2.19 -28.50
N ALA A 21 10.14 3.17 -27.67
CA ALA A 21 11.55 3.48 -27.43
C ALA A 21 12.28 2.32 -26.77
N LEU A 22 11.53 1.46 -26.08
CA LEU A 22 12.11 0.32 -25.38
C LEU A 22 12.57 -0.75 -26.36
N ALA A 23 11.82 -0.91 -27.44
CA ALA A 23 12.12 -1.95 -28.43
C ALA A 23 12.92 -1.41 -29.61
N THR A 24 13.04 -0.08 -29.68
CA THR A 24 13.81 0.56 -30.74
C THR A 24 15.29 0.17 -30.64
N SER A 25 15.78 0.08 -29.41
CA SER A 25 17.17 -0.29 -29.17
C SER A 25 17.44 -1.75 -29.58
N SER A 26 16.42 -2.58 -29.48
CA SER A 26 16.56 -4.01 -29.79
C SER A 26 16.45 -4.28 -31.28
N THR A 27 16.03 -3.28 -32.05
CA THR A 27 15.90 -3.42 -33.50
C THR A 27 17.27 -3.57 -34.15
N GLY A 28 18.21 -2.73 -33.74
CA GLY A 28 19.55 -2.76 -34.27
C GLY A 28 19.69 -1.91 -35.51
N ALA A 29 20.27 -2.48 -36.55
CA ALA A 29 20.51 -1.75 -37.79
C ALA A 29 19.44 -2.06 -38.83
N VAL A 30 18.32 -2.59 -38.38
CA VAL A 30 17.21 -2.90 -39.29
C VAL A 30 16.51 -1.62 -39.73
N PRO A 31 16.54 -1.35 -41.05
CA PRO A 31 15.98 -0.14 -41.66
C PRO A 31 14.46 -0.03 -41.51
N PRO A 32 13.93 1.20 -41.50
CA PRO A 32 12.52 1.47 -41.13
C PRO A 32 11.45 0.82 -42.00
N PHE A 33 11.63 0.84 -43.32
CA PHE A 33 10.58 0.32 -44.21
C PHE A 33 10.43 -1.19 -44.12
N LEU A 34 11.54 -1.90 -44.05
CA LEU A 34 11.50 -3.35 -43.86
C LEU A 34 10.88 -3.68 -42.51
N LEU A 35 11.25 -2.90 -41.50
CA LEU A 35 10.73 -3.11 -40.15
C LEU A 35 9.23 -2.84 -40.11
N THR A 36 8.79 -1.88 -40.91
CA THR A 36 7.37 -1.55 -41.05
C THR A 36 6.63 -2.69 -41.74
N ALA A 37 7.20 -3.17 -42.84
CA ALA A 37 6.63 -4.28 -43.60
C ALA A 37 6.44 -5.52 -42.73
N LEU A 38 7.43 -5.82 -41.90
CA LEU A 38 7.37 -6.99 -41.04
C LEU A 38 6.36 -6.81 -39.91
N THR A 39 6.41 -5.65 -39.25
CA THR A 39 5.56 -5.42 -38.08
C THR A 39 4.09 -5.19 -38.44
N PHE A 40 3.83 -4.61 -39.62
CA PHE A 40 2.46 -4.35 -40.02
C PHE A 40 1.79 -5.58 -40.63
N THR A 41 2.60 -6.50 -41.15
CA THR A 41 2.08 -7.80 -41.58
C THR A 41 1.62 -8.55 -40.33
N ILE A 42 2.44 -8.53 -39.29
CA ILE A 42 2.08 -9.14 -38.02
C ILE A 42 0.88 -8.42 -37.42
N GLY A 43 0.90 -7.10 -37.49
CA GLY A 43 -0.19 -6.28 -36.99
C GLY A 43 -1.51 -6.56 -37.68
N GLY A 44 -1.47 -6.63 -39.01
CA GLY A 44 -2.65 -6.95 -39.79
C GLY A 44 -3.13 -8.36 -39.50
N ALA A 45 -2.18 -9.25 -39.20
CA ALA A 45 -2.51 -10.65 -38.93
C ALA A 45 -3.24 -10.78 -37.60
N VAL A 46 -2.85 -9.97 -36.63
CA VAL A 46 -3.52 -9.96 -35.34
C VAL A 46 -4.97 -9.52 -35.48
N GLY A 47 -5.19 -8.51 -36.31
CA GLY A 47 -6.54 -8.02 -36.58
C GLY A 47 -7.41 -9.05 -37.25
N ILE A 48 -6.81 -9.85 -38.14
CA ILE A 48 -7.54 -10.93 -38.79
C ILE A 48 -7.90 -12.00 -37.77
N ALA A 49 -6.92 -12.40 -36.97
CA ALA A 49 -7.12 -13.43 -35.95
C ALA A 49 -8.14 -12.99 -34.90
N ALA A 50 -8.16 -11.69 -34.60
CA ALA A 50 -9.12 -11.13 -33.66
C ALA A 50 -10.53 -11.25 -34.21
N GLY A 51 -10.66 -11.06 -35.52
CA GLY A 51 -11.96 -11.13 -36.17
C GLY A 51 -12.50 -12.54 -36.25
N LEU A 52 -11.60 -13.52 -36.37
CA LEU A 52 -12.00 -14.92 -36.48
C LEU A 52 -12.60 -15.42 -35.17
N ALA A 53 -12.04 -14.97 -34.06
CA ALA A 53 -12.56 -15.32 -32.74
C ALA A 53 -13.95 -14.72 -32.53
N ARG A 54 -14.20 -13.60 -33.21
CA ARG A 54 -15.50 -12.95 -33.16
C ARG A 54 -16.37 -13.40 -34.33
N GLY A 55 -15.79 -14.25 -35.19
CA GLY A 55 -16.51 -14.78 -36.33
C GLY A 55 -16.79 -13.73 -37.38
N VAL A 56 -15.75 -13.02 -37.81
CA VAL A 56 -15.90 -11.98 -38.82
C VAL A 56 -14.89 -12.18 -39.94
N SER A 59 -16.07 -10.75 -45.68
CA SER A 59 -16.98 -9.77 -46.27
C SER A 59 -16.75 -8.37 -45.71
N VAL A 60 -15.94 -8.28 -44.66
CA VAL A 60 -15.67 -6.99 -44.02
C VAL A 60 -14.72 -6.14 -44.86
N LEU A 61 -13.84 -6.79 -45.62
CA LEU A 61 -12.83 -6.09 -46.41
C LEU A 61 -13.41 -5.55 -47.72
N ARG A 62 -14.71 -5.77 -47.93
CA ARG A 62 -15.40 -5.18 -49.07
C ARG A 62 -15.81 -3.76 -48.73
N GLN A 63 -14.96 -2.79 -49.08
CA GLN A 63 -15.21 -1.39 -48.76
C GLN A 63 -15.06 -0.49 -49.99
N PRO A 64 -15.75 0.66 -49.99
CA PRO A 64 -15.59 1.65 -51.06
C PRO A 64 -14.18 2.25 -51.07
N TRP A 65 -13.78 2.86 -52.18
CA TRP A 65 -12.44 3.43 -52.29
C TRP A 65 -12.11 4.58 -51.32
N PRO A 66 -13.10 5.39 -50.88
CA PRO A 66 -12.68 6.41 -49.92
C PRO A 66 -12.19 5.84 -48.59
N VAL A 67 -12.65 4.63 -48.26
CA VAL A 67 -12.20 3.96 -47.04
C VAL A 67 -10.74 3.56 -47.17
N TRP A 68 -10.36 3.04 -48.34
CA TRP A 68 -8.99 2.63 -48.59
C TRP A 68 -8.04 3.81 -48.75
N VAL A 69 -8.54 4.90 -49.33
CA VAL A 69 -7.73 6.10 -49.48
C VAL A 69 -7.40 6.64 -48.09
N HIS A 70 -8.39 6.64 -47.21
CA HIS A 70 -8.26 7.10 -45.84
C HIS A 70 -7.26 6.26 -45.04
N GLY A 71 -7.44 4.94 -45.07
CA GLY A 71 -6.62 4.04 -44.28
C GLY A 71 -5.21 3.85 -44.78
N ILE A 72 -5.07 3.60 -46.09
CA ILE A 72 -3.76 3.41 -46.68
C ILE A 72 -3.01 4.74 -46.76
N GLY A 73 -3.72 5.78 -47.17
CA GLY A 73 -3.14 7.11 -47.22
C GLY A 73 -2.77 7.59 -45.84
N GLY A 74 -3.53 7.17 -44.83
CA GLY A 74 -3.26 7.55 -43.46
C GLY A 74 -2.04 6.86 -42.90
N LEU A 75 -2.13 5.54 -42.76
CA LEU A 75 -1.07 4.77 -42.13
C LEU A 75 0.25 4.83 -42.89
N PHE A 76 0.22 4.61 -44.20
CA PHE A 76 1.45 4.63 -44.97
C PHE A 76 2.00 6.04 -45.11
N GLY A 77 1.10 7.00 -45.30
CA GLY A 77 1.47 8.40 -45.45
C GLY A 77 2.35 8.94 -44.35
N TYR A 78 1.90 8.86 -43.10
CA TYR A 78 2.64 9.45 -42.01
C TYR A 78 3.93 8.67 -41.72
N HIS A 79 3.93 7.39 -42.06
CA HIS A 79 5.13 6.57 -41.96
C HIS A 79 6.23 7.00 -42.94
N PHE A 80 5.83 7.21 -44.19
CA PHE A 80 6.78 7.58 -45.25
C PHE A 80 7.44 8.92 -44.99
N PHE A 81 6.65 9.89 -44.53
CA PHE A 81 7.16 11.24 -44.31
C PHE A 81 7.98 11.34 -43.04
N TYR A 82 7.68 10.49 -42.06
CA TYR A 82 8.46 10.49 -40.83
C TYR A 82 9.83 9.83 -41.07
N PHE A 83 9.85 8.81 -41.90
CA PHE A 83 11.11 8.16 -42.26
C PHE A 83 11.98 9.12 -43.08
N SER A 84 11.32 9.93 -43.90
CA SER A 84 12.01 10.96 -44.67
C SER A 84 12.56 12.04 -43.74
N ALA A 85 11.82 12.36 -42.70
CA ALA A 85 12.25 13.36 -41.72
C ALA A 85 13.51 12.90 -40.99
N LEU A 86 13.57 11.61 -40.68
CA LEU A 86 14.73 11.02 -40.01
C LEU A 86 15.96 11.02 -40.92
N LYS A 87 15.70 11.03 -42.23
CA LYS A 87 16.75 11.06 -43.23
C LYS A 87 17.32 12.46 -43.42
N LEU A 88 16.50 13.47 -43.16
CA LEU A 88 16.86 14.84 -43.51
C LEU A 88 17.15 15.70 -42.29
N ALA A 89 16.82 15.18 -41.11
CA ALA A 89 16.92 15.96 -39.88
C ALA A 89 17.27 15.07 -38.70
N PRO A 90 18.01 15.63 -37.73
CA PRO A 90 18.31 14.91 -36.49
C PRO A 90 17.02 14.48 -35.77
N PRO A 91 17.04 13.29 -35.15
CA PRO A 91 15.86 12.63 -34.57
C PRO A 91 15.16 13.43 -33.48
N ALA A 92 15.91 14.21 -32.71
CA ALA A 92 15.35 14.95 -31.60
C ALA A 92 14.40 16.04 -32.07
N GLU A 93 14.83 16.80 -33.08
CA GLU A 93 14.01 17.87 -33.64
C GLU A 93 12.91 17.32 -34.52
N ALA A 94 13.18 16.21 -35.19
CA ALA A 94 12.16 15.55 -36.02
C ALA A 94 11.03 15.01 -35.14
N GLY A 95 11.40 14.41 -34.01
CA GLY A 95 10.42 13.85 -33.09
C GLY A 95 9.56 14.92 -32.44
N LEU A 96 10.17 16.06 -32.13
CA LEU A 96 9.44 17.17 -31.53
C LEU A 96 8.44 17.79 -32.51
N VAL A 97 8.85 17.98 -33.76
CA VAL A 97 7.96 18.55 -34.76
C VAL A 97 6.79 17.60 -35.02
N ALA A 98 7.09 16.31 -35.20
CA ALA A 98 6.04 15.32 -35.39
C ALA A 98 5.07 15.28 -34.22
N TYR A 99 5.56 15.53 -33.01
CA TYR A 99 4.71 15.43 -31.83
C TYR A 99 3.87 16.70 -31.61
N LEU A 100 3.68 17.45 -32.69
CA LEU A 100 2.63 18.44 -32.75
C LEU A 100 1.28 17.76 -33.00
N TRP A 101 1.32 16.47 -33.38
CA TRP A 101 0.10 15.79 -33.78
C TRP A 101 -0.97 15.66 -32.68
N PRO A 102 -0.59 15.56 -31.40
CA PRO A 102 -1.71 15.52 -30.45
C PRO A 102 -2.47 16.85 -30.38
N LEU A 103 -1.75 17.96 -30.45
CA LEU A 103 -2.37 19.29 -30.47
C LEU A 103 -3.25 19.44 -31.72
N LEU A 104 -2.78 18.91 -32.84
CA LEU A 104 -3.49 19.01 -34.10
C LEU A 104 -4.82 18.27 -34.04
N ILE A 105 -4.81 17.09 -33.42
CA ILE A 105 -6.05 16.32 -33.23
C ILE A 105 -7.06 17.11 -32.40
N VAL A 106 -6.59 17.72 -31.32
CA VAL A 106 -7.46 18.53 -30.48
C VAL A 106 -8.07 19.68 -31.28
N LEU A 107 -7.23 20.40 -32.01
CA LEU A 107 -7.68 21.50 -32.86
C LEU A 107 -8.60 21.02 -33.98
N PHE A 108 -8.25 19.91 -34.62
CA PHE A 108 -9.03 19.42 -35.76
C PHE A 108 -10.36 18.78 -35.33
N SER A 109 -10.48 18.46 -34.04
CA SER A 109 -11.69 17.84 -33.53
C SER A 109 -12.86 18.83 -33.52
N ALA A 110 -12.53 20.11 -33.65
CA ALA A 110 -13.55 21.16 -33.71
C ALA A 110 -14.36 21.07 -35.02
N PHE A 111 -13.81 20.37 -36.01
CA PHE A 111 -14.50 20.21 -37.28
C PHE A 111 -15.52 19.06 -37.23
N LEU A 112 -15.49 18.28 -36.16
CA LEU A 112 -16.46 17.21 -35.96
C LEU A 112 -17.81 17.78 -35.50
N PRO A 113 -18.89 17.40 -36.19
CA PRO A 113 -20.24 17.94 -35.96
C PRO A 113 -20.72 17.84 -34.51
N GLY A 114 -20.56 16.67 -33.90
CA GLY A 114 -21.04 16.47 -32.54
C GLY A 114 -20.14 17.03 -31.45
N GLU A 115 -18.85 17.17 -31.77
CA GLU A 115 -17.87 17.60 -30.78
C GLU A 115 -17.83 19.12 -30.60
N ARG A 116 -17.75 19.55 -29.35
CA ARG A 116 -17.59 20.96 -29.02
C ARG A 116 -16.26 21.18 -28.31
N LEU A 117 -15.36 21.92 -28.94
CA LEU A 117 -14.04 22.19 -28.37
C LEU A 117 -14.13 23.24 -27.27
N ARG A 118 -13.70 22.87 -26.07
CA ARG A 118 -13.68 23.81 -24.95
C ARG A 118 -12.25 24.31 -24.71
N PRO A 119 -12.12 25.52 -24.14
CA PRO A 119 -10.82 26.10 -23.79
C PRO A 119 -9.92 25.14 -23.00
N ALA A 120 -10.51 24.33 -22.12
CA ALA A 120 -9.74 23.42 -21.27
C ALA A 120 -9.04 22.34 -22.08
N HIS A 121 -9.68 21.88 -23.15
CA HIS A 121 -9.08 20.89 -24.05
C HIS A 121 -7.82 21.45 -24.70
N VAL A 122 -7.92 22.66 -25.22
CA VAL A 122 -6.78 23.31 -25.87
C VAL A 122 -5.68 23.60 -24.86
N ALA A 123 -6.06 24.10 -23.68
CA ALA A 123 -5.09 24.36 -22.62
C ALA A 123 -4.41 23.07 -22.15
N GLY A 124 -5.18 21.99 -22.08
CA GLY A 124 -4.64 20.71 -21.68
C GLY A 124 -3.61 20.21 -22.67
N ALA A 125 -3.92 20.38 -23.96
CA ALA A 125 -3.01 19.99 -25.02
C ALA A 125 -1.73 20.83 -24.99
N LEU A 126 -1.87 22.13 -24.72
CA LEU A 126 -0.71 23.02 -24.71
C LEU A 126 0.24 22.69 -23.56
N MET A 127 -0.33 22.27 -22.43
CA MET A 127 0.45 21.86 -21.28
C MET A 127 1.20 20.56 -21.58
N GLY A 128 0.53 19.66 -22.29
CA GLY A 128 1.14 18.41 -22.70
C GLY A 128 2.26 18.63 -23.69
N LEU A 129 2.06 19.56 -24.62
CA LEU A 129 3.11 19.91 -25.57
C LEU A 129 4.28 20.54 -24.82
N ALA A 130 3.96 21.35 -23.83
CA ALA A 130 4.98 22.00 -23.00
C ALA A 130 5.86 20.97 -22.30
N GLY A 131 5.25 19.90 -21.80
CA GLY A 131 5.97 18.84 -21.11
C GLY A 131 6.86 18.09 -22.08
N THR A 132 6.37 17.88 -23.30
CA THR A 132 7.10 17.18 -24.34
C THR A 132 8.33 17.98 -24.75
N VAL A 133 8.19 19.30 -24.85
CA VAL A 133 9.30 20.18 -25.19
C VAL A 133 10.41 20.11 -24.15
N VAL A 134 10.03 20.18 -22.87
CA VAL A 134 10.99 20.08 -21.79
C VAL A 134 11.70 18.74 -21.81
N LEU A 135 10.94 17.68 -22.06
CA LEU A 135 11.46 16.32 -22.01
C LEU A 135 12.45 16.04 -23.15
N LEU A 136 12.00 16.24 -24.37
CA LEU A 136 12.82 15.93 -25.54
C LEU A 136 14.05 16.83 -25.62
N GLY A 137 13.98 18.00 -24.96
CA GLY A 137 15.09 18.94 -24.94
C GLY A 137 16.04 18.69 -23.78
N ALA A 138 15.76 17.67 -22.98
CA ALA A 138 16.58 17.36 -21.81
C ALA A 138 17.87 16.63 -22.20
N ARG A 139 18.02 16.33 -23.48
CA ARG A 139 19.23 15.69 -23.99
C ARG A 139 20.46 16.58 -23.78
N ALA A 140 21.64 15.97 -23.85
CA ALA A 140 22.89 16.67 -23.57
C ALA A 140 23.13 17.86 -24.51
N GLY A 141 22.88 17.65 -25.80
CA GLY A 141 23.09 18.69 -26.78
C GLY A 141 22.06 19.81 -26.71
N GLY A 142 20.80 19.43 -26.50
CA GLY A 142 19.71 20.40 -26.47
C GLY A 142 19.04 20.51 -27.83
N PHE A 143 18.25 21.56 -28.02
CA PHE A 143 17.54 21.75 -29.28
C PHE A 143 18.18 22.82 -30.16
N GLY A 144 18.83 22.37 -31.23
CA GLY A 144 19.45 23.28 -32.18
C GLY A 144 18.85 23.15 -33.58
N PHE A 145 17.82 23.95 -33.84
CA PHE A 145 17.17 23.96 -35.14
C PHE A 145 17.99 24.74 -36.15
N ALA A 146 18.49 24.04 -37.17
CA ALA A 146 19.33 24.65 -38.19
C ALA A 146 18.66 24.61 -39.56
N PRO A 147 18.85 25.68 -40.36
CA PRO A 147 18.19 25.84 -41.67
C PRO A 147 18.42 24.69 -42.64
N GLU A 148 19.53 23.97 -42.51
CA GLU A 148 19.82 22.88 -43.44
C GLU A 148 18.93 21.66 -43.17
N TYR A 149 18.28 21.64 -42.02
CA TYR A 149 17.44 20.51 -41.65
C TYR A 149 15.95 20.79 -41.92
N VAL A 150 15.66 21.96 -42.47
CA VAL A 150 14.29 22.38 -42.77
C VAL A 150 13.48 21.38 -43.61
N PRO A 151 14.09 20.77 -44.64
CA PRO A 151 13.30 19.74 -45.34
C PRO A 151 12.82 18.61 -44.43
N GLY A 152 13.61 18.26 -43.43
CA GLY A 152 13.25 17.24 -42.48
C GLY A 152 12.14 17.69 -41.54
N TYR A 153 12.18 18.94 -41.13
CA TYR A 153 11.15 19.49 -40.26
C TYR A 153 9.80 19.50 -40.96
N LEU A 154 9.82 19.84 -42.26
CA LEU A 154 8.60 19.88 -43.06
C LEU A 154 8.02 18.48 -43.22
N ALA A 155 8.89 17.51 -43.51
CA ALA A 155 8.49 16.11 -43.58
C ALA A 155 7.90 15.67 -42.24
N ALA A 156 8.55 16.07 -41.16
CA ALA A 156 8.06 15.76 -39.82
C ALA A 156 6.71 16.43 -39.57
N ALA A 157 6.54 17.64 -40.11
CA ALA A 157 5.26 18.34 -39.98
C ALA A 157 4.18 17.66 -40.83
N ALA A 158 4.57 17.18 -42.01
CA ALA A 158 3.64 16.49 -42.89
C ALA A 158 3.14 15.21 -42.23
N CYS A 159 4.06 14.51 -41.58
CA CYS A 159 3.75 13.32 -40.81
C CYS A 159 2.70 13.59 -39.73
N ALA A 160 2.90 14.69 -39.01
CA ALA A 160 2.00 15.08 -37.93
C ALA A 160 0.59 15.37 -38.43
N VAL A 161 0.50 16.08 -39.55
CA VAL A 161 -0.78 16.47 -40.14
C VAL A 161 -1.54 15.26 -40.68
N ILE A 162 -0.82 14.40 -41.41
CA ILE A 162 -1.43 13.23 -42.02
C ILE A 162 -2.00 12.29 -40.94
N TRP A 163 -1.24 12.05 -39.89
CA TRP A 163 -1.70 11.20 -38.79
C TRP A 163 -2.86 11.85 -38.03
N SER A 164 -2.79 13.17 -37.84
CA SER A 164 -3.86 13.90 -37.17
C SER A 164 -5.15 13.88 -37.97
N VAL A 165 -5.03 14.05 -39.28
CA VAL A 165 -6.22 14.05 -40.13
C VAL A 165 -6.78 12.64 -40.20
N TYR A 166 -5.91 11.65 -40.38
CA TYR A 166 -6.32 10.25 -40.34
C TYR A 166 -7.11 9.91 -39.07
N SER A 167 -6.62 10.38 -37.93
CA SER A 167 -7.24 10.11 -36.65
C SER A 167 -8.62 10.76 -36.52
N VAL A 168 -8.66 12.07 -36.78
CA VAL A 168 -9.91 12.82 -36.68
C VAL A 168 -10.92 12.36 -37.73
N ALA A 169 -10.45 12.10 -38.95
CA ALA A 169 -11.33 11.69 -40.03
C ALA A 169 -11.85 10.27 -39.85
N SER A 170 -11.25 9.53 -38.92
CA SER A 170 -11.71 8.18 -38.62
C SER A 170 -13.14 8.17 -38.08
N ARG A 171 -13.52 9.25 -37.38
CA ARG A 171 -14.87 9.33 -36.85
C ARG A 171 -15.90 9.42 -37.98
N ARG A 172 -15.50 10.00 -39.10
CA ARG A 172 -16.37 10.08 -40.27
C ARG A 172 -16.70 8.69 -40.80
N PHE A 173 -15.74 7.78 -40.67
CA PHE A 173 -15.93 6.39 -41.08
C PHE A 173 -16.33 5.51 -39.90
N ALA A 174 -17.12 6.06 -38.99
CA ALA A 174 -17.52 5.34 -37.77
C ALA A 174 -18.31 4.06 -38.09
N ARG A 175 -18.97 4.02 -39.23
CA ARG A 175 -19.72 2.84 -39.63
C ARG A 175 -18.78 1.70 -40.03
N VAL A 176 -17.56 2.04 -40.43
CA VAL A 176 -16.58 1.05 -40.87
C VAL A 176 -16.03 0.25 -39.71
N PRO A 177 -16.15 -1.10 -39.78
CA PRO A 177 -15.68 -2.01 -38.73
C PRO A 177 -14.19 -1.84 -38.40
N THR A 178 -13.84 -2.11 -37.15
CA THR A 178 -12.46 -1.95 -36.68
C THR A 178 -11.50 -2.89 -37.39
N GLU A 179 -11.97 -4.10 -37.68
CA GLU A 179 -11.14 -5.13 -38.31
C GLU A 179 -10.62 -4.72 -39.69
N VAL A 180 -11.21 -3.68 -40.27
CA VAL A 180 -10.80 -3.18 -41.57
C VAL A 180 -9.37 -2.61 -41.52
N VAL A 181 -8.98 -2.13 -40.33
CA VAL A 181 -7.62 -1.63 -40.09
C VAL A 181 -6.56 -2.67 -40.46
N ALA A 182 -6.90 -3.94 -40.30
CA ALA A 182 -6.02 -5.02 -40.73
C ALA A 182 -5.71 -4.90 -42.21
N GLY A 183 -6.71 -4.49 -43.00
CA GLY A 183 -6.51 -4.27 -44.42
C GLY A 183 -5.58 -3.09 -44.66
N PHE A 184 -5.70 -2.08 -43.81
CA PHE A 184 -4.81 -0.92 -43.88
C PHE A 184 -3.38 -1.31 -43.58
N CYS A 185 -3.21 -2.15 -42.56
CA CYS A 185 -1.88 -2.58 -42.15
C CYS A 185 -1.21 -3.45 -43.21
N LEU A 186 -1.96 -4.41 -43.75
CA LEU A 186 -1.42 -5.30 -44.77
C LEU A 186 -1.06 -4.54 -46.03
N ALA A 187 -1.92 -3.61 -46.43
CA ALA A 187 -1.65 -2.77 -47.59
C ALA A 187 -0.42 -1.90 -47.34
N THR A 188 -0.33 -1.31 -46.14
CA THR A 188 0.82 -0.51 -45.76
C THR A 188 2.09 -1.35 -45.76
N ALA A 189 1.97 -2.59 -45.29
CA ALA A 189 3.10 -3.51 -45.28
C ALA A 189 3.54 -3.85 -46.71
N ALA A 190 2.58 -4.02 -47.60
CA ALA A 190 2.88 -4.34 -48.99
C ALA A 190 3.63 -3.18 -49.64
N LEU A 191 3.16 -1.96 -49.41
CA LEU A 191 3.82 -0.77 -49.93
C LEU A 191 5.20 -0.56 -49.31
N SER A 192 5.30 -0.78 -48.01
CA SER A 192 6.58 -0.65 -47.30
C SER A 192 7.59 -1.67 -47.82
N ALA A 193 7.08 -2.82 -48.24
CA ALA A 193 7.93 -3.85 -48.84
C ALA A 193 8.52 -3.34 -50.15
N LEU A 194 7.70 -2.63 -50.91
CA LEU A 194 8.16 -2.06 -52.18
C LEU A 194 9.20 -0.97 -51.95
N CYS A 195 8.92 -0.08 -50.98
CA CYS A 195 9.86 0.98 -50.64
C CYS A 195 11.19 0.42 -50.13
N HIS A 196 11.14 -0.78 -49.56
CA HIS A 196 12.34 -1.46 -49.10
C HIS A 196 13.24 -1.85 -50.26
N ILE A 197 12.73 -2.70 -51.15
CA ILE A 197 13.49 -3.21 -52.28
C ILE A 197 14.11 -2.08 -53.10
N LEU A 198 13.47 -0.92 -53.10
CA LEU A 198 13.92 0.22 -53.90
C LEU A 198 14.97 1.09 -53.21
N PHE A 199 14.72 1.49 -51.97
CA PHE A 199 15.55 2.50 -51.31
C PHE A 199 16.33 1.97 -50.11
N GLU A 200 16.18 0.69 -49.80
CA GLU A 200 16.68 0.18 -48.53
C GLU A 200 17.84 -0.80 -48.64
N PRO A 201 18.78 -0.72 -47.68
CA PRO A 201 19.83 -1.74 -47.52
C PRO A 201 19.24 -3.01 -46.92
N SER A 202 19.62 -4.16 -47.46
CA SER A 202 19.05 -5.43 -47.06
C SER A 202 19.60 -5.95 -45.74
N VAL A 203 19.16 -5.34 -44.63
CA VAL A 203 19.57 -5.79 -43.30
C VAL A 203 18.37 -6.38 -42.57
N TRP A 204 18.34 -7.70 -42.46
CA TRP A 204 17.23 -8.41 -41.83
C TRP A 204 17.49 -8.63 -40.35
N PRO A 205 16.42 -8.78 -39.55
CA PRO A 205 16.55 -9.07 -38.12
C PRO A 205 17.30 -10.38 -37.87
N VAL A 206 18.22 -10.36 -36.91
CA VAL A 206 18.97 -11.57 -36.57
C VAL A 206 18.92 -11.86 -35.08
N GLY A 207 18.88 -13.15 -34.74
CA GLY A 207 18.86 -13.57 -33.34
C GLY A 207 17.68 -13.06 -32.53
N SER A 208 17.99 -12.42 -31.41
CA SER A 208 16.96 -11.93 -30.49
C SER A 208 16.28 -10.66 -31.00
N GLU A 209 16.78 -10.09 -32.08
CA GLU A 209 16.15 -8.92 -32.68
C GLU A 209 14.75 -9.26 -33.18
N TRP A 210 14.53 -10.53 -33.51
CA TRP A 210 13.24 -10.98 -34.02
C TRP A 210 12.15 -10.88 -32.96
N LEU A 211 12.50 -11.07 -31.70
CA LEU A 211 11.52 -11.04 -30.62
C LEU A 211 10.95 -9.63 -30.42
N ALA A 212 11.78 -8.63 -30.66
CA ALA A 212 11.35 -7.24 -30.57
C ALA A 212 10.42 -6.91 -31.74
N VAL A 213 10.76 -7.44 -32.91
CA VAL A 213 9.94 -7.26 -34.10
C VAL A 213 8.52 -7.78 -33.87
N VAL A 214 8.42 -8.98 -33.32
CA VAL A 214 7.13 -9.59 -33.04
C VAL A 214 6.35 -8.79 -32.00
N ALA A 215 7.04 -8.31 -30.98
CA ALA A 215 6.42 -7.50 -29.93
C ALA A 215 5.83 -6.22 -30.50
N LEU A 216 6.59 -5.56 -31.35
CA LEU A 216 6.13 -4.35 -32.02
C LEU A 216 4.91 -4.66 -32.90
N GLY A 217 4.95 -5.79 -33.58
CA GLY A 217 3.88 -6.19 -34.48
C GLY A 217 2.57 -6.50 -33.78
N ILE A 218 2.67 -7.15 -32.62
CA ILE A 218 1.48 -7.54 -31.87
C ILE A 218 0.92 -6.37 -31.04
N GLY A 219 1.80 -5.62 -30.39
CA GLY A 219 1.40 -4.57 -29.48
C GLY A 219 1.15 -3.22 -30.13
N PRO A 220 2.21 -2.41 -30.29
CA PRO A 220 2.14 -1.06 -30.84
C PRO A 220 1.57 -0.99 -32.27
N VAL A 221 1.26 -2.14 -32.86
CA VAL A 221 0.64 -2.19 -34.17
C VAL A 221 -0.60 -3.07 -34.17
N GLY A 222 -0.42 -4.33 -33.81
CA GLY A 222 -1.49 -5.32 -33.87
C GLY A 222 -2.65 -5.11 -32.91
N ILE A 223 -2.48 -4.20 -31.97
CA ILE A 223 -3.56 -3.88 -31.04
C ILE A 223 -3.81 -2.37 -31.01
N ALA A 224 -2.72 -1.60 -31.00
CA ALA A 224 -2.78 -0.16 -30.85
C ALA A 224 -3.60 0.54 -31.93
N PHE A 225 -3.48 0.11 -33.17
CA PHE A 225 -4.21 0.77 -34.24
C PHE A 225 -5.70 0.43 -34.20
N TYR A 226 -6.03 -0.75 -33.70
CA TYR A 226 -7.43 -1.14 -33.58
C TYR A 226 -8.07 -0.47 -32.38
N THR A 227 -7.34 -0.38 -31.28
CA THR A 227 -7.86 0.24 -30.06
C THR A 227 -7.91 1.77 -30.22
N TRP A 228 -7.07 2.30 -31.12
CA TRP A 228 -7.09 3.71 -31.45
C TRP A 228 -8.27 4.02 -32.36
N ASP A 229 -8.54 3.08 -33.27
CA ASP A 229 -9.69 3.20 -34.16
C ASP A 229 -10.99 3.27 -33.37
N ILE A 230 -11.08 2.44 -32.33
CA ILE A 230 -12.26 2.44 -31.46
C ILE A 230 -12.43 3.78 -30.74
N GLY A 231 -11.33 4.28 -30.17
CA GLY A 231 -11.37 5.56 -29.49
C GLY A 231 -11.74 6.72 -30.40
N MET A 232 -11.25 6.70 -31.63
CA MET A 232 -11.52 7.79 -32.57
C MET A 232 -12.97 7.78 -33.05
N LYS A 233 -13.56 6.60 -33.13
CA LYS A 233 -14.90 6.45 -33.70
C LYS A 233 -16.02 6.52 -32.67
N ARG A 234 -15.70 6.21 -31.41
CA ARG A 234 -16.72 6.09 -30.37
C ARG A 234 -16.33 6.80 -29.08
N GLY A 235 -15.06 7.18 -28.96
CA GLY A 235 -14.58 7.80 -27.74
C GLY A 235 -14.51 9.32 -27.84
N ASP A 236 -13.81 9.92 -26.90
CA ASP A 236 -13.65 11.37 -26.85
C ASP A 236 -12.36 11.78 -27.56
N VAL A 237 -12.51 12.21 -28.81
CA VAL A 237 -11.36 12.58 -29.65
C VAL A 237 -10.52 13.72 -29.09
N ARG A 238 -11.15 14.76 -28.57
CA ARG A 238 -10.39 15.90 -28.10
C ARG A 238 -9.64 15.54 -26.82
N LEU A 239 -10.20 14.62 -26.05
CA LEU A 239 -9.54 14.16 -24.84
C LEU A 239 -8.37 13.22 -25.15
N LEU A 240 -8.57 12.31 -26.11
CA LEU A 240 -7.53 11.39 -26.51
C LEU A 240 -6.36 12.15 -27.15
N GLY A 241 -6.66 13.28 -27.77
CA GLY A 241 -5.63 14.19 -28.26
C GLY A 241 -4.78 14.71 -27.11
N VAL A 242 -5.46 15.18 -26.06
CA VAL A 242 -4.79 15.67 -24.85
C VAL A 242 -3.96 14.56 -24.21
N LEU A 243 -4.57 13.38 -24.05
CA LEU A 243 -3.92 12.26 -23.38
C LEU A 243 -2.74 11.68 -24.15
N SER A 244 -2.67 11.96 -25.45
CA SER A 244 -1.58 11.43 -26.26
C SER A 244 -0.21 11.98 -25.83
N TYR A 245 -0.17 13.16 -25.23
CA TYR A 245 1.10 13.69 -24.71
C TYR A 245 1.58 12.92 -23.46
N ALA A 246 0.84 11.89 -23.06
CA ALA A 246 1.31 11.03 -21.98
C ALA A 246 2.37 10.07 -22.51
N ALA A 247 2.32 9.79 -23.81
CA ALA A 247 3.23 8.82 -24.43
C ALA A 247 4.72 9.17 -24.26
N PRO A 248 5.12 10.43 -24.52
CA PRO A 248 6.55 10.74 -24.29
C PRO A 248 6.96 10.59 -22.83
N VAL A 249 6.09 10.99 -21.90
CA VAL A 249 6.39 10.88 -20.47
C VAL A 249 6.44 9.42 -20.02
N LEU A 250 5.44 8.65 -20.41
CA LEU A 250 5.40 7.24 -20.06
C LEU A 250 6.57 6.50 -20.69
N SER A 251 6.94 6.91 -21.90
CA SER A 251 8.06 6.31 -22.61
C SER A 251 9.36 6.47 -21.81
N THR A 252 9.60 7.69 -21.34
CA THR A 252 10.79 7.99 -20.54
C THR A 252 10.76 7.25 -19.21
N LEU A 253 9.58 7.20 -18.58
CA LEU A 253 9.41 6.46 -17.33
C LEU A 253 9.77 4.97 -17.51
N LEU A 254 9.45 4.42 -18.67
CA LEU A 254 9.76 3.02 -18.95
C LEU A 254 11.26 2.79 -19.03
N LEU A 255 11.94 3.69 -19.73
CA LEU A 255 13.39 3.61 -19.89
C LEU A 255 14.10 3.77 -18.54
N VAL A 256 13.58 4.65 -17.69
CA VAL A 256 14.15 4.86 -16.36
C VAL A 256 14.00 3.59 -15.52
N VAL A 257 12.81 2.99 -15.56
CA VAL A 257 12.56 1.75 -14.85
C VAL A 257 13.35 0.60 -15.47
N ALA A 258 13.49 0.61 -16.79
CA ALA A 258 14.25 -0.44 -17.48
C ALA A 258 15.75 -0.29 -17.19
N GLY A 259 16.17 0.91 -16.85
CA GLY A 259 17.57 1.17 -16.52
C GLY A 259 18.33 1.81 -17.67
N PHE A 260 17.61 2.17 -18.72
CA PHE A 260 18.24 2.77 -19.90
C PHE A 260 18.30 4.29 -19.80
N ALA A 261 17.58 4.85 -18.84
CA ALA A 261 17.57 6.29 -18.63
C ALA A 261 17.61 6.61 -17.15
N ALA A 262 17.90 7.87 -16.84
CA ALA A 262 18.02 8.31 -15.46
C ALA A 262 16.91 9.29 -15.11
N PRO A 263 16.51 9.32 -13.83
CA PRO A 263 15.54 10.32 -13.37
C PRO A 263 16.09 11.73 -13.54
N SER A 264 15.24 12.67 -13.97
CA SER A 264 15.68 14.06 -14.13
C SER A 264 14.60 15.06 -13.75
N GLY A 265 15.01 16.30 -13.53
CA GLY A 265 14.07 17.38 -13.25
C GLY A 265 13.12 17.59 -14.41
N ALA A 266 13.65 17.47 -15.62
CA ALA A 266 12.84 17.64 -16.83
C ALA A 266 11.73 16.61 -16.90
N LEU A 267 12.02 15.40 -16.42
CA LEU A 267 11.03 14.34 -16.40
C LEU A 267 9.95 14.65 -15.36
N ALA A 268 10.37 15.17 -14.21
CA ALA A 268 9.43 15.55 -13.16
C ALA A 268 8.49 16.66 -13.62
N ILE A 269 9.05 17.68 -14.27
CA ILE A 269 8.26 18.79 -14.78
C ILE A 269 7.28 18.33 -15.86
N ALA A 270 7.74 17.47 -16.76
CA ALA A 270 6.88 16.94 -17.82
C ALA A 270 5.72 16.13 -17.22
N CYS A 271 6.03 15.33 -16.20
CA CYS A 271 5.03 14.58 -15.46
C CYS A 271 3.94 15.49 -14.88
N ALA A 272 4.35 16.55 -14.19
CA ALA A 272 3.41 17.48 -13.61
C ALA A 272 2.52 18.12 -14.68
N LEU A 273 3.14 18.50 -15.80
CA LEU A 273 2.43 19.20 -16.86
C LEU A 273 1.37 18.32 -17.55
N ILE A 274 1.67 17.05 -17.72
CA ILE A 274 0.74 16.16 -18.40
C ILE A 274 -0.33 15.65 -17.44
N VAL A 275 0.01 15.54 -16.15
CA VAL A 275 -0.99 15.20 -15.16
C VAL A 275 -1.94 16.38 -14.99
N GLY A 276 -1.38 17.58 -14.88
CA GLY A 276 -2.19 18.79 -14.78
C GLY A 276 -3.00 19.04 -16.03
N GLY A 277 -2.41 18.77 -17.19
CA GLY A 277 -3.08 18.97 -18.46
C GLY A 277 -4.26 18.02 -18.65
N ALA A 278 -4.04 16.76 -18.32
CA ALA A 278 -5.11 15.77 -18.40
C ALA A 278 -6.23 16.09 -17.43
N ALA A 279 -5.87 16.60 -16.26
CA ALA A 279 -6.85 16.92 -15.22
C ALA A 279 -7.72 18.11 -15.63
N VAL A 280 -7.08 19.12 -16.20
CA VAL A 280 -7.78 20.31 -16.69
C VAL A 280 -8.78 19.95 -17.78
N ALA A 281 -8.38 19.06 -18.69
CA ALA A 281 -9.21 18.72 -19.84
C ALA A 281 -10.31 17.71 -19.51
N THR A 282 -10.10 16.94 -18.45
CA THR A 282 -11.07 15.91 -18.07
C THR A 282 -12.00 16.38 -16.95
N LEU A 283 -11.41 16.83 -15.84
CA LEU A 283 -12.19 17.19 -14.67
C LEU A 283 -12.80 18.58 -14.76
N LEU A 284 -12.06 19.52 -15.36
CA LEU A 284 -12.41 20.93 -15.28
C LEU A 284 -13.01 21.49 -16.57
N ALA A 285 -13.13 20.64 -17.59
CA ALA A 285 -13.60 21.06 -18.91
C ALA A 285 -14.93 21.84 -18.88
N ARG A 286 -15.93 21.26 -18.21
CA ARG A 286 -17.26 21.87 -18.15
C ARG A 286 -17.33 22.96 -17.09
N ARG A 287 -16.53 22.80 -16.03
CA ARG A 287 -16.57 23.71 -14.88
C ARG A 287 -15.92 25.07 -15.15
N LEU A 288 -15.00 25.12 -16.12
CA LEU A 288 -14.24 26.35 -16.36
C LEU A 288 -14.97 27.30 -17.31
N GLU A 289 -16.17 26.93 -17.73
CA GLU A 289 -16.93 27.78 -18.64
C GLU A 289 -17.59 28.96 -17.91
N SER A 290 -17.87 28.79 -16.63
CA SER A 290 -18.51 29.84 -15.84
C SER A 290 -17.49 30.84 -15.32
N SER B 2 20.02 -22.57 5.68
CA SER B 2 19.33 -21.28 5.71
C SER B 2 18.41 -21.15 4.50
N ARG B 3 18.85 -21.71 3.37
CA ARG B 3 18.03 -21.69 2.15
C ARG B 3 16.79 -22.56 2.33
N SER B 4 16.97 -23.72 2.94
CA SER B 4 15.85 -24.62 3.23
C SER B 4 14.90 -23.99 4.25
N SER B 5 15.47 -23.31 5.23
CA SER B 5 14.67 -22.68 6.28
C SER B 5 13.90 -21.49 5.70
N ALA B 6 14.55 -20.74 4.83
CA ALA B 6 13.91 -19.60 4.18
C ALA B 6 12.73 -20.04 3.31
N THR B 7 12.87 -21.22 2.69
CA THR B 7 11.81 -21.79 1.88
C THR B 7 10.63 -22.21 2.76
N LEU B 8 10.95 -22.74 3.93
CA LEU B 8 9.93 -23.08 4.92
C LEU B 8 9.17 -21.85 5.37
N ILE B 9 9.91 -20.79 5.72
CA ILE B 9 9.29 -19.54 6.15
C ILE B 9 8.37 -18.97 5.07
N GLY B 10 8.85 -18.93 3.84
CA GLY B 10 8.05 -18.45 2.73
C GLY B 10 6.79 -19.26 2.50
N PHE B 11 6.81 -20.53 2.89
CA PHE B 11 5.65 -21.39 2.72
C PHE B 11 4.52 -21.00 3.68
N THR B 12 4.85 -20.29 4.76
CA THR B 12 3.84 -19.86 5.71
C THR B 12 2.95 -18.76 5.12
N ALA B 13 3.49 -18.05 4.13
CA ALA B 13 2.69 -17.07 3.41
C ALA B 13 1.61 -17.78 2.62
N ILE B 14 2.01 -18.85 1.93
CA ILE B 14 1.09 -19.65 1.14
C ILE B 14 -0.04 -20.21 2.00
N LEU B 15 0.30 -20.68 3.19
CA LEU B 15 -0.68 -21.17 4.15
C LEU B 15 -1.65 -20.08 4.58
N LEU B 16 -1.11 -18.90 4.91
CA LEU B 16 -1.95 -17.77 5.33
C LEU B 16 -2.84 -17.28 4.20
N TRP B 17 -2.34 -17.33 2.97
CA TRP B 17 -3.12 -16.89 1.81
C TRP B 17 -4.22 -17.90 1.48
N SER B 18 -4.17 -19.07 2.10
CA SER B 18 -5.20 -20.09 1.91
C SER B 18 -6.49 -19.75 2.66
N THR B 19 -6.40 -18.83 3.62
CA THR B 19 -7.55 -18.48 4.44
C THR B 19 -8.29 -17.27 3.88
N LEU B 20 -7.84 -16.81 2.71
CA LEU B 20 -8.38 -15.61 2.08
C LEU B 20 -9.87 -15.71 1.77
N ALA B 21 -10.26 -16.81 1.15
CA ALA B 21 -11.66 -17.00 0.75
C ALA B 21 -12.60 -17.06 1.96
N LEU B 22 -12.13 -17.65 3.05
CA LEU B 22 -12.92 -17.74 4.28
C LEU B 22 -13.23 -16.35 4.84
N ALA B 23 -12.24 -15.46 4.82
CA ALA B 23 -12.40 -14.13 5.38
C ALA B 23 -13.30 -13.26 4.51
N THR B 24 -13.17 -13.39 3.19
CA THR B 24 -13.96 -12.61 2.24
C THR B 24 -15.46 -12.85 2.42
N SER B 25 -15.81 -14.06 2.82
CA SER B 25 -17.21 -14.42 3.02
C SER B 25 -17.77 -13.76 4.28
N SER B 26 -16.88 -13.19 5.09
CA SER B 26 -17.27 -12.56 6.35
C SER B 26 -17.09 -11.05 6.34
N THR B 27 -16.63 -10.49 5.23
CA THR B 27 -16.42 -9.05 5.13
C THR B 27 -17.68 -8.32 4.68
N GLY B 28 -18.68 -9.07 4.25
CA GLY B 28 -19.94 -8.50 3.82
C GLY B 28 -19.84 -7.72 2.52
N ALA B 29 -20.35 -6.49 2.55
CA ALA B 29 -20.41 -5.65 1.35
C ALA B 29 -19.30 -4.60 1.31
N VAL B 30 -18.25 -4.80 2.10
CA VAL B 30 -17.13 -3.86 2.12
C VAL B 30 -16.33 -3.93 0.82
N PRO B 31 -16.25 -2.80 0.10
CA PRO B 31 -15.56 -2.73 -1.19
C PRO B 31 -14.05 -2.96 -1.06
N PRO B 32 -13.41 -3.49 -2.12
CA PRO B 32 -12.03 -3.99 -2.10
C PRO B 32 -10.94 -2.96 -1.77
N PHE B 33 -11.02 -1.75 -2.30
CA PHE B 33 -10.00 -0.75 -2.02
C PHE B 33 -10.04 -0.28 -0.57
N LEU B 34 -11.24 -0.25 0.02
CA LEU B 34 -11.38 0.11 1.42
C LEU B 34 -10.86 -1.02 2.31
N LEU B 35 -11.15 -2.25 1.92
CA LEU B 35 -10.68 -3.41 2.66
C LEU B 35 -9.17 -3.51 2.58
N THR B 36 -8.61 -3.18 1.42
CA THR B 36 -7.16 -3.18 1.23
C THR B 36 -6.49 -2.11 2.08
N ALA B 37 -7.08 -0.91 2.10
CA ALA B 37 -6.54 0.20 2.86
C ALA B 37 -6.51 -0.09 4.36
N LEU B 38 -7.52 -0.80 4.85
CA LEU B 38 -7.62 -1.09 6.27
C LEU B 38 -6.65 -2.21 6.67
N THR B 39 -6.63 -3.28 5.89
CA THR B 39 -5.82 -4.44 6.23
C THR B 39 -4.33 -4.21 6.01
N PHE B 40 -3.97 -3.42 5.00
CA PHE B 40 -2.56 -3.14 4.75
C PHE B 40 -2.00 -2.09 5.69
N THR B 41 -2.88 -1.24 6.24
CA THR B 41 -2.47 -0.29 7.27
C THR B 41 -2.07 -1.09 8.50
N ILE B 42 -2.91 -2.04 8.87
CA ILE B 42 -2.64 -2.94 9.99
C ILE B 42 -1.39 -3.77 9.68
N GLY B 43 -1.34 -4.34 8.48
CA GLY B 43 -0.19 -5.10 8.03
C GLY B 43 1.11 -4.33 8.10
N GLY B 44 1.08 -3.08 7.64
CA GLY B 44 2.24 -2.21 7.72
C GLY B 44 2.59 -1.90 9.16
N ALA B 45 1.56 -1.66 9.97
CA ALA B 45 1.73 -1.33 11.38
C ALA B 45 2.41 -2.47 12.14
N VAL B 46 2.02 -3.70 11.81
CA VAL B 46 2.60 -4.89 12.43
C VAL B 46 4.09 -4.98 12.15
N GLY B 47 4.47 -4.73 10.90
CA GLY B 47 5.87 -4.78 10.51
C GLY B 47 6.72 -3.75 11.24
N ILE B 48 6.20 -2.53 11.33
CA ILE B 48 6.90 -1.46 12.02
C ILE B 48 7.03 -1.75 13.51
N ALA B 49 5.93 -2.14 14.14
CA ALA B 49 5.92 -2.45 15.57
C ALA B 49 6.88 -3.59 15.90
N ALA B 50 6.89 -4.62 15.06
CA ALA B 50 7.80 -5.73 15.22
C ALA B 50 9.25 -5.28 15.05
N GLY B 51 9.48 -4.39 14.08
CA GLY B 51 10.80 -3.84 13.84
C GLY B 51 11.29 -3.04 15.04
N LEU B 52 10.41 -2.22 15.59
CA LEU B 52 10.73 -1.45 16.79
C LEU B 52 11.01 -2.38 17.97
N ALA B 53 10.29 -3.49 18.01
CA ALA B 53 10.48 -4.47 19.07
C ALA B 53 11.78 -5.25 18.87
N ARG B 54 12.16 -5.44 17.61
CA ARG B 54 13.39 -6.16 17.27
C ARG B 54 14.62 -5.30 17.52
N GLY B 55 14.42 -3.98 17.57
CA GLY B 55 15.52 -3.06 17.84
C GLY B 55 15.98 -2.27 16.63
N VAL B 56 15.52 -2.66 15.45
CA VAL B 56 15.87 -1.93 14.23
C VAL B 56 15.03 -0.68 14.09
N GLY B 57 15.69 0.47 13.95
CA GLY B 57 15.03 1.75 13.84
C GLY B 57 14.39 1.99 12.49
N LEU B 58 13.95 3.23 12.26
CA LEU B 58 13.29 3.60 11.01
C LEU B 58 14.29 3.90 9.90
N SER B 59 15.57 3.64 10.16
CA SER B 59 16.62 3.88 9.18
C SER B 59 16.51 2.93 7.99
N VAL B 60 15.85 1.80 8.18
CA VAL B 60 15.66 0.83 7.11
C VAL B 60 14.73 1.37 6.03
N LEU B 61 13.83 2.27 6.43
CA LEU B 61 12.86 2.84 5.49
C LEU B 61 13.50 3.90 4.60
N ARG B 62 14.77 4.19 4.84
CA ARG B 62 15.54 5.04 3.95
C ARG B 62 16.11 4.20 2.81
N GLN B 63 15.41 4.17 1.68
CA GLN B 63 15.79 3.34 0.55
C GLN B 63 15.82 4.14 -0.75
N PRO B 64 16.64 3.71 -1.72
CA PRO B 64 16.68 4.35 -3.03
C PRO B 64 15.38 4.09 -3.81
N TRP B 65 15.07 4.94 -4.78
CA TRP B 65 13.79 4.86 -5.48
C TRP B 65 13.48 3.52 -6.20
N PRO B 66 14.50 2.79 -6.68
CA PRO B 66 14.11 1.51 -7.31
C PRO B 66 13.42 0.54 -6.35
N VAL B 67 13.79 0.60 -5.07
CA VAL B 67 13.14 -0.23 -4.06
C VAL B 67 11.66 0.12 -3.91
N TRP B 68 11.35 1.41 -3.93
CA TRP B 68 9.97 1.86 -3.78
C TRP B 68 9.12 1.58 -5.00
N VAL B 69 9.72 1.72 -6.19
CA VAL B 69 9.02 1.41 -7.43
C VAL B 69 8.66 -0.07 -7.44
N HIS B 70 9.64 -0.90 -7.08
CA HIS B 70 9.44 -2.35 -6.94
C HIS B 70 8.32 -2.67 -5.96
N GLY B 71 8.47 -2.21 -4.73
CA GLY B 71 7.52 -2.50 -3.67
C GLY B 71 6.13 -1.92 -3.88
N ILE B 72 6.05 -0.60 -4.09
CA ILE B 72 4.75 0.05 -4.24
C ILE B 72 4.06 -0.35 -5.54
N GLY B 73 4.82 -0.37 -6.63
CA GLY B 73 4.27 -0.76 -7.92
C GLY B 73 3.79 -2.20 -7.91
N GLY B 74 4.48 -3.03 -7.15
CA GLY B 74 4.13 -4.44 -7.05
C GLY B 74 2.89 -4.70 -6.23
N LEU B 75 2.90 -4.27 -4.97
CA LEU B 75 1.78 -4.53 -4.07
C LEU B 75 0.50 -3.80 -4.49
N PHE B 76 0.63 -2.55 -4.90
CA PHE B 76 -0.56 -1.81 -5.32
C PHE B 76 -0.98 -2.21 -6.74
N GLY B 77 0.00 -2.45 -7.61
CA GLY B 77 -0.26 -2.80 -8.99
C GLY B 77 -1.14 -4.02 -9.19
N TYR B 78 -0.80 -5.13 -8.53
CA TYR B 78 -1.57 -6.36 -8.73
C TYR B 78 -2.93 -6.26 -8.04
N HIS B 79 -3.05 -5.36 -7.07
CA HIS B 79 -4.34 -5.10 -6.44
C HIS B 79 -5.24 -4.31 -7.39
N PHE B 80 -4.71 -3.26 -8.00
CA PHE B 80 -5.50 -2.39 -8.86
C PHE B 80 -6.05 -3.15 -10.06
N PHE B 81 -5.24 -4.01 -10.66
CA PHE B 81 -5.66 -4.73 -11.85
C PHE B 81 -6.56 -5.91 -11.54
N TYR B 82 -6.43 -6.47 -10.34
CA TYR B 82 -7.30 -7.57 -9.93
C TYR B 82 -8.70 -7.06 -9.59
N PHE B 83 -8.77 -5.89 -8.97
CA PHE B 83 -10.06 -5.28 -8.67
C PHE B 83 -10.73 -4.80 -9.95
N SER B 84 -9.91 -4.42 -10.93
CA SER B 84 -10.42 -4.03 -12.24
C SER B 84 -11.02 -5.24 -12.95
N ALA B 85 -10.40 -6.40 -12.75
CA ALA B 85 -10.90 -7.65 -13.34
C ALA B 85 -12.23 -8.07 -12.71
N LEU B 86 -12.38 -7.80 -11.42
CA LEU B 86 -13.59 -8.14 -10.68
C LEU B 86 -14.80 -7.34 -11.16
N LYS B 87 -14.55 -6.12 -11.63
CA LYS B 87 -15.61 -5.26 -12.13
C LYS B 87 -15.90 -5.52 -13.61
N LEU B 88 -15.00 -6.25 -14.27
CA LEU B 88 -15.12 -6.46 -15.70
C LEU B 88 -15.33 -7.93 -16.08
N ALA B 89 -15.26 -8.82 -15.08
CA ALA B 89 -15.37 -10.25 -15.34
C ALA B 89 -15.85 -11.01 -14.11
N PRO B 90 -16.51 -12.17 -14.33
CA PRO B 90 -16.91 -13.06 -13.24
C PRO B 90 -15.72 -13.48 -12.37
N PRO B 91 -15.87 -13.37 -11.04
CA PRO B 91 -14.80 -13.62 -10.06
C PRO B 91 -14.14 -14.99 -10.17
N ALA B 92 -14.92 -16.00 -10.56
CA ALA B 92 -14.39 -17.36 -10.66
C ALA B 92 -13.38 -17.49 -11.80
N GLU B 93 -13.70 -16.91 -12.95
CA GLU B 93 -12.83 -16.97 -14.11
C GLU B 93 -11.69 -15.96 -14.02
N ALA B 94 -11.97 -14.82 -13.38
CA ALA B 94 -10.95 -13.80 -13.15
C ALA B 94 -9.91 -14.30 -12.15
N GLY B 95 -10.38 -15.04 -11.15
CA GLY B 95 -9.51 -15.61 -10.14
C GLY B 95 -8.64 -16.73 -10.70
N LEU B 96 -9.18 -17.47 -11.66
CA LEU B 96 -8.46 -18.56 -12.28
C LEU B 96 -7.35 -18.04 -13.19
N VAL B 97 -7.66 -17.02 -13.99
CA VAL B 97 -6.66 -16.41 -14.86
C VAL B 97 -5.55 -15.79 -14.02
N ALA B 98 -5.93 -15.11 -12.94
CA ALA B 98 -4.96 -14.52 -12.03
C ALA B 98 -4.04 -15.58 -11.42
N TYR B 99 -4.52 -16.82 -11.34
CA TYR B 99 -3.74 -17.89 -10.75
C TYR B 99 -2.76 -18.54 -11.73
N LEU B 100 -2.41 -17.80 -12.78
CA LEU B 100 -1.29 -18.16 -13.61
C LEU B 100 0.01 -17.76 -12.92
N TRP B 101 -0.09 -16.96 -11.88
CA TRP B 101 1.11 -16.36 -11.28
C TRP B 101 2.08 -17.36 -10.64
N PRO B 102 1.59 -18.50 -10.09
CA PRO B 102 2.64 -19.41 -9.60
C PRO B 102 3.44 -20.02 -10.74
N LEU B 103 2.79 -20.24 -11.90
CA LEU B 103 3.49 -20.75 -13.07
C LEU B 103 4.43 -19.68 -13.63
N LEU B 104 3.99 -18.42 -13.62
CA LEU B 104 4.79 -17.31 -14.14
C LEU B 104 6.04 -17.09 -13.31
N ILE B 105 5.92 -17.27 -11.99
CA ILE B 105 7.06 -17.15 -11.10
C ILE B 105 8.15 -18.16 -11.48
N VAL B 106 7.74 -19.40 -11.75
CA VAL B 106 8.68 -20.43 -12.18
C VAL B 106 9.31 -20.05 -13.52
N LEU B 107 8.48 -19.59 -14.45
CA LEU B 107 8.94 -19.21 -15.79
C LEU B 107 9.84 -17.98 -15.78
N PHE B 108 9.47 -16.98 -14.97
CA PHE B 108 10.25 -15.74 -14.90
C PHE B 108 11.54 -15.93 -14.09
N SER B 109 11.57 -16.98 -13.27
CA SER B 109 12.75 -17.31 -12.48
C SER B 109 13.96 -17.61 -13.37
N ALA B 110 13.71 -17.90 -14.64
CA ALA B 110 14.77 -18.16 -15.60
C ALA B 110 15.66 -16.92 -15.78
N PHE B 111 15.06 -15.75 -15.64
CA PHE B 111 15.78 -14.49 -15.74
C PHE B 111 16.70 -14.25 -14.54
N LEU B 112 16.41 -14.93 -13.44
CA LEU B 112 17.21 -14.78 -12.23
C LEU B 112 18.59 -15.41 -12.39
N PRO B 113 19.63 -14.70 -11.94
CA PRO B 113 20.98 -15.27 -11.91
C PRO B 113 21.06 -16.39 -10.88
N GLY B 114 21.70 -17.50 -11.21
CA GLY B 114 21.81 -18.62 -10.30
C GLY B 114 21.57 -19.95 -11.00
N GLU B 115 21.07 -20.93 -10.23
CA GLU B 115 20.86 -22.28 -10.74
C GLU B 115 19.93 -22.29 -11.95
N ARG B 116 20.32 -23.04 -12.97
CA ARG B 116 19.57 -23.14 -14.22
C ARG B 116 18.20 -23.80 -14.04
N LEU B 117 17.17 -23.18 -14.61
CA LEU B 117 15.80 -23.70 -14.57
C LEU B 117 15.71 -25.08 -15.22
N ARG B 118 15.04 -26.00 -14.55
CA ARG B 118 14.92 -27.38 -15.04
C ARG B 118 13.48 -27.72 -15.45
N PRO B 119 13.32 -28.62 -16.44
CA PRO B 119 12.00 -29.02 -16.92
C PRO B 119 11.09 -29.55 -15.82
N ALA B 120 11.68 -30.16 -14.80
CA ALA B 120 10.91 -30.68 -13.68
C ALA B 120 10.16 -29.57 -12.93
N HIS B 121 10.75 -28.39 -12.90
CA HIS B 121 10.11 -27.25 -12.26
C HIS B 121 8.86 -26.81 -13.02
N VAL B 122 8.99 -26.70 -14.34
CA VAL B 122 7.89 -26.28 -15.20
C VAL B 122 6.74 -27.29 -15.16
N ALA B 123 7.09 -28.57 -15.27
CA ALA B 123 6.10 -29.64 -15.22
C ALA B 123 5.30 -29.64 -13.92
N GLY B 124 6.01 -29.55 -12.80
CA GLY B 124 5.37 -29.50 -11.49
C GLY B 124 4.39 -28.35 -11.37
N ALA B 125 4.79 -27.19 -11.89
CA ALA B 125 3.93 -26.01 -11.86
C ALA B 125 2.73 -26.18 -12.80
N LEU B 126 2.94 -26.91 -13.88
CA LEU B 126 1.86 -27.20 -14.82
C LEU B 126 0.85 -28.16 -14.22
N MET B 127 1.32 -29.04 -13.35
CA MET B 127 0.45 -29.99 -12.65
C MET B 127 -0.37 -29.28 -11.58
N GLY B 128 0.26 -28.31 -10.90
CA GLY B 128 -0.41 -27.54 -9.88
C GLY B 128 -1.44 -26.61 -10.49
N LEU B 129 -1.18 -26.17 -11.72
CA LEU B 129 -2.12 -25.33 -12.44
C LEU B 129 -3.32 -26.16 -12.89
N ALA B 130 -3.05 -27.40 -13.29
CA ALA B 130 -4.10 -28.32 -13.73
C ALA B 130 -5.11 -28.58 -12.60
N GLY B 131 -4.59 -28.80 -11.40
CA GLY B 131 -5.44 -29.06 -10.24
C GLY B 131 -6.27 -27.85 -9.89
N THR B 132 -5.70 -26.66 -10.07
CA THR B 132 -6.41 -25.42 -9.83
C THR B 132 -7.56 -25.25 -10.82
N VAL B 133 -7.34 -25.70 -12.05
CA VAL B 133 -8.32 -25.57 -13.12
C VAL B 133 -9.59 -26.40 -12.86
N VAL B 134 -9.41 -27.68 -12.56
CA VAL B 134 -10.54 -28.57 -12.29
C VAL B 134 -11.26 -28.19 -11.00
N LEU B 135 -10.52 -27.72 -10.01
CA LEU B 135 -11.09 -27.37 -8.73
C LEU B 135 -11.93 -26.11 -8.83
N LEU B 136 -11.35 -25.06 -9.40
CA LEU B 136 -12.05 -23.79 -9.54
C LEU B 136 -12.94 -23.75 -10.79
N GLY B 137 -13.32 -24.94 -11.26
CA GLY B 137 -14.19 -25.05 -12.42
C GLY B 137 -15.63 -25.32 -12.05
N PHE B 145 -17.39 -17.79 -20.06
CA PHE B 145 -16.37 -17.37 -21.01
C PHE B 145 -17.01 -16.75 -22.25
N ALA B 146 -16.88 -15.44 -22.39
CA ALA B 146 -17.49 -14.71 -23.51
C ALA B 146 -16.67 -13.46 -23.85
N PRO B 147 -16.71 -13.02 -25.13
CA PRO B 147 -15.86 -11.92 -25.59
C PRO B 147 -16.05 -10.58 -24.86
N GLU B 148 -17.19 -10.39 -24.19
CA GLU B 148 -17.43 -9.15 -23.47
C GLU B 148 -16.69 -9.11 -22.14
N TYR B 149 -16.12 -10.24 -21.76
CA TYR B 149 -15.39 -10.35 -20.50
C TYR B 149 -13.88 -10.34 -20.74
N VAL B 150 -13.47 -10.18 -21.99
CA VAL B 150 -12.06 -10.18 -22.36
C VAL B 150 -11.23 -9.09 -21.66
N PRO B 151 -11.74 -7.84 -21.59
CA PRO B 151 -10.94 -6.84 -20.87
C PRO B 151 -10.73 -7.20 -19.40
N GLY B 152 -11.67 -7.94 -18.82
CA GLY B 152 -11.53 -8.41 -17.45
C GLY B 152 -10.47 -9.48 -17.32
N TYR B 153 -10.38 -10.34 -18.33
CA TYR B 153 -9.38 -11.40 -18.35
C TYR B 153 -7.99 -10.80 -18.50
N LEU B 154 -7.89 -9.70 -19.25
CA LEU B 154 -6.62 -9.02 -19.46
C LEU B 154 -6.14 -8.37 -18.17
N ALA B 155 -7.07 -7.82 -17.41
CA ALA B 155 -6.76 -7.20 -16.12
C ALA B 155 -6.32 -8.26 -15.10
N ALA B 156 -6.88 -9.46 -15.22
CA ALA B 156 -6.53 -10.56 -14.33
C ALA B 156 -5.19 -11.15 -14.75
N ALA B 157 -4.92 -11.16 -16.05
CA ALA B 157 -3.63 -11.58 -16.57
C ALA B 157 -2.54 -10.60 -16.15
N ALA B 158 -2.83 -9.31 -16.22
CA ALA B 158 -1.88 -8.28 -15.81
C ALA B 158 -1.57 -8.39 -14.33
N CYS B 159 -2.59 -8.65 -13.52
CA CYS B 159 -2.43 -8.89 -12.10
C CYS B 159 -1.47 -10.05 -11.84
N ALA B 160 -1.67 -11.15 -12.56
CA ALA B 160 -0.80 -12.32 -12.42
C ALA B 160 0.64 -12.01 -12.81
N VAL B 161 0.82 -11.14 -13.81
CA VAL B 161 2.16 -10.76 -14.24
C VAL B 161 2.85 -9.85 -13.23
N ILE B 162 2.14 -8.82 -12.78
CA ILE B 162 2.70 -7.85 -11.85
C ILE B 162 3.14 -8.50 -10.54
N TRP B 163 2.30 -9.36 -9.98
CA TRP B 163 2.63 -10.05 -8.74
C TRP B 163 3.80 -11.02 -8.94
N SER B 164 3.82 -11.69 -10.10
CA SER B 164 4.92 -12.59 -10.43
C SER B 164 6.24 -11.85 -10.55
N VAL B 165 6.23 -10.74 -11.27
CA VAL B 165 7.44 -9.95 -11.43
C VAL B 165 7.90 -9.43 -10.08
N TYR B 166 6.95 -8.94 -9.28
CA TYR B 166 7.27 -8.46 -7.95
C TYR B 166 7.97 -9.54 -7.11
N SER B 167 7.40 -10.75 -7.15
CA SER B 167 7.95 -11.87 -6.39
C SER B 167 9.35 -12.26 -6.87
N VAL B 168 9.51 -12.40 -8.18
CA VAL B 168 10.79 -12.79 -8.77
C VAL B 168 11.85 -11.70 -8.61
N ALA B 169 11.47 -10.44 -8.82
CA ALA B 169 12.40 -9.32 -8.70
C ALA B 169 12.84 -9.05 -7.26
N SER B 170 12.13 -9.62 -6.29
CA SER B 170 12.51 -9.48 -4.89
C SER B 170 13.90 -10.04 -4.61
N ARG B 171 14.31 -11.06 -5.35
CA ARG B 171 15.64 -11.65 -5.14
C ARG B 171 16.71 -10.67 -5.60
N ARG B 172 16.37 -9.83 -6.57
CA ARG B 172 17.26 -8.80 -7.05
C ARG B 172 17.48 -7.74 -5.95
N PHE B 173 16.54 -7.65 -5.02
CA PHE B 173 16.66 -6.74 -3.88
C PHE B 173 16.95 -7.51 -2.59
N ALA B 174 17.63 -8.65 -2.71
CA ALA B 174 17.84 -9.56 -1.58
C ALA B 174 18.54 -8.91 -0.38
N ARG B 175 19.31 -7.85 -0.62
CA ARG B 175 20.01 -7.17 0.47
C ARG B 175 19.14 -6.10 1.14
N VAL B 176 17.91 -5.94 0.65
CA VAL B 176 16.98 -4.99 1.25
C VAL B 176 16.21 -5.64 2.39
N PRO B 177 16.29 -5.05 3.60
CA PRO B 177 15.66 -5.58 4.81
C PRO B 177 14.16 -5.84 4.64
N THR B 178 13.67 -6.89 5.29
CA THR B 178 12.28 -7.30 5.17
C THR B 178 11.32 -6.26 5.73
N GLU B 179 11.76 -5.51 6.73
N GLU B 179 11.75 -5.50 6.74
CA GLU B 179 10.94 -4.49 7.38
CA GLU B 179 10.88 -4.51 7.36
C GLU B 179 10.53 -3.39 6.40
C GLU B 179 10.46 -3.43 6.36
N VAL B 180 11.19 -3.32 5.25
CA VAL B 180 10.89 -2.32 4.23
C VAL B 180 9.52 -2.60 3.59
N VAL B 181 9.12 -3.87 3.59
CA VAL B 181 7.80 -4.28 3.11
C VAL B 181 6.67 -3.57 3.88
N ALA B 182 6.93 -3.22 5.13
CA ALA B 182 5.94 -2.50 5.93
C ALA B 182 5.68 -1.12 5.31
N GLY B 183 6.73 -0.53 4.75
CA GLY B 183 6.60 0.70 3.99
C GLY B 183 5.77 0.51 2.74
N PHE B 184 5.94 -0.64 2.08
CA PHE B 184 5.20 -0.96 0.87
C PHE B 184 3.71 -1.09 1.18
N CYS B 185 3.41 -1.66 2.34
CA CYS B 185 2.03 -1.87 2.77
C CYS B 185 1.34 -0.55 3.09
N LEU B 186 2.03 0.32 3.80
CA LEU B 186 1.50 1.64 4.16
C LEU B 186 1.26 2.51 2.94
N ALA B 187 2.17 2.43 1.97
CA ALA B 187 2.04 3.22 0.74
C ALA B 187 0.89 2.67 -0.10
N THR B 188 0.76 1.35 -0.11
CA THR B 188 -0.34 0.68 -0.80
C THR B 188 -1.68 0.98 -0.15
N ALA B 189 -1.71 1.06 1.17
CA ALA B 189 -2.94 1.38 1.91
C ALA B 189 -3.40 2.80 1.60
N ALA B 190 -2.46 3.74 1.55
CA ALA B 190 -2.79 5.12 1.25
C ALA B 190 -3.29 5.28 -0.19
N LEU B 191 -2.66 4.58 -1.13
CA LEU B 191 -3.12 4.63 -2.52
C LEU B 191 -4.50 3.98 -2.66
N SER B 192 -4.72 2.89 -1.92
CA SER B 192 -6.03 2.22 -1.94
C SER B 192 -7.12 3.09 -1.32
N ALA B 193 -6.78 3.79 -0.24
CA ALA B 193 -7.74 4.66 0.43
C ALA B 193 -8.19 5.78 -0.52
N LEU B 194 -7.26 6.26 -1.33
CA LEU B 194 -7.57 7.27 -2.34
C LEU B 194 -8.49 6.72 -3.42
N CYS B 195 -8.19 5.52 -3.89
CA CYS B 195 -9.01 4.86 -4.91
C CYS B 195 -10.40 4.55 -4.38
N HIS B 196 -10.48 4.20 -3.09
CA HIS B 196 -11.76 3.94 -2.45
C HIS B 196 -12.67 5.17 -2.50
N ILE B 197 -12.12 6.33 -2.15
CA ILE B 197 -12.88 7.56 -2.13
C ILE B 197 -13.36 7.93 -3.53
N LEU B 198 -12.56 7.59 -4.53
CA LEU B 198 -12.86 7.95 -5.91
C LEU B 198 -13.86 7.00 -6.58
N PHE B 199 -13.71 5.70 -6.34
CA PHE B 199 -14.41 4.70 -7.14
C PHE B 199 -15.41 3.85 -6.36
N GLU B 200 -15.46 4.00 -5.04
CA GLU B 200 -16.23 3.08 -4.21
C GLU B 200 -17.28 3.77 -3.34
N PRO B 201 -18.39 3.07 -3.05
CA PRO B 201 -19.40 3.54 -2.10
C PRO B 201 -18.85 3.56 -0.68
N SER B 202 -19.43 4.39 0.18
CA SER B 202 -18.95 4.50 1.55
C SER B 202 -19.56 3.39 2.42
N VAL B 203 -19.10 2.17 2.21
CA VAL B 203 -19.61 1.02 2.94
C VAL B 203 -18.55 0.46 3.89
N TRP B 204 -18.63 0.86 5.15
CA TRP B 204 -17.63 0.47 6.14
C TRP B 204 -18.03 -0.82 6.87
N PRO B 205 -17.04 -1.54 7.43
CA PRO B 205 -17.34 -2.78 8.15
C PRO B 205 -18.20 -2.53 9.37
N VAL B 206 -19.03 -3.51 9.73
CA VAL B 206 -19.87 -3.43 10.91
C VAL B 206 -19.77 -4.73 11.69
N GLY B 207 -19.89 -4.64 13.01
CA GLY B 207 -19.92 -5.82 13.86
C GLY B 207 -18.72 -6.72 13.77
N SER B 208 -18.98 -8.03 13.63
CA SER B 208 -17.92 -9.02 13.61
C SER B 208 -17.10 -9.01 12.33
N GLU B 209 -17.47 -8.13 11.39
CA GLU B 209 -16.69 -7.96 10.17
C GLU B 209 -15.32 -7.36 10.51
N TRP B 210 -15.25 -6.64 11.63
CA TRP B 210 -13.98 -6.07 12.08
C TRP B 210 -12.99 -7.15 12.49
N LEU B 211 -13.50 -8.27 12.97
CA LEU B 211 -12.66 -9.42 13.30
C LEU B 211 -11.93 -9.90 12.05
N ALA B 212 -12.66 -10.02 10.95
CA ALA B 212 -12.07 -10.46 9.69
C ALA B 212 -11.01 -9.47 9.22
N VAL B 213 -11.33 -8.17 9.28
CA VAL B 213 -10.40 -7.14 8.86
C VAL B 213 -9.10 -7.20 9.67
N VAL B 214 -9.23 -7.29 10.99
CA VAL B 214 -8.07 -7.39 11.86
C VAL B 214 -7.28 -8.67 11.60
N ALA B 215 -7.99 -9.78 11.45
CA ALA B 215 -7.33 -11.06 11.17
C ALA B 215 -6.61 -11.05 9.84
N LEU B 216 -7.24 -10.48 8.81
CA LEU B 216 -6.63 -10.36 7.49
C LEU B 216 -5.32 -9.56 7.53
N GLY B 217 -5.32 -8.46 8.27
CA GLY B 217 -4.18 -7.58 8.28
C GLY B 217 -2.98 -8.07 9.07
N ILE B 218 -3.19 -9.04 9.96
CA ILE B 218 -2.19 -9.37 10.97
C ILE B 218 -0.97 -10.24 10.57
N GLY B 219 -1.10 -11.35 9.83
CA GLY B 219 -2.28 -11.82 9.13
C GLY B 219 -1.80 -12.24 7.75
N PRO B 220 -2.73 -12.64 6.86
CA PRO B 220 -2.33 -12.82 5.45
C PRO B 220 -1.73 -11.56 4.81
N VAL B 221 -1.64 -10.47 5.57
CA VAL B 221 -0.94 -9.26 5.14
C VAL B 221 0.28 -8.98 6.02
N GLY B 222 0.06 -8.86 7.32
CA GLY B 222 1.11 -8.46 8.24
C GLY B 222 2.10 -9.54 8.62
N ILE B 223 1.95 -10.73 8.07
CA ILE B 223 2.93 -11.79 8.29
C ILE B 223 3.33 -12.39 6.95
N ALA B 224 2.34 -12.64 6.10
CA ALA B 224 2.57 -13.34 4.84
C ALA B 224 3.54 -12.59 3.92
N PHE B 225 3.36 -11.29 3.79
CA PHE B 225 4.20 -10.50 2.90
C PHE B 225 5.64 -10.42 3.40
N TYR B 226 5.81 -10.53 4.71
CA TYR B 226 7.16 -10.52 5.27
C TYR B 226 7.81 -11.89 5.12
N THR B 227 7.03 -12.95 5.34
CA THR B 227 7.57 -14.30 5.20
C THR B 227 7.79 -14.65 3.73
N TRP B 228 6.93 -14.12 2.86
CA TRP B 228 7.09 -14.32 1.42
C TRP B 228 8.37 -13.63 0.93
N ASP B 229 8.61 -12.42 1.44
CA ASP B 229 9.82 -11.67 1.08
C ASP B 229 11.09 -12.42 1.45
N ILE B 230 11.10 -13.01 2.64
CA ILE B 230 12.21 -13.84 3.08
C ILE B 230 12.37 -15.04 2.15
N GLY B 231 11.25 -15.66 1.78
CA GLY B 231 11.27 -16.81 0.90
C GLY B 231 11.83 -16.48 -0.46
N MET B 232 11.41 -15.34 -1.00
CA MET B 232 11.86 -14.89 -2.31
C MET B 232 13.32 -14.49 -2.34
N LYS B 233 13.81 -13.92 -1.25
CA LYS B 233 15.16 -13.39 -1.22
C LYS B 233 16.22 -14.41 -0.80
N ARG B 234 15.83 -15.40 0.00
CA ARG B 234 16.81 -16.31 0.58
C ARG B 234 16.44 -17.78 0.42
N GLY B 235 15.30 -18.06 -0.21
CA GLY B 235 14.84 -19.43 -0.35
C GLY B 235 14.75 -19.88 -1.80
N ASP B 236 14.09 -21.01 -2.02
CA ASP B 236 13.91 -21.53 -3.37
C ASP B 236 12.70 -20.88 -4.03
N VAL B 237 12.96 -19.96 -4.95
CA VAL B 237 11.89 -19.23 -5.64
C VAL B 237 11.02 -20.15 -6.47
N ARG B 238 11.65 -21.05 -7.22
CA ARG B 238 10.93 -21.97 -8.10
C ARG B 238 10.07 -22.95 -7.34
N LEU B 239 10.60 -23.46 -6.24
CA LEU B 239 9.85 -24.39 -5.40
C LEU B 239 8.66 -23.69 -4.78
N LEU B 240 8.87 -22.49 -4.26
CA LEU B 240 7.79 -21.71 -3.68
C LEU B 240 6.72 -21.38 -4.71
N GLY B 241 7.14 -21.25 -5.96
CA GLY B 241 6.20 -21.06 -7.06
C GLY B 241 5.30 -22.28 -7.22
N VAL B 242 5.92 -23.45 -7.27
CA VAL B 242 5.18 -24.70 -7.40
C VAL B 242 4.28 -24.95 -6.19
N LEU B 243 4.78 -24.68 -5.00
CA LEU B 243 4.01 -24.91 -3.77
C LEU B 243 2.87 -23.90 -3.61
N SER B 244 2.89 -22.82 -4.37
CA SER B 244 1.84 -21.80 -4.25
C SER B 244 0.50 -22.33 -4.74
N TYR B 245 0.53 -23.40 -5.52
CA TYR B 245 -0.70 -24.03 -6.01
C TYR B 245 -1.34 -24.88 -4.91
N ALA B 246 -0.72 -24.93 -3.75
CA ALA B 246 -1.31 -25.60 -2.60
C ALA B 246 -2.41 -24.73 -2.01
N ALA B 247 -2.28 -23.41 -2.16
CA ALA B 247 -3.24 -22.46 -1.59
C ALA B 247 -4.68 -22.63 -2.11
N PRO B 248 -4.86 -22.82 -3.44
CA PRO B 248 -6.26 -23.05 -3.89
C PRO B 248 -6.88 -24.31 -3.30
N VAL B 249 -6.10 -25.38 -3.22
CA VAL B 249 -6.60 -26.64 -2.67
C VAL B 249 -6.91 -26.49 -1.18
N LEU B 250 -6.00 -25.89 -0.44
CA LEU B 250 -6.20 -25.68 1.00
C LEU B 250 -7.35 -24.72 1.27
N SER B 251 -7.54 -23.75 0.38
CA SER B 251 -8.64 -22.80 0.52
C SER B 251 -9.99 -23.51 0.42
N THR B 252 -10.13 -24.38 -0.57
CA THR B 252 -11.37 -25.13 -0.78
C THR B 252 -11.67 -26.03 0.43
N LEU B 253 -10.63 -26.67 0.96
CA LEU B 253 -10.77 -27.51 2.15
C LEU B 253 -11.39 -26.73 3.31
N LEU B 254 -10.87 -25.54 3.56
CA LEU B 254 -11.37 -24.69 4.64
C LEU B 254 -12.82 -24.28 4.38
N LEU B 255 -13.14 -24.02 3.11
CA LEU B 255 -14.50 -23.64 2.72
C LEU B 255 -15.46 -24.83 2.88
N VAL B 256 -14.96 -26.03 2.59
CA VAL B 256 -15.77 -27.24 2.74
C VAL B 256 -16.10 -27.47 4.21
N VAL B 257 -15.10 -27.37 5.07
CA VAL B 257 -15.29 -27.53 6.51
C VAL B 257 -16.28 -26.50 7.05
N ALA B 258 -16.18 -25.28 6.55
CA ALA B 258 -17.03 -24.18 6.98
C ALA B 258 -18.47 -24.33 6.48
N GLY B 259 -18.69 -25.34 5.64
CA GLY B 259 -20.03 -25.64 5.14
C GLY B 259 -20.36 -24.97 3.81
N PHE B 260 -19.43 -24.15 3.31
CA PHE B 260 -19.65 -23.45 2.05
C PHE B 260 -19.65 -24.40 0.86
N ALA B 261 -18.99 -25.55 1.02
CA ALA B 261 -18.93 -26.55 -0.04
C ALA B 261 -18.93 -27.95 0.54
N ALA B 262 -18.86 -28.94 -0.36
CA ALA B 262 -18.84 -30.35 0.04
C ALA B 262 -17.67 -31.06 -0.63
N PRO B 263 -17.18 -32.15 -0.01
CA PRO B 263 -16.11 -32.96 -0.62
C PRO B 263 -16.49 -33.47 -2.00
N SER B 264 -15.61 -33.26 -2.98
CA SER B 264 -15.90 -33.63 -4.36
C SER B 264 -14.73 -34.36 -5.00
N GLY B 265 -14.97 -34.94 -6.17
CA GLY B 265 -13.94 -35.66 -6.90
C GLY B 265 -12.81 -34.75 -7.35
N ALA B 266 -13.17 -33.51 -7.71
CA ALA B 266 -12.19 -32.54 -8.18
C ALA B 266 -11.20 -32.16 -7.08
N LEU B 267 -11.67 -32.14 -5.84
CA LEU B 267 -10.81 -31.85 -4.69
C LEU B 267 -9.71 -32.90 -4.57
N ALA B 268 -10.11 -34.16 -4.62
CA ALA B 268 -9.16 -35.27 -4.53
C ALA B 268 -8.18 -35.25 -5.71
N ILE B 269 -8.70 -34.97 -6.89
CA ILE B 269 -7.87 -34.86 -8.08
C ILE B 269 -6.86 -33.70 -7.94
N ALA B 270 -7.36 -32.56 -7.51
CA ALA B 270 -6.49 -31.39 -7.28
C ALA B 270 -5.48 -31.67 -6.18
N CYS B 271 -5.91 -32.39 -5.14
CA CYS B 271 -5.00 -32.80 -4.08
C CYS B 271 -3.87 -33.66 -4.63
N ALA B 272 -4.23 -34.60 -5.50
CA ALA B 272 -3.25 -35.53 -6.06
C ALA B 272 -2.27 -34.81 -6.98
N LEU B 273 -2.78 -33.92 -7.82
CA LEU B 273 -1.97 -33.19 -8.79
C LEU B 273 -0.98 -32.25 -8.13
N ILE B 274 -1.41 -31.58 -7.07
CA ILE B 274 -0.56 -30.63 -6.37
C ILE B 274 0.53 -31.37 -5.58
N VAL B 275 0.16 -32.46 -4.93
CA VAL B 275 1.14 -33.30 -4.24
C VAL B 275 2.15 -33.87 -5.23
N GLY B 276 1.65 -34.36 -6.36
CA GLY B 276 2.50 -34.93 -7.39
C GLY B 276 3.37 -33.87 -8.04
N GLY B 277 2.79 -32.71 -8.30
CA GLY B 277 3.51 -31.60 -8.91
C GLY B 277 4.68 -31.18 -8.06
N ALA B 278 4.47 -31.15 -6.74
CA ALA B 278 5.54 -30.82 -5.81
C ALA B 278 6.64 -31.89 -5.86
N ALA B 279 6.22 -33.15 -5.80
CA ALA B 279 7.16 -34.27 -5.82
C ALA B 279 8.02 -34.27 -7.06
N VAL B 280 7.42 -33.97 -8.21
CA VAL B 280 8.13 -33.87 -9.47
C VAL B 280 9.15 -32.73 -9.43
N ALA B 281 8.75 -31.62 -8.79
CA ALA B 281 9.59 -30.43 -8.76
C ALA B 281 10.80 -30.54 -7.84
N THR B 282 10.76 -31.43 -6.86
CA THR B 282 11.89 -31.56 -5.94
C THR B 282 12.48 -32.97 -5.87
N LEU B 283 11.64 -33.98 -5.70
CA LEU B 283 12.14 -35.35 -5.53
C LEU B 283 12.64 -35.94 -6.84
N LEU B 284 11.78 -35.95 -7.85
CA LEU B 284 12.13 -36.52 -9.14
C LEU B 284 12.86 -35.49 -10.02
N ALA B 285 13.13 -34.32 -9.46
CA ALA B 285 13.81 -33.25 -10.18
C ALA B 285 15.27 -33.61 -10.46
N ARG B 286 15.94 -34.16 -9.45
CA ARG B 286 17.32 -34.58 -9.59
C ARG B 286 17.44 -35.75 -10.57
N ARG B 287 16.72 -36.83 -10.26
CA ARG B 287 16.72 -38.00 -11.12
C ARG B 287 15.75 -37.86 -12.28
N SER C 2 -21.72 14.12 57.17
CA SER C 2 -20.98 13.61 58.33
C SER C 2 -20.03 12.50 57.93
N ARG C 3 -20.46 11.65 57.00
CA ARG C 3 -19.63 10.58 56.49
C ARG C 3 -18.42 11.16 55.75
N SER C 4 -18.68 12.09 54.84
CA SER C 4 -17.64 12.79 54.12
C SER C 4 -16.75 13.56 55.09
N SER C 5 -17.36 14.08 56.14
CA SER C 5 -16.63 14.83 57.16
C SER C 5 -15.78 13.88 58.00
N ALA C 6 -16.21 12.63 58.09
CA ALA C 6 -15.52 11.64 58.91
C ALA C 6 -14.26 11.11 58.25
N THR C 7 -14.31 10.87 56.94
CA THR C 7 -13.14 10.40 56.21
C THR C 7 -12.10 11.51 56.16
N LEU C 8 -12.57 12.75 56.09
CA LEU C 8 -11.67 13.90 56.11
C LEU C 8 -10.92 13.92 57.44
N ILE C 9 -11.66 13.67 58.52
CA ILE C 9 -11.05 13.51 59.83
C ILE C 9 -10.09 12.32 59.80
N GLY C 10 -10.54 11.20 59.25
CA GLY C 10 -9.72 10.01 59.16
C GLY C 10 -8.44 10.20 58.36
N PHE C 11 -8.47 11.09 57.38
CA PHE C 11 -7.30 11.33 56.54
C PHE C 11 -6.18 12.03 57.30
N THR C 12 -6.53 12.78 58.35
CA THR C 12 -5.52 13.47 59.15
C THR C 12 -4.58 12.49 59.84
N ALA C 13 -5.07 11.29 60.13
CA ALA C 13 -4.24 10.23 60.69
C ALA C 13 -3.18 9.79 59.70
N ILE C 14 -3.57 9.73 58.43
CA ILE C 14 -2.65 9.38 57.35
C ILE C 14 -1.59 10.48 57.18
N LEU C 15 -2.03 11.73 57.34
CA LEU C 15 -1.11 12.86 57.26
C LEU C 15 -0.11 12.85 58.42
N LEU C 16 -0.60 12.61 59.64
CA LEU C 16 0.26 12.56 60.81
C LEU C 16 1.25 11.38 60.72
N TRP C 17 0.80 10.26 60.17
CA TRP C 17 1.67 9.08 60.06
C TRP C 17 2.74 9.27 58.98
N SER C 18 2.53 10.23 58.09
CA SER C 18 3.53 10.57 57.09
C SER C 18 4.73 11.28 57.72
N THR C 19 4.52 11.80 58.93
CA THR C 19 5.57 12.54 59.65
C THR C 19 6.56 11.59 60.31
N LEU C 20 6.14 10.33 60.46
CA LEU C 20 6.94 9.33 61.19
C LEU C 20 8.40 9.26 60.76
N ALA C 21 8.65 9.06 59.46
CA ALA C 21 10.01 8.91 58.96
C ALA C 21 10.90 10.11 59.25
N LEU C 22 10.33 11.31 59.20
CA LEU C 22 11.09 12.51 59.52
C LEU C 22 11.40 12.54 61.01
N ALA C 23 10.40 12.24 61.83
CA ALA C 23 10.55 12.27 63.27
C ALA C 23 11.28 11.03 63.81
N THR C 24 11.38 9.99 62.99
CA THR C 24 12.06 8.78 63.42
C THR C 24 13.58 8.93 63.29
N SER C 25 14.01 10.04 62.71
CA SER C 25 15.43 10.30 62.51
C SER C 25 16.13 10.56 63.85
N SER C 26 15.34 10.84 64.88
CA SER C 26 15.86 11.09 66.22
C SER C 26 15.57 9.92 67.17
N THR C 27 14.85 8.92 66.69
CA THR C 27 14.50 7.77 67.52
C THR C 27 15.71 6.87 67.80
N GLY C 28 16.82 7.16 67.14
CA GLY C 28 18.06 6.47 67.41
C GLY C 28 18.72 7.07 68.65
N ALA C 29 19.14 6.22 69.58
CA ALA C 29 19.01 4.77 69.43
C ALA C 29 18.25 4.15 70.59
N VAL C 30 17.10 4.72 70.95
CA VAL C 30 16.27 4.16 72.01
C VAL C 30 15.44 3.01 71.47
N PRO C 31 15.49 1.86 72.14
CA PRO C 31 14.79 0.63 71.73
C PRO C 31 13.28 0.84 71.55
N PRO C 32 12.67 0.09 70.61
CA PRO C 32 11.29 0.28 70.15
C PRO C 32 10.20 0.13 71.22
N PHE C 33 10.33 -0.85 72.12
CA PHE C 33 9.30 -1.04 73.13
C PHE C 33 9.28 0.12 74.13
N LEU C 34 10.46 0.60 74.50
CA LEU C 34 10.56 1.75 75.39
C LEU C 34 9.97 2.99 74.71
N LEU C 35 10.32 3.20 73.45
CA LEU C 35 9.79 4.33 72.69
C LEU C 35 8.27 4.24 72.60
N THR C 36 7.76 3.05 72.34
CA THR C 36 6.33 2.81 72.26
C THR C 36 5.67 3.09 73.61
N ALA C 37 6.29 2.61 74.68
CA ALA C 37 5.77 2.85 76.03
C ALA C 37 5.73 4.34 76.36
N LEU C 38 6.75 5.07 75.93
CA LEU C 38 6.81 6.51 76.20
C LEU C 38 5.79 7.27 75.34
N THR C 39 5.73 6.95 74.05
CA THR C 39 4.85 7.67 73.14
C THR C 39 3.37 7.36 73.37
N PHE C 40 3.05 6.12 73.72
CA PHE C 40 1.66 5.72 73.93
C PHE C 40 1.12 6.17 75.27
N THR C 41 2.01 6.35 76.24
CA THR C 41 1.62 6.92 77.53
C THR C 41 1.17 8.36 77.30
N ILE C 42 1.98 9.11 76.54
CA ILE C 42 1.64 10.48 76.17
C ILE C 42 0.37 10.49 75.32
N GLY C 43 0.28 9.56 74.38
CA GLY C 43 -0.88 9.43 73.52
C GLY C 43 -2.17 9.17 74.28
N GLY C 44 -2.08 8.34 75.31
CA GLY C 44 -3.23 8.03 76.14
C GLY C 44 -3.67 9.23 76.96
N ALA C 45 -2.72 10.04 77.39
CA ALA C 45 -3.02 11.22 78.21
C ALA C 45 -3.69 12.32 77.38
N VAL C 46 -3.37 12.36 76.09
CA VAL C 46 -3.99 13.32 75.17
C VAL C 46 -5.47 13.00 75.03
N GLY C 47 -5.79 11.71 74.94
CA GLY C 47 -7.18 11.27 74.85
C GLY C 47 -7.95 11.60 76.11
N ILE C 48 -7.27 11.55 77.25
CA ILE C 48 -7.88 11.91 78.52
C ILE C 48 -8.19 13.40 78.55
N ALA C 49 -7.23 14.22 78.13
CA ALA C 49 -7.42 15.66 78.06
C ALA C 49 -8.52 16.03 77.07
N ALA C 50 -8.61 15.25 75.99
CA ALA C 50 -9.66 15.45 75.00
C ALA C 50 -11.02 15.09 75.59
N GLY C 51 -11.03 14.07 76.44
CA GLY C 51 -12.25 13.62 77.08
C GLY C 51 -12.74 14.59 78.14
N LEU C 52 -11.83 15.09 78.97
CA LEU C 52 -12.19 16.03 80.02
C LEU C 52 -12.60 17.38 79.44
N ALA C 53 -12.00 17.76 78.31
CA ALA C 53 -12.38 18.98 77.61
C ALA C 53 -13.79 18.85 77.09
N ARG C 54 -14.13 17.66 76.61
CA ARG C 54 -15.48 17.37 76.12
C ARG C 54 -16.38 16.98 77.29
N GLY C 55 -15.76 16.76 78.45
CA GLY C 55 -16.50 16.39 79.65
C GLY C 55 -17.13 15.01 79.54
N VAL C 56 -16.47 14.12 78.80
CA VAL C 56 -16.98 12.77 78.57
C VAL C 56 -17.04 11.95 79.86
N GLY C 57 -16.05 12.17 80.73
CA GLY C 57 -15.99 11.44 81.98
C GLY C 57 -15.23 10.13 81.85
N LEU C 58 -14.87 9.54 82.98
CA LEU C 58 -14.11 8.29 82.99
C LEU C 58 -15.03 7.07 82.97
N SER C 59 -16.33 7.32 82.87
CA SER C 59 -17.32 6.25 82.83
C SER C 59 -17.26 5.49 81.50
N VAL C 60 -16.62 6.09 80.50
CA VAL C 60 -16.52 5.48 79.18
C VAL C 60 -15.53 4.31 79.17
N LEU C 61 -14.74 4.19 80.24
CA LEU C 61 -13.73 3.14 80.33
C LEU C 61 -14.35 1.78 80.65
N ARG C 62 -15.63 1.79 81.04
CA ARG C 62 -16.34 0.55 81.33
C ARG C 62 -16.81 -0.13 80.05
N GLN C 63 -16.03 -1.08 79.57
CA GLN C 63 -16.37 -1.83 78.36
C GLN C 63 -16.19 -3.34 78.57
N PRO C 64 -16.94 -4.15 77.81
CA PRO C 64 -16.81 -5.61 77.93
C PRO C 64 -15.47 -6.13 77.41
N TRP C 65 -15.21 -7.41 77.61
CA TRP C 65 -13.94 -8.02 77.21
C TRP C 65 -13.63 -7.95 75.70
N PRO C 66 -14.64 -8.12 74.82
CA PRO C 66 -14.24 -8.07 73.40
C PRO C 66 -13.68 -6.72 72.95
N VAL C 67 -14.05 -5.65 73.64
CA VAL C 67 -13.57 -4.31 73.29
C VAL C 67 -12.07 -4.19 73.56
N TRP C 68 -11.64 -4.70 74.70
CA TRP C 68 -10.24 -4.65 75.10
C TRP C 68 -9.38 -5.58 74.26
N VAL C 69 -9.92 -6.76 73.95
CA VAL C 69 -9.23 -7.72 73.09
C VAL C 69 -8.98 -7.11 71.71
N HIS C 70 -10.00 -6.40 71.21
CA HIS C 70 -9.91 -5.72 69.93
C HIS C 70 -8.85 -4.63 69.94
N GLY C 71 -8.92 -3.73 70.92
CA GLY C 71 -8.03 -2.60 70.99
C GLY C 71 -6.60 -2.92 71.42
N ILE C 72 -6.47 -3.62 72.54
CA ILE C 72 -5.15 -3.98 73.04
C ILE C 72 -4.48 -5.00 72.13
N GLY C 73 -5.24 -6.01 71.73
CA GLY C 73 -4.73 -7.03 70.82
C GLY C 73 -4.34 -6.45 69.48
N GLY C 74 -5.02 -5.38 69.09
CA GLY C 74 -4.74 -4.72 67.83
C GLY C 74 -3.56 -3.78 67.89
N LEU C 75 -3.60 -2.81 68.81
CA LEU C 75 -2.55 -1.81 68.92
C LEU C 75 -1.22 -2.43 69.35
N PHE C 76 -1.24 -3.29 70.36
CA PHE C 76 0.00 -3.90 70.81
C PHE C 76 0.44 -5.00 69.86
N GLY C 77 -0.54 -5.71 69.30
CA GLY C 77 -0.28 -6.80 68.38
C GLY C 77 0.59 -6.44 67.19
N TYR C 78 0.21 -5.39 66.46
CA TYR C 78 0.95 -5.06 65.24
C TYR C 78 2.31 -4.44 65.57
N HIS C 79 2.44 -3.85 66.76
CA HIS C 79 3.74 -3.37 67.22
C HIS C 79 4.69 -4.51 67.51
N PHE C 80 4.18 -5.52 68.24
CA PHE C 80 4.99 -6.65 68.63
C PHE C 80 5.60 -7.36 67.43
N PHE C 81 4.80 -7.59 66.40
CA PHE C 81 5.26 -8.33 65.24
C PHE C 81 6.08 -7.49 64.27
N TYR C 82 5.89 -6.17 64.31
CA TYR C 82 6.71 -5.30 63.48
C TYR C 82 8.12 -5.14 64.08
N PHE C 83 8.20 -5.09 65.40
CA PHE C 83 9.50 -5.05 66.07
C PHE C 83 10.22 -6.39 65.87
N SER C 84 9.43 -7.45 65.76
CA SER C 84 9.98 -8.76 65.47
C SER C 84 10.48 -8.80 64.03
N ALA C 85 9.76 -8.12 63.13
CA ALA C 85 10.15 -8.05 61.74
C ALA C 85 11.43 -7.24 61.55
N LEU C 86 11.58 -6.19 62.36
CA LEU C 86 12.73 -5.30 62.28
C LEU C 86 14.01 -6.00 62.75
N LYS C 87 13.87 -6.94 63.67
CA LYS C 87 15.01 -7.66 64.21
C LYS C 87 15.36 -8.88 63.36
N LEU C 88 14.40 -9.35 62.57
CA LEU C 88 14.58 -10.57 61.80
C LEU C 88 14.76 -10.31 60.30
N ALA C 89 14.63 -9.06 59.88
CA ALA C 89 14.73 -8.69 58.48
C ALA C 89 15.13 -7.22 58.33
N PRO C 90 15.80 -6.88 57.20
CA PRO C 90 16.13 -5.48 56.92
C PRO C 90 14.89 -4.58 56.92
N PRO C 91 15.02 -3.38 57.50
CA PRO C 91 13.90 -2.44 57.68
C PRO C 91 13.18 -2.08 56.39
N ALA C 92 13.94 -1.91 55.30
CA ALA C 92 13.36 -1.54 54.01
C ALA C 92 12.39 -2.58 53.50
N GLU C 93 12.76 -3.85 53.61
CA GLU C 93 11.91 -4.96 53.15
C GLU C 93 10.74 -5.18 54.09
N ALA C 94 11.00 -5.11 55.40
CA ALA C 94 9.98 -5.32 56.40
C ALA C 94 8.88 -4.27 56.32
N GLY C 95 9.26 -3.04 55.99
CA GLY C 95 8.31 -1.95 55.87
C GLY C 95 7.43 -2.08 54.64
N LEU C 96 7.99 -2.64 53.57
CA LEU C 96 7.24 -2.84 52.33
C LEU C 96 6.17 -3.91 52.51
N VAL C 97 6.55 -5.02 53.14
CA VAL C 97 5.60 -6.12 53.37
C VAL C 97 4.50 -5.67 54.30
N ALA C 98 4.87 -4.93 55.35
CA ALA C 98 3.89 -4.41 56.29
C ALA C 98 2.91 -3.47 55.60
N TYR C 99 3.35 -2.82 54.53
CA TYR C 99 2.50 -1.88 53.82
C TYR C 99 1.53 -2.56 52.86
N LEU C 100 1.25 -3.83 53.12
CA LEU C 100 0.12 -4.51 52.50
C LEU C 100 -1.18 -4.13 53.20
N TRP C 101 -1.06 -3.52 54.37
CA TRP C 101 -2.23 -3.26 55.21
C TRP C 101 -3.27 -2.30 54.60
N PRO C 102 -2.86 -1.35 53.73
CA PRO C 102 -3.95 -0.59 53.13
C PRO C 102 -4.79 -1.45 52.17
N LEU C 103 -4.12 -2.30 51.40
CA LEU C 103 -4.81 -3.21 50.50
C LEU C 103 -5.69 -4.19 51.27
N LEU C 104 -5.17 -4.72 52.36
CA LEU C 104 -5.91 -5.66 53.19
C LEU C 104 -7.16 -5.02 53.77
N ILE C 105 -7.03 -3.75 54.18
CA ILE C 105 -8.17 -2.99 54.67
C ILE C 105 -9.28 -2.92 53.62
N VAL C 106 -8.91 -2.61 52.37
CA VAL C 106 -9.87 -2.56 51.29
C VAL C 106 -10.50 -3.93 51.07
N LEU C 107 -9.67 -4.96 51.05
CA LEU C 107 -10.14 -6.33 50.84
C LEU C 107 -11.02 -6.81 52.00
N PHE C 108 -10.61 -6.52 53.23
CA PHE C 108 -11.37 -6.96 54.40
C PHE C 108 -12.65 -6.14 54.58
N SER C 109 -12.78 -5.04 53.85
CA SER C 109 -13.95 -4.17 53.97
C SER C 109 -15.22 -4.80 53.40
N ALA C 110 -15.06 -5.90 52.67
CA ALA C 110 -16.21 -6.60 52.09
C ALA C 110 -17.14 -7.15 53.16
N PHE C 111 -16.59 -7.46 54.33
CA PHE C 111 -17.36 -8.00 55.45
C PHE C 111 -18.16 -6.92 56.17
N LEU C 112 -17.79 -5.67 55.95
CA LEU C 112 -18.47 -4.54 56.58
C LEU C 112 -19.84 -4.31 55.96
N PRO C 113 -20.87 -4.14 56.81
CA PRO C 113 -22.21 -3.81 56.35
C PRO C 113 -22.25 -2.43 55.70
N GLY C 114 -23.05 -2.27 54.65
CA GLY C 114 -23.11 -1.01 53.94
C GLY C 114 -23.00 -1.19 52.44
N GLU C 115 -22.39 -0.22 51.75
CA GLU C 115 -22.25 -0.27 50.30
C GLU C 115 -21.39 -1.46 49.86
N ARG C 116 -21.53 -1.84 48.59
CA ARG C 116 -20.85 -3.01 48.06
C ARG C 116 -19.41 -2.70 47.62
N LEU C 117 -18.48 -3.60 47.92
CA LEU C 117 -17.11 -3.46 47.46
C LEU C 117 -17.06 -3.54 45.93
N ARG C 118 -16.53 -2.48 45.31
CA ARG C 118 -16.47 -2.39 43.86
C ARG C 118 -15.07 -2.70 43.34
N PRO C 119 -14.97 -3.15 42.07
CA PRO C 119 -13.67 -3.37 41.42
C PRO C 119 -12.77 -2.14 41.43
N ALA C 120 -13.37 -0.95 41.38
CA ALA C 120 -12.61 0.29 41.36
C ALA C 120 -11.81 0.49 42.65
N HIS C 121 -12.39 0.05 43.77
CA HIS C 121 -11.71 0.17 45.06
C HIS C 121 -10.45 -0.68 45.10
N VAL C 122 -10.57 -1.93 44.65
CA VAL C 122 -9.44 -2.86 44.64
C VAL C 122 -8.35 -2.39 43.68
N ALA C 123 -8.75 -1.99 42.47
CA ALA C 123 -7.82 -1.49 41.46
C ALA C 123 -7.05 -0.27 41.95
N GLY C 124 -7.76 0.65 42.59
CA GLY C 124 -7.14 1.85 43.14
C GLY C 124 -6.13 1.52 44.23
N ALA C 125 -6.45 0.52 45.03
CA ALA C 125 -5.57 0.09 46.11
C ALA C 125 -4.31 -0.58 45.55
N LEU C 126 -4.48 -1.33 44.46
CA LEU C 126 -3.35 -2.01 43.83
C LEU C 126 -2.39 -1.00 43.22
N MET C 127 -2.93 0.09 42.68
CA MET C 127 -2.12 1.17 42.13
C MET C 127 -1.28 1.84 43.21
N GLY C 128 -1.89 2.08 44.37
CA GLY C 128 -1.21 2.68 45.49
C GLY C 128 -0.10 1.78 46.00
N LEU C 129 -0.40 0.48 46.07
CA LEU C 129 0.60 -0.51 46.44
C LEU C 129 1.74 -0.54 45.42
N ALA C 130 1.40 -0.46 44.14
CA ALA C 130 2.39 -0.45 43.07
C ALA C 130 3.35 0.74 43.21
N GLY C 131 2.80 1.92 43.51
CA GLY C 131 3.60 3.11 43.69
C GLY C 131 4.48 3.00 44.92
N THR C 132 3.97 2.31 45.93
CA THR C 132 4.70 2.08 47.16
C THR C 132 5.89 1.14 46.91
N VAL C 133 5.67 0.13 46.07
CA VAL C 133 6.73 -0.80 45.70
C VAL C 133 7.89 -0.08 45.00
N VAL C 134 7.57 0.78 44.03
CA VAL C 134 8.59 1.53 43.31
C VAL C 134 9.42 2.41 44.24
N LEU C 135 8.72 3.18 45.07
CA LEU C 135 9.35 4.15 45.95
C LEU C 135 10.22 3.48 47.02
N LEU C 136 9.60 2.63 47.84
CA LEU C 136 10.32 1.99 48.94
C LEU C 136 11.27 0.91 48.42
N GLY C 137 11.01 0.40 47.23
CA GLY C 137 11.87 -0.61 46.62
C GLY C 137 13.20 -0.03 46.18
N ALA C 138 13.18 1.24 45.78
CA ALA C 138 14.40 1.93 45.38
C ALA C 138 15.27 2.25 46.60
N ARG C 139 14.62 2.53 47.72
CA ARG C 139 15.33 2.84 48.95
C ARG C 139 15.99 1.59 49.53
N PHE C 145 15.72 -9.52 49.11
CA PHE C 145 14.91 -10.65 49.58
C PHE C 145 15.70 -11.96 49.57
N ALA C 146 15.86 -12.54 50.76
CA ALA C 146 16.60 -13.79 50.92
C ALA C 146 15.85 -14.74 51.84
N PRO C 147 16.04 -16.06 51.66
CA PRO C 147 15.42 -17.07 52.52
C PRO C 147 15.77 -16.92 54.00
N GLU C 148 16.85 -16.20 54.30
CA GLU C 148 17.28 -15.97 55.67
C GLU C 148 16.33 -15.04 56.42
N TYR C 149 15.65 -14.17 55.69
CA TYR C 149 14.80 -13.16 56.30
C TYR C 149 13.32 -13.52 56.24
N VAL C 150 13.02 -14.76 55.88
CA VAL C 150 11.64 -15.22 55.80
C VAL C 150 10.85 -15.05 57.11
N PRO C 151 11.45 -15.41 58.27
CA PRO C 151 10.70 -15.15 59.50
C PRO C 151 10.37 -13.67 59.69
N GLY C 152 11.27 -12.79 59.25
CA GLY C 152 11.04 -11.36 59.33
C GLY C 152 9.85 -10.94 58.47
N TYR C 153 9.80 -11.45 57.25
CA TYR C 153 8.73 -11.12 56.31
C TYR C 153 7.38 -11.57 56.84
N LEU C 154 7.36 -12.76 57.45
CA LEU C 154 6.15 -13.30 58.05
C LEU C 154 5.66 -12.41 59.20
N ALA C 155 6.60 -11.96 60.02
CA ALA C 155 6.29 -11.07 61.13
C ALA C 155 5.75 -9.74 60.63
N ALA C 156 6.30 -9.27 59.51
CA ALA C 156 5.81 -8.04 58.89
C ALA C 156 4.42 -8.24 58.30
N ALA C 157 4.20 -9.38 57.67
CA ALA C 157 2.88 -9.71 57.13
C ALA C 157 1.87 -9.85 58.27
N ALA C 158 2.29 -10.50 59.35
CA ALA C 158 1.45 -10.65 60.53
C ALA C 158 1.06 -9.28 61.10
N CYS C 159 2.01 -8.34 61.08
CA CYS C 159 1.76 -6.96 61.49
C CYS C 159 0.68 -6.31 60.62
N ALA C 160 0.82 -6.45 59.31
CA ALA C 160 -0.12 -5.86 58.37
C ALA C 160 -1.53 -6.38 58.59
N VAL C 161 -1.63 -7.69 58.84
CA VAL C 161 -2.93 -8.32 59.07
C VAL C 161 -3.60 -7.81 60.35
N ILE C 162 -2.85 -7.77 61.45
CA ILE C 162 -3.40 -7.34 62.73
C ILE C 162 -3.92 -5.90 62.66
N TRP C 163 -3.12 -5.02 62.07
CA TRP C 163 -3.54 -3.63 61.90
C TRP C 163 -4.74 -3.52 60.95
N SER C 164 -4.69 -4.27 59.84
CA SER C 164 -5.81 -4.28 58.88
C SER C 164 -7.09 -4.75 59.56
N VAL C 165 -6.98 -5.81 60.36
CA VAL C 165 -8.13 -6.37 61.03
C VAL C 165 -8.65 -5.38 62.06
N TYR C 166 -7.74 -4.87 62.90
CA TYR C 166 -8.09 -3.87 63.89
C TYR C 166 -8.85 -2.67 63.31
N SER C 167 -8.42 -2.21 62.14
CA SER C 167 -9.00 -1.02 61.53
C SER C 167 -10.43 -1.26 61.05
N VAL C 168 -10.63 -2.34 60.30
CA VAL C 168 -11.95 -2.69 59.79
C VAL C 168 -12.90 -3.11 60.91
N ALA C 169 -12.38 -3.80 61.91
CA ALA C 169 -13.20 -4.29 63.02
C ALA C 169 -13.68 -3.15 63.91
N SER C 170 -13.00 -2.01 63.82
CA SER C 170 -13.38 -0.83 64.60
C SER C 170 -14.79 -0.37 64.25
N ARG C 171 -15.17 -0.55 62.99
CA ARG C 171 -16.50 -0.21 62.52
C ARG C 171 -17.57 -0.98 63.29
N ARG C 172 -17.29 -2.24 63.60
CA ARG C 172 -18.22 -3.06 64.37
C ARG C 172 -18.39 -2.52 65.78
N PHE C 173 -17.36 -1.87 66.31
CA PHE C 173 -17.44 -1.27 67.64
C PHE C 173 -17.77 0.21 67.57
N ALA C 174 -18.60 0.59 66.60
CA ALA C 174 -18.98 1.99 66.40
C ALA C 174 -19.72 2.55 67.61
N ARG C 175 -20.34 1.66 68.38
CA ARG C 175 -21.03 2.06 69.62
C ARG C 175 -20.02 2.52 70.66
N VAL C 176 -18.82 1.95 70.62
CA VAL C 176 -17.77 2.29 71.56
C VAL C 176 -17.16 3.65 71.26
N PRO C 177 -17.21 4.58 72.24
CA PRO C 177 -16.68 5.93 72.11
C PRO C 177 -15.19 5.96 71.76
N THR C 178 -14.75 6.99 71.05
CA THR C 178 -13.38 7.07 70.57
C THR C 178 -12.38 7.37 71.69
N GLU C 179 -12.90 7.80 72.84
CA GLU C 179 -12.05 8.07 74.02
C GLU C 179 -11.49 6.79 74.61
N VAL C 180 -12.11 5.66 74.30
CA VAL C 180 -11.67 4.36 74.80
C VAL C 180 -10.32 3.96 74.18
N VAL C 181 -10.00 4.58 73.04
CA VAL C 181 -8.71 4.38 72.40
C VAL C 181 -7.58 4.76 73.36
N ALA C 182 -7.82 5.73 74.22
CA ALA C 182 -6.84 6.13 75.22
C ALA C 182 -6.50 4.98 76.16
N GLY C 183 -7.50 4.17 76.47
CA GLY C 183 -7.29 2.98 77.29
C GLY C 183 -6.41 1.96 76.58
N PHE C 184 -6.64 1.80 75.28
CA PHE C 184 -5.84 0.89 74.47
C PHE C 184 -4.38 1.31 74.46
N CYS C 185 -4.15 2.62 74.32
CA CYS C 185 -2.80 3.17 74.29
C CYS C 185 -2.07 2.90 75.60
N LEU C 186 -2.72 3.19 76.72
CA LEU C 186 -2.11 3.00 78.03
C LEU C 186 -1.83 1.52 78.30
N ALA C 187 -2.74 0.65 77.89
CA ALA C 187 -2.56 -0.79 78.06
C ALA C 187 -1.43 -1.28 77.16
N THR C 188 -1.34 -0.69 75.97
CA THR C 188 -0.28 -1.01 75.03
C THR C 188 1.07 -0.52 75.57
N ALA C 189 1.07 0.68 76.15
CA ALA C 189 2.27 1.24 76.76
C ALA C 189 2.72 0.40 77.96
N ALA C 190 1.75 -0.08 78.75
CA ALA C 190 2.04 -0.93 79.90
C ALA C 190 2.65 -2.25 79.47
N LEU C 191 2.11 -2.83 78.39
CA LEU C 191 2.65 -4.07 77.86
C LEU C 191 4.02 -3.84 77.25
N SER C 192 4.18 -2.70 76.57
CA SER C 192 5.46 -2.35 75.97
C SER C 192 6.52 -2.06 77.05
N ALA C 193 6.12 -1.37 78.11
CA ALA C 193 7.04 -1.08 79.20
C ALA C 193 7.53 -2.38 79.85
N LEU C 194 6.64 -3.36 79.89
CA LEU C 194 6.99 -4.68 80.41
C LEU C 194 7.96 -5.38 79.48
N CYS C 195 7.67 -5.35 78.17
CA CYS C 195 8.53 -5.99 77.18
C CYS C 195 9.91 -5.33 77.13
N HIS C 196 9.96 -4.04 77.42
CA HIS C 196 11.23 -3.31 77.45
C HIS C 196 12.14 -3.86 78.55
N ILE C 197 11.57 -4.08 79.72
CA ILE C 197 12.30 -4.62 80.85
C ILE C 197 12.80 -6.04 80.57
N LEU C 198 11.98 -6.82 79.88
CA LEU C 198 12.28 -8.23 79.65
C LEU C 198 13.36 -8.46 78.59
N PHE C 199 13.31 -7.70 77.50
CA PHE C 199 14.15 -8.03 76.34
C PHE C 199 14.87 -6.82 75.72
N GLU C 200 14.91 -5.69 76.40
CA GLU C 200 15.53 -4.50 75.84
C GLU C 200 16.53 -3.83 76.78
N PRO C 201 17.56 -3.18 76.20
CA PRO C 201 18.57 -2.46 76.97
C PRO C 201 18.08 -1.11 77.48
N SER C 202 18.68 -0.63 78.56
CA SER C 202 18.31 0.66 79.14
C SER C 202 18.97 1.82 78.40
N VAL C 203 18.52 2.06 77.16
CA VAL C 203 18.98 3.21 76.39
C VAL C 203 17.85 4.23 76.28
N TRP C 204 17.86 5.23 77.16
CA TRP C 204 16.83 6.25 77.17
C TRP C 204 17.15 7.38 76.21
N PRO C 205 16.11 8.07 75.73
CA PRO C 205 16.35 9.25 74.87
C PRO C 205 17.05 10.37 75.64
N VAL C 206 17.93 11.10 74.97
CA VAL C 206 18.65 12.19 75.63
C VAL C 206 18.55 13.47 74.81
N GLY C 207 18.63 14.60 75.49
CA GLY C 207 18.59 15.91 74.84
C GLY C 207 17.39 16.16 73.95
N SER C 208 17.65 16.54 72.71
CA SER C 208 16.61 16.90 71.76
C SER C 208 15.76 15.71 71.32
N GLU C 209 16.19 14.50 71.67
CA GLU C 209 15.44 13.29 71.32
C GLU C 209 14.11 13.23 72.05
N TRP C 210 14.05 13.84 73.23
CA TRP C 210 12.81 13.92 74.00
C TRP C 210 11.76 14.77 73.28
N LEU C 211 12.23 15.76 72.53
CA LEU C 211 11.35 16.62 71.75
C LEU C 211 10.62 15.81 70.68
N ALA C 212 11.34 14.87 70.08
CA ALA C 212 10.74 14.00 69.07
C ALA C 212 9.78 13.01 69.72
N VAL C 213 10.15 12.52 70.90
CA VAL C 213 9.31 11.59 71.66
C VAL C 213 7.97 12.23 72.00
N VAL C 214 8.01 13.47 72.44
CA VAL C 214 6.78 14.22 72.76
C VAL C 214 5.94 14.42 71.50
N ALA C 215 6.58 14.82 70.40
CA ALA C 215 5.89 15.08 69.14
C ALA C 215 5.24 13.83 68.59
N LEU C 216 5.86 12.68 68.81
CA LEU C 216 5.32 11.41 68.34
C LEU C 216 4.03 11.05 69.06
N GLY C 217 3.98 11.30 70.37
CA GLY C 217 2.83 10.92 71.16
C GLY C 217 1.72 11.95 71.25
N ILE C 218 1.78 12.99 70.42
CA ILE C 218 0.84 14.10 70.55
C ILE C 218 -0.42 14.11 69.64
N GLY C 219 -0.33 13.86 68.33
CA GLY C 219 0.84 13.44 67.59
C GLY C 219 0.42 12.30 66.66
N PRO C 220 1.39 11.61 66.06
CA PRO C 220 1.09 10.36 65.35
C PRO C 220 0.50 9.27 66.24
N VAL C 221 0.52 9.50 67.55
CA VAL C 221 -0.09 8.57 68.51
C VAL C 221 -1.24 9.25 69.24
N GLY C 222 -1.01 10.47 69.69
CA GLY C 222 -1.98 11.18 70.52
C GLY C 222 -3.19 11.73 69.80
N ILE C 223 -3.10 11.87 68.48
CA ILE C 223 -4.23 12.35 67.71
C ILE C 223 -4.62 11.33 66.64
N ALA C 224 -3.62 10.79 65.96
CA ALA C 224 -3.83 9.91 64.82
C ALA C 224 -4.74 8.72 65.11
N PHE C 225 -4.56 8.08 66.26
CA PHE C 225 -5.35 6.90 66.58
C PHE C 225 -6.81 7.23 66.89
N TYR C 226 -7.07 8.47 67.29
CA TYR C 226 -8.44 8.89 67.57
C TYR C 226 -9.13 9.32 66.28
N THR C 227 -8.42 10.09 65.45
CA THR C 227 -8.98 10.54 64.18
C THR C 227 -9.14 9.38 63.20
N TRP C 228 -8.30 8.35 63.35
CA TRP C 228 -8.44 7.13 62.55
C TRP C 228 -9.65 6.34 63.03
N ASP C 229 -9.87 6.36 64.33
CA ASP C 229 -11.01 5.66 64.93
C ASP C 229 -12.32 6.29 64.45
N ILE C 230 -12.31 7.61 64.28
CA ILE C 230 -13.47 8.33 63.76
C ILE C 230 -13.75 7.94 62.31
N GLY C 231 -12.69 7.91 61.50
CA GLY C 231 -12.82 7.54 60.10
C GLY C 231 -13.22 6.10 59.89
N MET C 232 -12.74 5.22 60.75
CA MET C 232 -13.06 3.79 60.64
C MET C 232 -14.51 3.50 61.06
N LYS C 233 -14.99 4.21 62.06
CA LYS C 233 -16.32 3.94 62.62
C LYS C 233 -17.45 4.68 61.91
N ARG C 234 -17.16 5.87 61.38
CA ARG C 234 -18.21 6.70 60.82
C ARG C 234 -17.91 7.21 59.41
N GLY C 235 -16.82 6.73 58.83
CA GLY C 235 -16.43 7.15 57.49
C GLY C 235 -16.36 5.99 56.52
N ASP C 236 -15.88 6.28 55.31
CA ASP C 236 -15.70 5.25 54.30
C ASP C 236 -14.35 4.55 54.48
N VAL C 237 -14.39 3.37 55.10
CA VAL C 237 -13.21 2.55 55.32
C VAL C 237 -12.43 2.29 54.03
N ARG C 238 -13.14 1.97 52.96
CA ARG C 238 -12.51 1.65 51.68
C ARG C 238 -11.70 2.80 51.13
N LEU C 239 -12.23 4.01 51.26
CA LEU C 239 -11.55 5.19 50.75
C LEU C 239 -10.29 5.48 51.57
N LEU C 240 -10.40 5.37 52.89
CA LEU C 240 -9.26 5.61 53.77
C LEU C 240 -8.17 4.57 53.55
N GLY C 241 -8.57 3.36 53.18
CA GLY C 241 -7.63 2.30 52.86
C GLY C 241 -6.82 2.64 51.62
N VAL C 242 -7.49 3.13 50.58
CA VAL C 242 -6.81 3.53 49.35
C VAL C 242 -5.93 4.75 49.59
N LEU C 243 -6.47 5.72 50.31
CA LEU C 243 -5.75 6.97 50.58
C LEU C 243 -4.55 6.75 51.51
N SER C 244 -4.53 5.63 52.22
CA SER C 244 -3.44 5.30 53.13
C SER C 244 -2.12 5.11 52.38
N TYR C 245 -2.21 4.82 51.09
CA TYR C 245 -1.02 4.66 50.27
C TYR C 245 -0.40 6.00 49.89
N ALA C 246 -1.01 7.09 50.34
CA ALA C 246 -0.42 8.42 50.16
C ALA C 246 0.65 8.68 51.20
N ALA C 247 0.59 7.94 52.31
CA ALA C 247 1.56 8.13 53.40
C ALA C 247 3.01 7.89 52.98
N PRO C 248 3.31 6.80 52.23
CA PRO C 248 4.70 6.66 51.79
C PRO C 248 5.14 7.79 50.84
N VAL C 249 4.22 8.29 50.04
CA VAL C 249 4.51 9.39 49.13
C VAL C 249 4.75 10.69 49.88
N LEU C 250 3.82 11.02 50.77
CA LEU C 250 3.91 12.24 51.57
C LEU C 250 5.12 12.22 52.49
N SER C 251 5.44 11.04 53.02
CA SER C 251 6.60 10.86 53.88
C SER C 251 7.89 11.22 53.13
N THR C 252 8.01 10.73 51.90
CA THR C 252 9.18 11.00 51.09
C THR C 252 9.24 12.47 50.71
N LEU C 253 8.08 13.05 50.42
CA LEU C 253 7.99 14.48 50.13
C LEU C 253 8.40 15.30 51.35
N LEU C 254 8.10 14.80 52.54
CA LEU C 254 8.52 15.44 53.77
C LEU C 254 10.03 15.42 53.92
N LEU C 255 10.65 14.31 53.53
CA LEU C 255 12.09 14.16 53.63
C LEU C 255 12.81 15.07 52.62
N VAL C 256 12.26 15.16 51.41
CA VAL C 256 12.84 16.01 50.37
C VAL C 256 12.87 17.47 50.79
N VAL C 257 11.73 17.98 51.27
CA VAL C 257 11.61 19.36 51.73
C VAL C 257 12.57 19.60 52.90
N ALA C 258 12.75 18.60 53.74
CA ALA C 258 13.67 18.69 54.86
C ALA C 258 15.12 18.58 54.40
N GLY C 259 15.31 18.13 53.17
CA GLY C 259 16.64 18.01 52.60
C GLY C 259 17.32 16.69 52.90
N PHE C 260 16.57 15.77 53.50
CA PHE C 260 17.12 14.46 53.86
C PHE C 260 17.01 13.47 52.71
N ALA C 261 16.29 13.86 51.67
CA ALA C 261 16.12 13.02 50.49
C ALA C 261 16.11 13.86 49.22
N ALA C 262 16.46 13.24 48.11
CA ALA C 262 16.46 13.92 46.81
C ALA C 262 15.31 13.44 45.94
N PRO C 263 14.70 14.36 45.17
CA PRO C 263 13.63 14.02 44.22
C PRO C 263 14.08 12.98 43.21
N SER C 264 13.28 11.93 43.01
CA SER C 264 13.63 10.86 42.11
C SER C 264 12.51 10.54 41.13
N GLY C 265 12.81 9.77 40.09
CA GLY C 265 11.82 9.35 39.13
C GLY C 265 10.82 8.40 39.78
N ALA C 266 11.30 7.63 40.76
CA ALA C 266 10.45 6.72 41.51
C ALA C 266 9.42 7.50 42.32
N LEU C 267 9.82 8.67 42.80
CA LEU C 267 8.93 9.55 43.54
C LEU C 267 7.85 10.09 42.63
N ALA C 268 8.21 10.39 41.39
CA ALA C 268 7.27 10.92 40.42
C ALA C 268 6.24 9.87 40.02
N ILE C 269 6.70 8.64 39.87
CA ILE C 269 5.82 7.53 39.51
C ILE C 269 4.82 7.25 40.63
N ALA C 270 5.32 7.14 41.86
CA ALA C 270 4.48 6.89 43.00
C ALA C 270 3.39 7.95 43.15
N CYS C 271 3.75 9.21 42.96
CA CYS C 271 2.78 10.30 43.01
C CYS C 271 1.66 10.14 41.98
N ALA C 272 2.03 9.73 40.77
CA ALA C 272 1.05 9.57 39.70
C ALA C 272 0.12 8.39 40.00
N LEU C 273 0.65 7.37 40.66
CA LEU C 273 -0.11 6.17 40.95
C LEU C 273 -1.05 6.33 42.14
N ILE C 274 -0.67 7.13 43.12
CA ILE C 274 -1.53 7.35 44.27
C ILE C 274 -2.65 8.34 43.91
N VAL C 275 -2.34 9.32 43.07
CA VAL C 275 -3.36 10.25 42.60
C VAL C 275 -4.33 9.53 41.67
N GLY C 276 -3.79 8.78 40.72
CA GLY C 276 -4.60 7.99 39.82
C GLY C 276 -5.41 6.94 40.56
N GLY C 277 -4.76 6.26 41.50
CA GLY C 277 -5.42 5.25 42.33
C GLY C 277 -6.56 5.85 43.12
N ALA C 278 -6.35 7.06 43.62
CA ALA C 278 -7.40 7.79 44.32
C ALA C 278 -8.56 8.11 43.40
N ALA C 279 -8.25 8.67 42.23
CA ALA C 279 -9.29 9.08 41.27
C ALA C 279 -10.15 7.91 40.82
N VAL C 280 -9.52 6.78 40.52
CA VAL C 280 -10.25 5.59 40.09
C VAL C 280 -11.18 5.10 41.19
N ALA C 281 -10.74 5.23 42.43
CA ALA C 281 -11.48 4.69 43.57
C ALA C 281 -12.68 5.55 43.99
N THR C 282 -12.66 6.84 43.70
CA THR C 282 -13.76 7.70 44.12
C THR C 282 -14.53 8.31 42.95
N LEU C 283 -13.81 8.96 42.03
CA LEU C 283 -14.44 9.68 40.93
C LEU C 283 -15.03 8.73 39.91
N LEU C 284 -14.30 7.65 39.62
CA LEU C 284 -14.71 6.71 38.59
C LEU C 284 -15.15 5.38 39.19
N ALA C 285 -15.78 5.43 40.36
CA ALA C 285 -16.24 4.22 41.03
C ALA C 285 -17.72 3.96 40.74
N ARG C 286 -18.46 5.02 40.43
CA ARG C 286 -19.88 4.92 40.15
C ARG C 286 -20.15 4.53 38.69
N ARG C 287 -19.54 5.26 37.76
CA ARG C 287 -19.81 5.06 36.34
C ARG C 287 -18.60 4.53 35.58
N LEU C 288 -18.54 3.22 35.38
CA LEU C 288 -17.49 2.58 34.61
C LEU C 288 -18.05 1.88 33.37
N SER D 2 18.85 -11.19 21.05
CA SER D 2 18.69 -12.56 21.49
C SER D 2 17.68 -12.65 22.64
N ARG D 3 18.04 -12.11 23.79
CA ARG D 3 17.13 -12.04 24.93
C ARG D 3 15.95 -11.14 24.61
N SER D 4 16.24 -10.04 23.91
CA SER D 4 15.20 -9.13 23.44
C SER D 4 14.35 -9.80 22.37
N SER D 5 15.00 -10.63 21.54
CA SER D 5 14.32 -11.31 20.46
C SER D 5 13.42 -12.42 20.99
N ALA D 6 13.93 -13.20 21.94
CA ALA D 6 13.17 -14.29 22.55
C ALA D 6 11.99 -13.75 23.36
N THR D 7 12.18 -12.58 23.96
CA THR D 7 11.11 -11.94 24.72
C THR D 7 9.97 -11.54 23.77
N LEU D 8 10.35 -11.10 22.57
CA LEU D 8 9.38 -10.76 21.54
C LEU D 8 8.62 -11.99 21.07
N ILE D 9 9.33 -13.10 20.90
CA ILE D 9 8.71 -14.36 20.52
C ILE D 9 7.74 -14.81 21.61
N GLY D 10 8.16 -14.70 22.87
CA GLY D 10 7.33 -15.04 24.00
C GLY D 10 6.04 -14.24 24.03
N PHE D 11 6.12 -12.99 23.59
CA PHE D 11 4.96 -12.11 23.59
C PHE D 11 3.89 -12.54 22.58
N THR D 12 4.28 -13.31 21.57
CA THR D 12 3.31 -13.79 20.58
C THR D 12 2.32 -14.78 21.18
N ALA D 13 2.75 -15.48 22.23
CA ALA D 13 1.87 -16.40 22.93
C ALA D 13 0.76 -15.64 23.66
N ILE D 14 1.14 -14.53 24.27
CA ILE D 14 0.20 -13.67 24.98
C ILE D 14 -0.86 -13.12 24.01
N LEU D 15 -0.41 -12.72 22.82
CA LEU D 15 -1.31 -12.24 21.77
C LEU D 15 -2.28 -13.33 21.32
N LEU D 16 -1.76 -14.54 21.11
CA LEU D 16 -2.60 -15.66 20.67
C LEU D 16 -3.61 -16.05 21.74
N TRP D 17 -3.22 -15.93 23.01
CA TRP D 17 -4.11 -16.30 24.10
C TRP D 17 -5.24 -15.29 24.29
N SER D 18 -5.09 -14.11 23.71
CA SER D 18 -6.13 -13.08 23.77
C SER D 18 -7.34 -13.44 22.91
N THR D 19 -7.20 -14.44 22.05
CA THR D 19 -8.26 -14.80 21.11
C THR D 19 -9.16 -15.93 21.61
N LEU D 20 -8.88 -16.43 22.81
CA LEU D 20 -9.63 -17.54 23.39
C LEU D 20 -11.11 -17.22 23.60
N ALA D 21 -11.39 -15.97 23.98
CA ALA D 21 -12.76 -15.56 24.26
C ALA D 21 -13.63 -15.54 23.00
N LEU D 22 -12.98 -15.47 21.84
CA LEU D 22 -13.70 -15.48 20.57
C LEU D 22 -14.25 -16.87 20.24
N ALA D 23 -13.78 -17.88 20.95
CA ALA D 23 -14.19 -19.26 20.69
C ALA D 23 -15.20 -19.78 21.71
N THR D 24 -15.87 -18.85 22.40
CA THR D 24 -16.84 -19.21 23.43
C THR D 24 -18.04 -19.97 22.87
N SER D 25 -18.68 -19.39 21.86
CA SER D 25 -19.84 -20.02 21.23
C SER D 25 -19.48 -20.66 19.90
N SER D 26 -18.18 -20.70 19.61
CA SER D 26 -17.70 -21.20 18.32
C SER D 26 -17.62 -22.73 18.28
N THR D 27 -17.33 -23.35 19.42
CA THR D 27 -17.11 -24.80 19.47
C THR D 27 -18.37 -25.56 19.87
N GLY D 28 -19.52 -24.91 19.77
CA GLY D 28 -20.78 -25.56 20.09
C GLY D 28 -20.85 -26.00 21.55
N ALA D 29 -21.42 -27.18 21.78
CA ALA D 29 -21.55 -27.70 23.13
C ALA D 29 -20.51 -28.78 23.42
N VAL D 30 -19.35 -28.67 22.78
CA VAL D 30 -18.27 -29.64 22.99
C VAL D 30 -17.65 -29.50 24.38
N PRO D 31 -17.66 -30.60 25.15
CA PRO D 31 -17.10 -30.63 26.52
C PRO D 31 -15.59 -30.37 26.51
N PRO D 32 -15.08 -29.74 27.59
CA PRO D 32 -13.70 -29.21 27.65
C PRO D 32 -12.58 -30.25 27.47
N PHE D 33 -12.71 -31.42 28.08
CA PHE D 33 -11.63 -32.42 27.99
C PHE D 33 -11.51 -32.98 26.57
N LEU D 34 -12.63 -33.07 25.86
CA LEU D 34 -12.60 -33.50 24.47
C LEU D 34 -11.99 -32.42 23.59
N LEU D 35 -12.38 -31.17 23.85
CA LEU D 35 -11.83 -30.04 23.10
C LEU D 35 -10.33 -29.92 23.36
N THR D 36 -9.92 -30.22 24.59
CA THR D 36 -8.51 -30.21 24.95
C THR D 36 -7.76 -31.28 24.18
N ALA D 37 -8.33 -32.48 24.12
CA ALA D 37 -7.72 -33.60 23.43
C ALA D 37 -7.56 -33.31 21.94
N LEU D 38 -8.58 -32.70 21.34
CA LEU D 38 -8.56 -32.40 19.91
C LEU D 38 -7.59 -31.28 19.55
N THR D 39 -7.62 -30.19 20.32
CA THR D 39 -6.78 -29.03 20.02
C THR D 39 -5.30 -29.28 20.35
N PHE D 40 -5.04 -30.03 21.42
CA PHE D 40 -3.66 -30.33 21.78
C PHE D 40 -3.02 -31.33 20.82
N THR D 41 -3.84 -32.18 20.23
CA THR D 41 -3.37 -33.11 19.20
C THR D 41 -2.92 -32.33 17.98
N ILE D 42 -3.77 -31.40 17.55
CA ILE D 42 -3.42 -30.50 16.45
C ILE D 42 -2.21 -29.65 16.83
N GLY D 43 -2.21 -29.14 18.05
CA GLY D 43 -1.08 -28.38 18.56
C GLY D 43 0.18 -29.21 18.63
N GLY D 44 0.05 -30.45 19.10
CA GLY D 44 1.18 -31.36 19.19
C GLY D 44 1.73 -31.69 17.82
N ALA D 45 0.84 -31.79 16.83
CA ALA D 45 1.24 -32.08 15.47
C ALA D 45 2.00 -30.92 14.84
N VAL D 46 1.63 -29.69 15.23
CA VAL D 46 2.27 -28.49 14.69
C VAL D 46 3.76 -28.46 15.00
N GLY D 47 4.11 -28.69 16.27
CA GLY D 47 5.49 -28.72 16.68
C GLY D 47 6.29 -29.82 16.01
N ILE D 48 5.67 -30.99 15.85
CA ILE D 48 6.33 -32.11 15.21
C ILE D 48 6.51 -31.85 13.72
N ALA D 49 5.47 -31.34 13.06
CA ALA D 49 5.52 -31.03 11.64
C ALA D 49 6.56 -29.95 11.36
N ALA D 50 6.53 -28.89 12.16
CA ALA D 50 7.49 -27.80 12.02
C ALA D 50 8.89 -28.29 12.38
N GLY D 51 8.97 -29.18 13.36
CA GLY D 51 10.24 -29.75 13.78
C GLY D 51 10.88 -30.58 12.70
N LEU D 52 10.10 -31.49 12.10
CA LEU D 52 10.62 -32.34 11.04
C LEU D 52 10.94 -31.54 9.79
N ALA D 53 10.13 -30.52 9.52
CA ALA D 53 10.38 -29.65 8.37
C ALA D 53 11.64 -28.83 8.58
N ARG D 54 11.95 -28.52 9.83
CA ARG D 54 13.17 -27.80 10.16
C ARG D 54 14.35 -28.75 10.31
N GLY D 55 14.07 -30.04 10.15
CA GLY D 55 15.10 -31.06 10.24
C GLY D 55 15.64 -31.27 11.64
N VAL D 56 14.75 -31.24 12.63
CA VAL D 56 15.16 -31.46 14.02
C VAL D 56 15.44 -32.94 14.27
N GLY D 57 16.28 -33.23 15.26
CA GLY D 57 16.63 -34.60 15.58
C GLY D 57 15.46 -35.38 16.14
N LEU D 61 12.55 -35.94 20.66
CA LEU D 61 13.69 -36.17 21.53
C LEU D 61 13.37 -37.15 22.65
N ARG D 62 14.41 -37.69 23.27
CA ARG D 62 14.23 -38.58 24.42
C ARG D 62 14.72 -37.89 25.69
N GLN D 63 13.86 -37.82 26.69
CA GLN D 63 14.16 -37.07 27.91
C GLN D 63 13.93 -37.90 29.17
N PRO D 64 14.66 -37.60 30.25
CA PRO D 64 14.43 -38.23 31.56
C PRO D 64 13.09 -37.81 32.16
N TRP D 65 12.68 -38.46 33.24
CA TRP D 65 11.37 -38.21 33.83
C TRP D 65 11.12 -36.81 34.43
N PRO D 66 12.17 -36.09 34.90
CA PRO D 66 11.81 -34.76 35.43
C PRO D 66 11.25 -33.82 34.37
N VAL D 67 11.67 -34.00 33.11
CA VAL D 67 11.18 -33.19 32.01
C VAL D 67 9.73 -33.55 31.68
N TRP D 68 9.42 -34.84 31.75
CA TRP D 68 8.05 -35.30 31.51
C TRP D 68 7.14 -34.88 32.65
N VAL D 69 7.62 -35.01 33.89
CA VAL D 69 6.86 -34.61 35.06
C VAL D 69 6.57 -33.11 34.98
N HIS D 70 7.56 -32.34 34.56
CA HIS D 70 7.39 -30.90 34.38
C HIS D 70 6.39 -30.55 33.29
N GLY D 71 6.61 -31.10 32.09
CA GLY D 71 5.80 -30.75 30.93
C GLY D 71 4.37 -31.27 30.98
N ILE D 72 4.22 -32.56 31.25
CA ILE D 72 2.89 -33.17 31.32
C ILE D 72 2.14 -32.67 32.55
N GLY D 73 2.81 -32.66 33.69
CA GLY D 73 2.23 -32.20 34.93
C GLY D 73 1.79 -30.75 34.86
N GLY D 74 2.57 -29.95 34.14
CA GLY D 74 2.27 -28.54 33.98
C GLY D 74 1.10 -28.27 33.06
N LEU D 75 1.17 -28.76 31.83
CA LEU D 75 0.14 -28.48 30.84
C LEU D 75 -1.19 -29.13 31.17
N PHE D 76 -1.16 -30.39 31.60
CA PHE D 76 -2.40 -31.06 31.97
C PHE D 76 -2.94 -30.52 33.28
N GLY D 77 -2.04 -30.30 34.24
CA GLY D 77 -2.41 -29.85 35.57
C GLY D 77 -3.22 -28.56 35.63
N TYR D 78 -2.72 -27.50 35.02
CA TYR D 78 -3.40 -26.21 35.10
C TYR D 78 -4.70 -26.25 34.28
N HIS D 79 -4.73 -27.10 33.26
CA HIS D 79 -5.94 -27.33 32.47
C HIS D 79 -7.00 -28.05 33.30
N PHE D 80 -6.57 -29.08 34.02
CA PHE D 80 -7.49 -29.83 34.87
C PHE D 80 -8.17 -28.94 35.90
N PHE D 81 -7.38 -28.11 36.57
CA PHE D 81 -7.91 -27.31 37.67
C PHE D 81 -8.70 -26.10 37.19
N TYR D 82 -8.44 -25.65 35.97
CA TYR D 82 -9.21 -24.53 35.43
C TYR D 82 -10.59 -25.02 35.01
N PHE D 83 -10.65 -26.24 34.46
CA PHE D 83 -11.93 -26.84 34.09
C PHE D 83 -12.78 -27.09 35.32
N SER D 84 -12.14 -27.49 36.41
CA SER D 84 -12.83 -27.68 37.68
C SER D 84 -13.39 -26.36 38.18
N ALA D 85 -12.64 -25.29 37.95
CA ALA D 85 -13.05 -23.96 38.38
C ALA D 85 -14.31 -23.50 37.64
N LEU D 86 -14.33 -23.74 36.33
CA LEU D 86 -15.47 -23.37 35.49
C LEU D 86 -16.75 -24.09 35.88
N LYS D 87 -16.62 -25.30 36.41
CA LYS D 87 -17.79 -26.08 36.80
C LYS D 87 -18.22 -25.76 38.24
N LEU D 88 -17.36 -25.07 38.98
CA LEU D 88 -17.66 -24.79 40.39
C LEU D 88 -17.87 -23.32 40.69
N ALA D 89 -17.65 -22.46 39.69
CA ALA D 89 -17.70 -21.01 39.91
C ALA D 89 -18.01 -20.28 38.61
N PRO D 90 -18.68 -19.12 38.71
CA PRO D 90 -18.94 -18.27 37.53
C PRO D 90 -17.64 -17.92 36.81
N PRO D 91 -17.68 -17.89 35.47
CA PRO D 91 -16.50 -17.73 34.60
C PRO D 91 -15.72 -16.44 34.82
N ALA D 92 -16.41 -15.38 35.20
CA ALA D 92 -15.76 -14.08 35.40
C ALA D 92 -14.86 -14.10 36.64
N GLU D 93 -15.39 -14.58 37.76
CA GLU D 93 -14.60 -14.66 38.97
C GLU D 93 -13.51 -15.71 38.84
N ALA D 94 -13.85 -16.84 38.23
CA ALA D 94 -12.88 -17.91 38.02
C ALA D 94 -11.71 -17.42 37.17
N GLY D 95 -12.04 -16.62 36.16
CA GLY D 95 -11.02 -16.06 35.28
C GLY D 95 -10.16 -15.03 35.98
N LEU D 96 -10.77 -14.20 36.81
CA LEU D 96 -10.04 -13.16 37.55
C LEU D 96 -9.04 -13.77 38.52
N VAL D 97 -9.48 -14.76 39.28
CA VAL D 97 -8.61 -15.42 40.24
C VAL D 97 -7.49 -16.16 39.52
N ALA D 98 -7.84 -16.83 38.42
CA ALA D 98 -6.85 -17.53 37.61
C ALA D 98 -5.77 -16.57 37.10
N TYR D 99 -6.16 -15.31 36.83
CA TYR D 99 -5.22 -14.35 36.27
C TYR D 99 -4.40 -13.65 37.34
N LEU D 100 -4.18 -14.33 38.46
CA LEU D 100 -3.09 -13.96 39.35
C LEU D 100 -1.78 -14.47 38.77
N TRP D 101 -1.86 -15.39 37.81
CA TRP D 101 -0.66 -16.06 37.32
C TRP D 101 0.39 -15.13 36.67
N PRO D 102 -0.02 -14.04 36.00
CA PRO D 102 1.09 -13.19 35.54
C PRO D 102 1.87 -12.60 36.71
N LEU D 103 1.17 -12.16 37.75
CA LEU D 103 1.80 -11.61 38.94
C LEU D 103 2.67 -12.67 39.63
N LEU D 104 2.18 -13.91 39.64
CA LEU D 104 2.89 -15.00 40.29
C LEU D 104 4.19 -15.35 39.58
N ILE D 105 4.17 -15.31 38.25
CA ILE D 105 5.37 -15.53 37.46
C ILE D 105 6.44 -14.49 37.81
N VAL D 106 6.02 -13.24 37.90
CA VAL D 106 6.92 -12.16 38.30
C VAL D 106 7.45 -12.40 39.72
N LEU D 107 6.58 -12.81 40.63
CA LEU D 107 6.99 -13.06 42.01
C LEU D 107 7.82 -14.34 42.14
N PHE D 108 7.45 -15.40 41.41
CA PHE D 108 8.20 -16.65 41.47
C PHE D 108 9.50 -16.53 40.68
N SER D 109 9.66 -15.45 39.93
CA SER D 109 10.86 -15.20 39.15
C SER D 109 12.06 -14.90 40.05
N ALA D 110 11.79 -14.60 41.33
CA ALA D 110 12.84 -14.30 42.28
C ALA D 110 13.64 -15.54 42.65
N PHE D 111 13.02 -16.71 42.43
CA PHE D 111 13.68 -17.98 42.72
C PHE D 111 14.58 -18.42 41.57
N LEU D 112 14.49 -17.73 40.44
CA LEU D 112 15.34 -18.01 39.29
C LEU D 112 16.79 -17.63 39.60
N PRO D 113 17.73 -18.53 39.26
CA PRO D 113 19.16 -18.36 39.54
C PRO D 113 19.76 -17.11 38.89
N GLY D 114 19.54 -16.95 37.59
CA GLY D 114 20.12 -15.85 36.84
C GLY D 114 19.35 -14.55 36.95
N GLU D 115 18.02 -14.66 37.05
CA GLU D 115 17.16 -13.47 37.07
C GLU D 115 17.18 -12.74 38.41
N ARG D 116 17.18 -11.41 38.35
CA ARG D 116 17.12 -10.59 39.55
C ARG D 116 15.89 -9.67 39.50
N LEU D 117 14.99 -9.83 40.46
CA LEU D 117 13.74 -9.08 40.49
C LEU D 117 13.98 -7.61 40.83
N ARG D 118 13.23 -6.73 40.16
CA ARG D 118 13.30 -5.31 40.42
C ARG D 118 11.92 -4.77 40.74
N PRO D 119 11.85 -3.79 41.66
CA PRO D 119 10.61 -3.12 42.08
C PRO D 119 9.70 -2.77 40.91
N ALA D 120 10.28 -2.30 39.81
CA ALA D 120 9.53 -1.88 38.64
C ALA D 120 8.77 -3.04 37.99
N HIS D 121 9.33 -4.24 38.10
CA HIS D 121 8.68 -5.43 37.57
C HIS D 121 7.45 -5.80 38.40
N VAL D 122 7.57 -5.72 39.72
CA VAL D 122 6.43 -6.03 40.59
C VAL D 122 5.35 -4.96 40.42
N ALA D 123 5.76 -3.70 40.40
CA ALA D 123 4.84 -2.58 40.25
C ALA D 123 4.09 -2.63 38.91
N GLY D 124 4.78 -3.02 37.85
CA GLY D 124 4.16 -3.14 36.55
C GLY D 124 3.10 -4.23 36.52
N ALA D 125 3.43 -5.38 37.11
CA ALA D 125 2.48 -6.48 37.21
C ALA D 125 1.28 -6.11 38.06
N LEU D 126 1.50 -5.34 39.13
CA LEU D 126 0.41 -4.90 40.00
C LEU D 126 -0.54 -3.97 39.27
N MET D 127 0.00 -3.14 38.38
CA MET D 127 -0.81 -2.27 37.55
C MET D 127 -1.64 -3.07 36.56
N GLY D 128 -1.05 -4.13 36.02
CA GLY D 128 -1.72 -4.99 35.06
C GLY D 128 -2.82 -5.81 35.71
N LEU D 129 -2.55 -6.28 36.92
CA LEU D 129 -3.56 -6.95 37.72
C LEU D 129 -4.69 -5.97 38.05
N ALA D 130 -4.32 -4.72 38.33
CA ALA D 130 -5.29 -3.68 38.62
C ALA D 130 -6.20 -3.42 37.41
N GLY D 131 -5.63 -3.50 36.22
CA GLY D 131 -6.39 -3.31 35.00
C GLY D 131 -7.32 -4.48 34.75
N THR D 132 -6.86 -5.68 35.09
CA THR D 132 -7.66 -6.88 34.92
C THR D 132 -8.83 -6.90 35.91
N VAL D 133 -8.58 -6.44 37.14
CA VAL D 133 -9.63 -6.34 38.16
C VAL D 133 -10.74 -5.37 37.76
N VAL D 134 -10.35 -4.19 37.30
CA VAL D 134 -11.32 -3.14 36.99
C VAL D 134 -12.10 -3.49 35.73
N LEU D 135 -11.49 -4.31 34.89
CA LEU D 135 -12.08 -4.72 33.61
C LEU D 135 -13.04 -5.89 33.80
N LEU D 136 -12.49 -7.03 34.20
CA LEU D 136 -13.26 -8.26 34.39
C LEU D 136 -14.31 -8.13 35.49
N GLY D 137 -14.11 -7.17 36.38
CA GLY D 137 -15.07 -6.91 37.44
C GLY D 137 -16.13 -5.93 36.98
N ALA D 138 -15.68 -4.76 36.51
CA ALA D 138 -16.60 -3.71 36.10
C ALA D 138 -16.70 -3.61 34.57
N ALA D 140 -21.18 -4.79 35.62
CA ALA D 140 -22.45 -4.10 35.82
C ALA D 140 -22.98 -4.32 37.24
N GLY D 141 -23.02 -5.58 37.67
CA GLY D 141 -23.49 -5.91 39.00
C GLY D 141 -22.51 -5.56 40.10
N GLY D 142 -21.21 -5.65 39.79
CA GLY D 142 -20.17 -5.37 40.77
C GLY D 142 -19.45 -6.62 41.21
N PHE D 143 -19.05 -6.67 42.47
CA PHE D 143 -18.44 -7.86 43.04
C PHE D 143 -19.50 -8.77 43.65
N GLY D 144 -19.67 -9.96 43.07
CA GLY D 144 -20.64 -10.91 43.55
C GLY D 144 -20.03 -12.25 43.93
N PHE D 145 -18.90 -12.20 44.63
CA PHE D 145 -18.27 -13.42 45.14
C PHE D 145 -19.18 -14.06 46.18
N ALA D 146 -19.35 -15.37 46.09
CA ALA D 146 -20.25 -16.08 46.98
C ALA D 146 -19.54 -17.24 47.68
N PRO D 147 -19.92 -17.49 48.95
CA PRO D 147 -19.28 -18.55 49.74
C PRO D 147 -19.40 -19.93 49.10
N GLU D 148 -20.48 -20.18 48.37
CA GLU D 148 -20.68 -21.50 47.77
C GLU D 148 -19.85 -21.68 46.49
N TYR D 149 -19.12 -20.65 46.09
CA TYR D 149 -18.23 -20.75 44.93
C TYR D 149 -16.76 -20.83 45.31
N VAL D 150 -16.48 -20.84 46.62
CA VAL D 150 -15.11 -20.88 47.11
C VAL D 150 -14.30 -22.10 46.61
N PRO D 151 -14.92 -23.29 46.53
CA PRO D 151 -14.14 -24.38 45.93
C PRO D 151 -13.70 -24.07 44.49
N GLY D 152 -14.51 -23.32 43.76
CA GLY D 152 -14.17 -22.91 42.41
C GLY D 152 -13.02 -21.92 42.36
N TYR D 153 -13.02 -20.99 43.31
CA TYR D 153 -11.95 -19.99 43.39
C TYR D 153 -10.62 -20.65 43.71
N LEU D 154 -10.67 -21.69 44.54
CA LEU D 154 -9.45 -22.42 44.93
C LEU D 154 -8.89 -23.20 43.75
N ALA D 155 -9.77 -23.83 42.98
CA ALA D 155 -9.38 -24.53 41.76
C ALA D 155 -8.73 -23.57 40.78
N ALA D 156 -9.26 -22.35 40.72
CA ALA D 156 -8.69 -21.32 39.85
C ALA D 156 -7.33 -20.86 40.38
N ALA D 157 -7.19 -20.79 41.69
CA ALA D 157 -5.91 -20.45 42.31
C ALA D 157 -4.89 -21.56 42.05
N ALA D 158 -5.34 -22.82 42.13
CA ALA D 158 -4.46 -23.95 41.85
C ALA D 158 -4.00 -23.90 40.40
N CYS D 159 -4.90 -23.47 39.52
CA CYS D 159 -4.59 -23.32 38.11
C CYS D 159 -3.50 -22.26 37.88
N ALA D 160 -3.60 -21.16 38.62
CA ALA D 160 -2.65 -20.06 38.51
C ALA D 160 -1.26 -20.47 38.98
N VAL D 161 -1.20 -21.18 40.09
CA VAL D 161 0.07 -21.62 40.65
C VAL D 161 0.77 -22.63 39.74
N ILE D 162 0.04 -23.63 39.28
CA ILE D 162 0.62 -24.68 38.44
C ILE D 162 1.17 -24.10 37.14
N TRP D 163 0.43 -23.17 36.55
CA TRP D 163 0.86 -22.53 35.32
C TRP D 163 2.04 -21.57 35.56
N SER D 164 2.00 -20.87 36.69
CA SER D 164 3.09 -19.97 37.04
C SER D 164 4.38 -20.75 37.31
N VAL D 165 4.26 -21.83 38.07
CA VAL D 165 5.43 -22.63 38.44
C VAL D 165 5.99 -23.31 37.19
N TYR D 166 5.10 -23.85 36.36
CA TYR D 166 5.51 -24.47 35.10
C TYR D 166 6.28 -23.50 34.22
N SER D 167 5.76 -22.28 34.09
CA SER D 167 6.38 -21.28 33.22
C SER D 167 7.76 -20.86 33.74
N VAL D 168 7.84 -20.55 35.03
CA VAL D 168 9.11 -20.12 35.62
C VAL D 168 10.12 -21.26 35.64
N ALA D 169 9.66 -22.47 35.93
CA ALA D 169 10.57 -23.62 36.02
C ALA D 169 11.05 -24.08 34.64
N SER D 170 10.47 -23.53 33.59
CA SER D 170 10.88 -23.85 32.22
C SER D 170 12.30 -23.38 31.95
N ARG D 171 12.70 -22.30 32.62
CA ARG D 171 14.06 -21.78 32.47
C ARG D 171 15.07 -22.75 33.07
N ARG D 172 14.64 -23.48 34.10
CA ARG D 172 15.47 -24.52 34.70
C ARG D 172 15.65 -25.69 33.74
N PHE D 173 14.81 -25.76 32.72
CA PHE D 173 14.95 -26.77 31.67
C PHE D 173 15.39 -26.12 30.36
N ALA D 174 16.26 -25.11 30.47
CA ALA D 174 16.75 -24.38 29.29
C ALA D 174 17.52 -25.28 28.34
N ARG D 175 18.07 -26.37 28.87
CA ARG D 175 18.81 -27.32 28.04
C ARG D 175 17.88 -28.11 27.12
N VAL D 176 16.62 -28.23 27.53
CA VAL D 176 15.63 -28.97 26.77
C VAL D 176 15.10 -28.16 25.60
N PRO D 177 15.19 -28.71 24.37
CA PRO D 177 14.66 -28.04 23.18
C PRO D 177 13.16 -27.81 23.25
N THR D 178 12.68 -26.81 22.51
CA THR D 178 11.27 -26.41 22.56
C THR D 178 10.35 -27.44 21.89
N GLU D 179 10.89 -28.18 20.94
CA GLU D 179 10.11 -29.18 20.20
C GLU D 179 9.51 -30.26 21.10
N VAL D 180 10.06 -30.40 22.30
CA VAL D 180 9.55 -31.38 23.27
C VAL D 180 8.15 -31.00 23.74
N VAL D 181 7.80 -29.72 23.64
CA VAL D 181 6.46 -29.25 24.01
C VAL D 181 5.38 -30.01 23.20
N ALA D 182 5.72 -30.38 21.98
CA ALA D 182 4.84 -31.21 21.16
C ALA D 182 4.54 -32.52 21.86
N GLY D 183 5.54 -33.07 22.54
CA GLY D 183 5.35 -34.28 23.34
C GLY D 183 4.44 -34.01 24.52
N PHE D 184 4.63 -32.87 25.16
CA PHE D 184 3.78 -32.46 26.28
C PHE D 184 2.34 -32.34 25.83
N CYS D 185 2.13 -31.77 24.65
CA CYS D 185 0.80 -31.56 24.11
C CYS D 185 0.08 -32.88 23.78
N LEU D 186 0.82 -33.82 23.20
CA LEU D 186 0.24 -35.12 22.83
C LEU D 186 -0.07 -35.95 24.08
N ALA D 187 0.81 -35.90 25.06
CA ALA D 187 0.59 -36.60 26.32
C ALA D 187 -0.60 -36.00 27.06
N THR D 188 -0.72 -34.68 26.97
CA THR D 188 -1.85 -33.97 27.57
C THR D 188 -3.14 -34.31 26.82
N ALA D 189 -3.03 -34.47 25.51
CA ALA D 189 -4.17 -34.85 24.68
C ALA D 189 -4.68 -36.24 25.03
N ALA D 190 -3.75 -37.16 25.32
CA ALA D 190 -4.11 -38.53 25.67
C ALA D 190 -4.82 -38.59 27.01
N LEU D 191 -4.25 -37.90 28.00
CA LEU D 191 -4.84 -37.87 29.34
C LEU D 191 -6.21 -37.20 29.32
N SER D 192 -6.34 -36.14 28.53
CA SER D 192 -7.63 -35.46 28.38
C SER D 192 -8.64 -36.35 27.67
N ALA D 193 -8.15 -37.15 26.72
CA ALA D 193 -9.01 -38.08 26.00
C ALA D 193 -9.54 -39.14 26.95
N LEU D 194 -8.71 -39.52 27.92
CA LEU D 194 -9.10 -40.49 28.94
C LEU D 194 -10.20 -39.90 29.83
N CYS D 195 -10.01 -38.67 30.28
CA CYS D 195 -10.96 -38.00 31.16
C CYS D 195 -12.30 -37.78 30.45
N HIS D 196 -12.26 -37.56 29.14
CA HIS D 196 -13.48 -37.37 28.37
C HIS D 196 -14.32 -38.64 28.33
N ILE D 197 -13.66 -39.78 28.09
CA ILE D 197 -14.33 -41.07 28.02
C ILE D 197 -15.00 -41.41 29.35
N LEU D 198 -14.33 -41.04 30.45
CA LEU D 198 -14.77 -41.43 31.78
C LEU D 198 -15.81 -40.50 32.39
N PHE D 199 -15.72 -39.20 32.10
CA PHE D 199 -16.54 -38.22 32.81
C PHE D 199 -17.32 -37.23 31.94
N GLU D 200 -17.44 -37.49 30.64
CA GLU D 200 -18.09 -36.52 29.76
C GLU D 200 -19.03 -37.15 28.73
N PRO D 201 -20.04 -36.39 28.31
CA PRO D 201 -20.94 -36.77 27.21
C PRO D 201 -20.24 -36.72 25.87
N SER D 202 -20.67 -37.56 24.92
CA SER D 202 -20.03 -37.62 23.62
C SER D 202 -20.56 -36.56 22.66
N VAL D 203 -20.17 -35.31 22.89
CA VAL D 203 -20.56 -34.22 21.99
C VAL D 203 -19.36 -33.78 21.15
N TRP D 204 -19.40 -34.13 19.87
CA TRP D 204 -18.30 -33.83 18.95
C TRP D 204 -18.61 -32.59 18.11
N PRO D 205 -17.55 -31.90 17.63
CA PRO D 205 -17.75 -30.72 16.78
C PRO D 205 -18.46 -31.07 15.48
N VAL D 206 -19.38 -30.21 15.06
CA VAL D 206 -20.12 -30.44 13.82
C VAL D 206 -20.01 -29.24 12.89
N GLY D 207 -19.86 -29.52 11.60
CA GLY D 207 -19.81 -28.49 10.58
C GLY D 207 -18.74 -27.43 10.79
N SER D 208 -19.19 -26.18 10.94
CA SER D 208 -18.27 -25.05 11.06
C SER D 208 -17.58 -24.99 12.41
N GLU D 209 -17.96 -25.87 13.33
CA GLU D 209 -17.33 -25.89 14.65
C GLU D 209 -15.91 -26.45 14.57
N TRP D 210 -15.66 -27.28 13.56
CA TRP D 210 -14.33 -27.79 13.32
C TRP D 210 -13.34 -26.69 12.97
N LEU D 211 -13.86 -25.63 12.35
CA LEU D 211 -13.05 -24.47 12.00
C LEU D 211 -12.43 -23.88 13.25
N ALA D 212 -13.19 -23.82 14.33
CA ALA D 212 -12.70 -23.26 15.59
C ALA D 212 -11.71 -24.21 16.26
N VAL D 213 -12.01 -25.50 16.22
CA VAL D 213 -11.13 -26.51 16.80
C VAL D 213 -9.75 -26.45 16.15
N VAL D 214 -9.73 -26.38 14.83
CA VAL D 214 -8.46 -26.31 14.09
C VAL D 214 -7.73 -25.00 14.40
N ALA D 215 -8.46 -23.89 14.36
CA ALA D 215 -7.89 -22.57 14.63
C ALA D 215 -7.30 -22.48 16.03
N LEU D 216 -7.99 -23.07 17.02
CA LEU D 216 -7.48 -23.09 18.38
C LEU D 216 -6.18 -23.89 18.44
N GLY D 217 -6.16 -25.04 17.78
CA GLY D 217 -5.01 -25.92 17.83
C GLY D 217 -3.76 -25.45 17.10
N ILE D 218 -3.89 -24.46 16.23
CA ILE D 218 -2.78 -24.09 15.36
C ILE D 218 -1.53 -23.51 16.09
N GLY D 219 -1.62 -22.45 16.90
CA GLY D 219 -2.83 -21.78 17.36
C GLY D 219 -2.53 -21.26 18.75
N PRO D 220 -3.58 -20.82 19.47
CA PRO D 220 -3.41 -20.54 20.90
C PRO D 220 -3.07 -21.79 21.70
N VAL D 221 -3.42 -22.96 21.16
CA VAL D 221 -3.14 -24.23 21.80
C VAL D 221 -1.90 -24.87 21.18
N GLY D 222 -1.47 -24.32 20.04
CA GLY D 222 -0.34 -24.86 19.33
C GLY D 222 0.89 -23.97 19.43
N ILE D 223 1.02 -23.06 18.47
CA ILE D 223 2.17 -22.15 18.38
C ILE D 223 2.49 -21.46 19.70
N ALA D 224 1.45 -21.04 20.42
CA ALA D 224 1.61 -20.27 21.65
C ALA D 224 2.48 -20.96 22.68
N PHE D 225 2.31 -22.27 22.84
CA PHE D 225 3.08 -23.01 23.84
C PHE D 225 4.56 -23.14 23.47
N TYR D 226 4.85 -23.10 22.18
CA TYR D 226 6.24 -23.19 21.73
C TYR D 226 6.95 -21.85 21.87
N THR D 227 6.27 -20.78 21.46
CA THR D 227 6.86 -19.44 21.55
C THR D 227 7.04 -19.02 23.00
N TRP D 228 6.09 -19.41 23.84
CA TRP D 228 6.16 -19.16 25.29
C TRP D 228 7.36 -19.88 25.88
N ASP D 229 7.56 -21.13 25.48
CA ASP D 229 8.69 -21.92 25.95
C ASP D 229 10.01 -21.26 25.59
N ILE D 230 10.05 -20.64 24.41
CA ILE D 230 11.22 -19.89 23.98
C ILE D 230 11.45 -18.68 24.88
N GLY D 231 10.37 -17.95 25.15
CA GLY D 231 10.44 -16.77 26.01
C GLY D 231 10.79 -17.08 27.45
N MET D 232 10.34 -18.22 27.96
CA MET D 232 10.64 -18.60 29.33
C MET D 232 12.06 -19.11 29.47
N LYS D 233 12.58 -19.75 28.44
CA LYS D 233 13.90 -20.36 28.49
C LYS D 233 15.01 -19.37 28.18
N ARG D 234 14.79 -18.53 27.17
CA ARG D 234 15.83 -17.64 26.68
C ARG D 234 15.47 -16.16 26.85
N GLY D 235 14.17 -15.86 26.95
CA GLY D 235 13.73 -14.48 27.00
C GLY D 235 13.69 -13.89 28.40
N ASP D 236 13.03 -12.74 28.53
CA ASP D 236 12.89 -12.09 29.83
C ASP D 236 11.63 -12.56 30.55
N VAL D 237 11.83 -13.38 31.57
CA VAL D 237 10.72 -14.02 32.28
C VAL D 237 9.82 -13.04 33.01
N ARG D 238 10.43 -12.16 33.81
CA ARG D 238 9.67 -11.25 34.65
C ARG D 238 8.93 -10.20 33.81
N LEU D 239 9.51 -9.83 32.67
CA LEU D 239 8.87 -8.89 31.76
C LEU D 239 7.67 -9.52 31.06
N LEU D 240 7.83 -10.76 30.63
CA LEU D 240 6.74 -11.51 30.01
C LEU D 240 5.60 -11.74 31.00
N GLY D 241 5.94 -11.79 32.28
CA GLY D 241 4.94 -11.85 33.33
C GLY D 241 4.11 -10.58 33.32
N VAL D 242 4.77 -9.43 33.30
CA VAL D 242 4.11 -8.13 33.25
C VAL D 242 3.27 -7.98 31.99
N LEU D 243 3.84 -8.35 30.85
CA LEU D 243 3.18 -8.19 29.56
C LEU D 243 1.97 -9.11 29.43
N SER D 244 1.94 -10.17 30.22
CA SER D 244 0.84 -11.13 30.18
C SER D 244 -0.50 -10.52 30.56
N TYR D 245 -0.47 -9.39 31.29
CA TYR D 245 -1.71 -8.73 31.67
C TYR D 245 -2.33 -7.98 30.50
N ALA D 246 -1.68 -8.03 29.35
CA ALA D 246 -2.25 -7.47 28.14
C ALA D 246 -3.35 -8.37 27.58
N ALA D 247 -3.24 -9.66 27.84
CA ALA D 247 -4.18 -10.64 27.26
C ALA D 247 -5.65 -10.38 27.63
N PRO D 248 -5.97 -10.16 28.93
CA PRO D 248 -7.38 -9.89 29.21
C PRO D 248 -7.88 -8.59 28.56
N VAL D 249 -7.00 -7.61 28.45
CA VAL D 249 -7.36 -6.31 27.88
C VAL D 249 -7.53 -6.39 26.38
N LEU D 250 -6.62 -7.08 25.72
CA LEU D 250 -6.69 -7.28 24.28
C LEU D 250 -7.92 -8.14 23.93
N SER D 251 -8.15 -9.17 24.74
CA SER D 251 -9.31 -10.03 24.58
C SER D 251 -10.62 -9.25 24.57
N THR D 252 -10.74 -8.32 25.51
CA THR D 252 -11.92 -7.46 25.59
C THR D 252 -12.04 -6.54 24.38
N LEU D 253 -10.89 -6.07 23.86
CA LEU D 253 -10.88 -5.19 22.70
C LEU D 253 -11.46 -5.87 21.47
N LEU D 254 -11.12 -7.14 21.29
CA LEU D 254 -11.63 -7.93 20.18
C LEU D 254 -13.14 -8.12 20.26
N LEU D 255 -13.65 -8.24 21.49
CA LEU D 255 -15.08 -8.42 21.71
C LEU D 255 -15.84 -7.12 21.48
N VAL D 256 -15.23 -6.00 21.86
CA VAL D 256 -15.86 -4.70 21.68
C VAL D 256 -15.88 -4.29 20.20
N VAL D 257 -14.77 -4.52 19.50
CA VAL D 257 -14.68 -4.16 18.08
C VAL D 257 -15.60 -5.04 17.24
N ALA D 258 -15.93 -6.23 17.75
CA ALA D 258 -16.82 -7.14 17.04
C ALA D 258 -18.28 -6.85 17.36
N GLY D 259 -18.52 -5.94 18.29
CA GLY D 259 -19.86 -5.61 18.72
C GLY D 259 -20.40 -6.60 19.73
N PHE D 260 -19.59 -7.60 20.06
CA PHE D 260 -19.98 -8.63 21.03
C PHE D 260 -20.10 -8.05 22.43
N ALA D 261 -19.21 -7.12 22.76
CA ALA D 261 -19.25 -6.44 24.05
C ALA D 261 -19.39 -4.95 23.85
N ALA D 262 -20.07 -4.28 24.78
CA ALA D 262 -20.24 -2.84 24.72
C ALA D 262 -19.00 -2.13 25.26
N PRO D 263 -18.66 -0.98 24.68
CA PRO D 263 -17.54 -0.15 25.15
C PRO D 263 -17.79 0.33 26.59
N SER D 264 -16.72 0.46 27.37
CA SER D 264 -16.87 0.90 28.75
C SER D 264 -15.69 1.78 29.20
N GLY D 265 -15.94 2.59 30.22
CA GLY D 265 -14.89 3.40 30.81
C GLY D 265 -13.90 2.50 31.53
N ALA D 266 -14.39 1.35 31.99
CA ALA D 266 -13.53 0.37 32.65
C ALA D 266 -12.49 -0.19 31.68
N LEU D 267 -12.89 -0.36 30.42
CA LEU D 267 -11.99 -0.81 29.37
C LEU D 267 -10.87 0.21 29.18
N ALA D 268 -11.25 1.48 29.06
CA ALA D 268 -10.29 2.56 28.86
C ALA D 268 -9.29 2.63 30.01
N ILE D 269 -9.80 2.52 31.23
CA ILE D 269 -8.95 2.48 32.42
C ILE D 269 -7.97 1.31 32.36
N ALA D 270 -8.46 0.14 31.97
CA ALA D 270 -7.63 -1.06 31.90
C ALA D 270 -6.51 -0.92 30.86
N CYS D 271 -6.84 -0.30 29.73
CA CYS D 271 -5.87 -0.11 28.65
C CYS D 271 -4.72 0.81 29.08
N ALA D 272 -5.03 1.84 29.85
CA ALA D 272 -4.02 2.77 30.34
C ALA D 272 -3.13 2.10 31.37
N LEU D 273 -3.71 1.22 32.18
CA LEU D 273 -2.98 0.54 33.25
C LEU D 273 -1.97 -0.49 32.71
N ILE D 274 -2.36 -1.23 31.68
CA ILE D 274 -1.46 -2.22 31.11
C ILE D 274 -0.35 -1.55 30.31
N VAL D 275 -0.71 -0.49 29.58
CA VAL D 275 0.27 0.33 28.88
C VAL D 275 1.22 0.97 29.88
N GLY D 276 0.66 1.54 30.94
CA GLY D 276 1.45 2.15 31.99
C GLY D 276 2.33 1.13 32.69
N GLY D 277 1.73 0.01 33.06
CA GLY D 277 2.46 -1.05 33.74
C GLY D 277 3.59 -1.60 32.90
N ALA D 278 3.36 -1.74 31.60
CA ALA D 278 4.40 -2.20 30.70
C ALA D 278 5.51 -1.17 30.59
N ALA D 279 5.14 0.10 30.39
CA ALA D 279 6.11 1.18 30.26
C ALA D 279 6.94 1.33 31.53
N VAL D 280 6.32 1.16 32.69
CA VAL D 280 7.03 1.26 33.96
C VAL D 280 8.08 0.15 34.08
N ALA D 281 7.71 -1.05 33.65
CA ALA D 281 8.59 -2.21 33.79
C ALA D 281 9.60 -2.33 32.65
N THR D 282 9.15 -2.13 31.41
CA THR D 282 10.02 -2.36 30.25
C THR D 282 11.07 -1.27 30.05
N LEU D 283 10.88 -0.14 30.73
CA LEU D 283 11.76 1.02 30.54
C LEU D 283 12.45 1.45 31.84
N LEU D 284 11.65 1.83 32.82
CA LEU D 284 12.15 2.47 34.03
C LEU D 284 12.92 1.53 34.94
N ALA D 285 12.85 0.23 34.66
CA ALA D 285 13.57 -0.76 35.47
C ALA D 285 15.08 -0.69 35.21
N SER E 2 23.83 43.76 -16.98
CA SER E 2 22.73 44.71 -17.06
C SER E 2 21.55 44.10 -17.80
N ARG E 3 21.73 42.87 -18.28
CA ARG E 3 20.66 42.14 -18.96
C ARG E 3 19.50 41.89 -18.01
N SER E 4 19.82 41.67 -16.73
CA SER E 4 18.81 41.44 -15.70
C SER E 4 18.01 42.70 -15.41
N SER E 5 18.70 43.83 -15.28
CA SER E 5 18.05 45.09 -14.96
C SER E 5 17.15 45.54 -16.09
N ALA E 6 17.61 45.32 -17.32
CA ALA E 6 16.86 45.72 -18.51
C ALA E 6 15.58 44.89 -18.67
N THR E 7 15.65 43.62 -18.26
CA THR E 7 14.49 42.74 -18.27
C THR E 7 13.45 43.21 -17.26
N LEU E 8 13.93 43.67 -16.12
CA LEU E 8 13.07 44.18 -15.06
C LEU E 8 12.21 45.35 -15.56
N ILE E 9 12.85 46.34 -16.17
CA ILE E 9 12.11 47.51 -16.65
C ILE E 9 11.30 47.17 -17.89
N GLY E 10 11.65 46.08 -18.57
CA GLY E 10 10.88 45.60 -19.70
C GLY E 10 9.53 45.12 -19.20
N PHE E 11 9.52 44.57 -17.99
CA PHE E 11 8.31 44.06 -17.38
C PHE E 11 7.35 45.18 -16.99
N THR E 12 7.87 46.39 -16.84
CA THR E 12 7.03 47.54 -16.50
C THR E 12 6.05 47.84 -17.63
N ALA E 13 6.45 47.57 -18.86
CA ALA E 13 5.57 47.74 -20.01
C ALA E 13 4.39 46.78 -19.90
N ILE E 14 4.70 45.55 -19.51
CA ILE E 14 3.68 44.51 -19.31
C ILE E 14 2.71 44.93 -18.22
N LEU E 15 3.26 45.51 -17.14
CA LEU E 15 2.46 46.01 -16.04
C LEU E 15 1.48 47.10 -16.48
N LEU E 16 1.99 48.10 -17.18
CA LEU E 16 1.17 49.23 -17.62
C LEU E 16 0.14 48.81 -18.66
N TRP E 17 0.49 47.81 -19.48
CA TRP E 17 -0.44 47.35 -20.50
C TRP E 17 -1.57 46.53 -19.88
N SER E 18 -1.35 46.06 -18.66
CA SER E 18 -2.38 45.34 -17.92
C SER E 18 -3.49 46.28 -17.44
N THR E 19 -3.22 47.57 -17.44
CA THR E 19 -4.16 48.56 -16.91
C THR E 19 -5.13 49.07 -17.97
N LEU E 20 -5.00 48.58 -19.19
CA LEU E 20 -5.84 49.04 -20.29
C LEU E 20 -7.32 48.76 -20.08
N ALA E 21 -7.61 47.66 -19.39
CA ALA E 21 -8.99 47.24 -19.16
C ALA E 21 -9.76 48.25 -18.32
N LEU E 22 -9.04 48.98 -17.46
CA LEU E 22 -9.67 49.94 -16.57
C LEU E 22 -10.21 51.15 -17.31
N ALA E 23 -9.61 51.47 -18.45
CA ALA E 23 -10.02 52.62 -19.24
C ALA E 23 -11.08 52.26 -20.28
N THR E 24 -11.40 50.97 -20.38
CA THR E 24 -12.32 50.48 -21.40
C THR E 24 -13.70 51.12 -21.28
N SER E 25 -14.22 51.19 -20.05
CA SER E 25 -15.56 51.69 -19.82
C SER E 25 -15.73 53.14 -20.25
N SER E 26 -14.75 53.98 -19.94
CA SER E 26 -14.86 55.41 -20.22
C SER E 26 -14.46 55.78 -21.65
N THR E 27 -13.70 54.91 -22.31
CA THR E 27 -13.19 55.23 -23.65
C THR E 27 -13.89 54.43 -24.75
N GLY E 28 -14.83 53.57 -24.34
CA GLY E 28 -15.47 52.62 -25.23
C GLY E 28 -16.19 53.14 -26.46
N ALA E 29 -16.61 54.40 -26.45
CA ALA E 29 -17.36 54.97 -27.56
C ALA E 29 -16.43 55.52 -28.64
N VAL E 30 -15.18 55.78 -28.28
CA VAL E 30 -14.22 56.36 -29.19
C VAL E 30 -13.61 55.31 -30.11
N PRO E 31 -13.78 55.50 -31.44
CA PRO E 31 -13.20 54.58 -32.43
C PRO E 31 -11.68 54.45 -32.28
N PRO E 32 -11.14 53.25 -32.54
CA PRO E 32 -9.73 52.89 -32.26
C PRO E 32 -8.66 53.76 -32.93
N PHE E 33 -8.81 54.13 -34.20
CA PHE E 33 -7.77 54.95 -34.85
C PHE E 33 -7.70 56.34 -34.24
N LEU E 34 -8.84 56.90 -33.88
CA LEU E 34 -8.87 58.20 -33.21
C LEU E 34 -8.19 58.12 -31.84
N LEU E 35 -8.60 57.15 -31.03
CA LEU E 35 -8.04 56.96 -29.69
C LEU E 35 -6.54 56.74 -29.76
N THR E 36 -6.11 55.93 -30.71
CA THR E 36 -4.69 55.71 -30.95
C THR E 36 -3.98 57.01 -31.31
N ALA E 37 -4.59 57.81 -32.17
CA ALA E 37 -4.01 59.08 -32.60
C ALA E 37 -3.81 60.03 -31.43
N LEU E 38 -4.83 60.12 -30.58
CA LEU E 38 -4.78 60.99 -29.41
C LEU E 38 -3.75 60.51 -28.39
N THR E 39 -3.77 59.23 -28.07
CA THR E 39 -2.89 58.70 -27.02
C THR E 39 -1.43 58.58 -27.47
N PHE E 40 -1.19 58.32 -28.76
CA PHE E 40 0.19 58.20 -29.25
C PHE E 40 0.84 59.55 -29.50
N THR E 41 0.03 60.58 -29.75
CA THR E 41 0.55 61.94 -29.82
C THR E 41 1.07 62.33 -28.45
N ILE E 42 0.26 62.08 -27.43
CA ILE E 42 0.67 62.33 -26.05
C ILE E 42 1.90 61.50 -25.70
N GLY E 43 1.88 60.22 -26.08
CA GLY E 43 2.98 59.32 -25.82
C GLY E 43 4.30 59.75 -26.42
N GLY E 44 4.26 60.25 -27.66
CA GLY E 44 5.43 60.77 -28.31
C GLY E 44 5.90 62.07 -27.68
N ALA E 45 4.95 62.92 -27.32
CA ALA E 45 5.26 64.20 -26.70
C ALA E 45 5.89 64.01 -25.32
N VAL E 46 5.38 63.06 -24.56
CA VAL E 46 5.94 62.74 -23.26
C VAL E 46 7.37 62.22 -23.42
N GLY E 47 7.59 61.43 -24.45
CA GLY E 47 8.93 60.91 -24.73
C GLY E 47 9.94 61.99 -25.07
N ILE E 48 9.56 62.90 -25.94
CA ILE E 48 10.44 64.00 -26.33
C ILE E 48 10.70 64.92 -25.15
N ALA E 49 9.66 65.20 -24.37
CA ALA E 49 9.78 66.06 -23.19
C ALA E 49 10.66 65.41 -22.13
N ALA E 50 10.49 64.10 -21.92
CA ALA E 50 11.29 63.38 -20.95
C ALA E 50 12.72 63.24 -21.43
N GLY E 51 12.89 63.19 -22.74
CA GLY E 51 14.22 63.11 -23.34
C GLY E 51 15.05 64.35 -23.05
N LEU E 52 14.40 65.51 -23.13
CA LEU E 52 15.07 66.78 -22.86
C LEU E 52 15.60 66.84 -21.43
N ALA E 53 14.84 66.25 -20.51
CA ALA E 53 15.24 66.20 -19.10
C ALA E 53 16.51 65.37 -18.92
N ARG E 54 16.67 64.34 -19.75
CA ARG E 54 17.85 63.49 -19.69
C ARG E 54 18.99 64.09 -20.51
N GLY E 55 18.72 65.23 -21.14
CA GLY E 55 19.68 65.89 -21.98
C GLY E 55 20.15 65.06 -23.16
N VAL E 56 19.24 64.32 -23.77
CA VAL E 56 19.62 63.45 -24.88
C VAL E 56 19.68 64.21 -26.20
N GLY E 57 19.00 65.36 -26.27
CA GLY E 57 18.96 66.15 -27.48
C GLY E 57 18.07 65.56 -28.55
N LEU E 58 17.73 66.36 -29.55
CA LEU E 58 16.89 65.92 -30.65
C LEU E 58 17.73 65.40 -31.82
N SER E 59 19.03 65.28 -31.59
CA SER E 59 19.94 64.78 -32.62
C SER E 59 19.72 63.29 -32.84
N VAL E 60 19.02 62.65 -31.92
CA VAL E 60 18.71 61.22 -32.03
C VAL E 60 17.56 61.00 -33.00
N LEU E 61 16.84 62.07 -33.32
CA LEU E 61 15.67 61.99 -34.19
C LEU E 61 16.00 61.57 -35.63
N ARG E 62 17.23 61.84 -36.06
CA ARG E 62 17.64 61.46 -37.40
C ARG E 62 18.11 60.02 -37.44
N GLN E 63 17.50 59.23 -38.32
CA GLN E 63 17.82 57.82 -38.48
C GLN E 63 17.67 57.41 -39.94
N PRO E 64 18.42 56.39 -40.37
CA PRO E 64 18.27 55.87 -41.74
C PRO E 64 16.89 55.24 -41.95
N TRP E 65 16.53 54.94 -43.20
CA TRP E 65 15.21 54.41 -43.50
C TRP E 65 14.87 53.05 -42.85
N PRO E 66 15.87 52.13 -42.72
CA PRO E 66 15.49 50.87 -42.08
C PRO E 66 14.95 51.02 -40.66
N VAL E 67 15.43 52.03 -39.93
CA VAL E 67 14.97 52.29 -38.58
C VAL E 67 13.51 52.75 -38.55
N TRP E 68 13.15 53.61 -39.51
CA TRP E 68 11.79 54.14 -39.57
C TRP E 68 10.81 53.10 -40.10
N VAL E 69 11.25 52.25 -41.01
CA VAL E 69 10.42 51.17 -41.50
C VAL E 69 10.09 50.20 -40.37
N HIS E 70 11.11 49.93 -39.55
CA HIS E 70 10.97 49.07 -38.39
C HIS E 70 9.94 49.61 -37.41
N GLY E 71 10.13 50.86 -36.99
CA GLY E 71 9.29 51.44 -35.97
C GLY E 71 7.88 51.78 -36.41
N ILE E 72 7.77 52.41 -37.58
CA ILE E 72 6.46 52.81 -38.08
C ILE E 72 5.69 51.59 -38.58
N GLY E 73 6.35 50.75 -39.37
CA GLY E 73 5.75 49.53 -39.86
C GLY E 73 5.34 48.61 -38.73
N GLY E 74 6.09 48.69 -37.63
CA GLY E 74 5.80 47.89 -36.44
C GLY E 74 4.66 48.42 -35.60
N LEU E 75 4.76 49.68 -35.17
CA LEU E 75 3.76 50.23 -34.26
C LEU E 75 2.42 50.50 -34.94
N PHE E 76 2.44 51.04 -36.15
CA PHE E 76 1.19 51.30 -36.85
C PHE E 76 0.63 50.01 -37.44
N GLY E 77 1.51 49.22 -38.06
CA GLY E 77 1.13 47.95 -38.65
C GLY E 77 0.28 47.03 -37.78
N TYR E 78 0.69 46.80 -36.54
CA TYR E 78 -0.06 45.86 -35.70
C TYR E 78 -1.38 46.49 -35.23
N HIS E 79 -1.41 47.81 -35.13
CA HIS E 79 -2.66 48.51 -34.84
C HIS E 79 -3.64 48.39 -36.01
N PHE E 80 -3.13 48.62 -37.22
CA PHE E 80 -3.98 48.55 -38.42
C PHE E 80 -4.66 47.19 -38.53
N PHE E 81 -3.87 46.14 -38.43
CA PHE E 81 -4.41 44.79 -38.66
C PHE E 81 -5.30 44.33 -37.52
N TYR E 82 -5.01 44.78 -36.30
CA TYR E 82 -5.87 44.46 -35.19
C TYR E 82 -7.24 45.16 -35.31
N PHE E 83 -7.22 46.44 -35.68
CA PHE E 83 -8.46 47.19 -35.83
C PHE E 83 -9.29 46.64 -36.99
N SER E 84 -8.61 46.09 -38.00
CA SER E 84 -9.30 45.42 -39.10
C SER E 84 -9.94 44.14 -38.58
N ALA E 85 -9.22 43.44 -37.70
CA ALA E 85 -9.74 42.22 -37.10
C ALA E 85 -11.01 42.49 -36.30
N LEU E 86 -11.04 43.65 -35.64
CA LEU E 86 -12.19 44.05 -34.84
C LEU E 86 -13.45 44.27 -35.69
N LYS E 87 -13.26 44.65 -36.95
CA LYS E 87 -14.37 44.85 -37.86
C LYS E 87 -14.81 43.55 -38.52
N LEU E 88 -13.91 42.58 -38.57
CA LEU E 88 -14.14 41.37 -39.35
C LEU E 88 -14.42 40.15 -38.50
N ALA E 89 -14.21 40.27 -37.19
CA ALA E 89 -14.44 39.16 -36.28
C ALA E 89 -14.93 39.68 -34.92
N PRO E 90 -15.54 38.80 -34.12
CA PRO E 90 -15.85 39.15 -32.73
C PRO E 90 -14.57 39.51 -31.96
N PRO E 91 -14.59 40.62 -31.22
CA PRO E 91 -13.46 41.13 -30.45
C PRO E 91 -12.83 40.08 -29.52
N ALA E 92 -13.66 39.33 -28.81
CA ALA E 92 -13.18 38.33 -27.88
C ALA E 92 -12.31 37.29 -28.58
N GLU E 93 -12.72 36.86 -29.76
CA GLU E 93 -11.94 35.90 -30.53
C GLU E 93 -10.73 36.54 -31.17
N ALA E 94 -10.88 37.77 -31.62
CA ALA E 94 -9.76 38.52 -32.21
C ALA E 94 -8.66 38.72 -31.17
N GLY E 95 -9.07 39.04 -29.94
CA GLY E 95 -8.13 39.27 -28.87
C GLY E 95 -7.37 38.01 -28.48
N LEU E 96 -8.03 36.86 -28.57
CA LEU E 96 -7.40 35.60 -28.21
C LEU E 96 -6.35 35.21 -29.25
N VAL E 97 -6.72 35.30 -30.53
CA VAL E 97 -5.80 35.00 -31.63
C VAL E 97 -4.61 35.96 -31.62
N ALA E 98 -4.87 37.22 -31.31
CA ALA E 98 -3.80 38.20 -31.26
C ALA E 98 -2.83 37.86 -30.14
N TYR E 99 -3.32 37.18 -29.10
CA TYR E 99 -2.48 36.85 -27.95
C TYR E 99 -1.59 35.63 -28.19
N LEU E 100 -1.34 35.32 -29.45
CA LEU E 100 -0.28 34.38 -29.78
C LEU E 100 1.07 35.08 -29.69
N TRP E 101 1.05 36.42 -29.67
CA TRP E 101 2.29 37.19 -29.80
C TRP E 101 3.34 36.95 -28.71
N PRO E 102 2.94 36.69 -27.45
CA PRO E 102 4.04 36.40 -26.51
C PRO E 102 4.76 35.10 -26.86
N LEU E 103 4.02 34.12 -27.37
CA LEU E 103 4.63 32.86 -27.81
C LEU E 103 5.50 33.09 -29.04
N LEU E 104 5.05 33.97 -29.93
CA LEU E 104 5.76 34.26 -31.16
C LEU E 104 7.11 34.95 -30.89
N ILE E 105 7.12 35.86 -29.92
CA ILE E 105 8.36 36.51 -29.50
C ILE E 105 9.38 35.47 -29.05
N VAL E 106 8.93 34.52 -28.24
CA VAL E 106 9.81 33.46 -27.76
C VAL E 106 10.30 32.61 -28.92
N LEU E 107 9.40 32.22 -29.83
CA LEU E 107 9.79 31.44 -30.99
C LEU E 107 10.71 32.24 -31.92
N PHE E 108 10.34 33.49 -32.22
CA PHE E 108 11.14 34.32 -33.12
C PHE E 108 12.50 34.68 -32.52
N SER E 109 12.64 34.58 -31.20
CA SER E 109 13.91 34.79 -30.51
C SER E 109 15.01 33.91 -31.11
N ALA E 110 14.64 32.71 -31.54
CA ALA E 110 15.59 31.73 -32.06
C ALA E 110 16.29 32.21 -33.33
N PHE E 111 15.76 33.26 -33.94
CA PHE E 111 16.35 33.82 -35.15
C PHE E 111 17.32 34.96 -34.84
N LEU E 112 17.42 35.32 -33.55
CA LEU E 112 18.43 36.28 -33.12
C LEU E 112 19.81 35.62 -33.18
N PRO E 113 20.77 36.28 -33.86
CA PRO E 113 22.12 35.76 -34.13
C PRO E 113 22.85 35.25 -32.89
N GLY E 114 22.81 36.00 -31.80
CA GLY E 114 23.52 35.63 -30.60
C GLY E 114 22.64 35.03 -29.51
N GLU E 115 21.62 34.29 -29.92
CA GLU E 115 20.67 33.72 -28.97
C GLU E 115 20.41 32.25 -29.23
N ARG E 116 20.29 31.49 -28.16
CA ARG E 116 19.93 30.08 -28.24
C ARG E 116 18.66 29.83 -27.45
N LEU E 117 17.55 29.56 -28.15
CA LEU E 117 16.28 29.31 -27.49
C LEU E 117 16.37 28.07 -26.61
N ARG E 118 15.96 28.20 -25.36
CA ARG E 118 15.96 27.08 -24.44
C ARG E 118 14.55 26.49 -24.31
N PRO E 119 14.47 25.16 -24.17
CA PRO E 119 13.19 24.44 -24.03
C PRO E 119 12.30 25.01 -22.93
N ALA E 120 12.92 25.49 -21.85
CA ALA E 120 12.18 26.03 -20.72
C ALA E 120 11.42 27.29 -21.10
N HIS E 121 11.98 28.07 -22.02
CA HIS E 121 11.33 29.27 -22.52
C HIS E 121 10.06 28.91 -23.30
N VAL E 122 10.20 27.97 -24.23
CA VAL E 122 9.08 27.53 -25.05
C VAL E 122 7.97 26.91 -24.18
N ALA E 123 8.37 26.12 -23.20
CA ALA E 123 7.40 25.48 -22.30
C ALA E 123 6.66 26.50 -21.44
N GLY E 124 7.41 27.43 -20.86
CA GLY E 124 6.81 28.49 -20.06
C GLY E 124 5.85 29.35 -20.87
N ALA E 125 6.22 29.63 -22.12
CA ALA E 125 5.36 30.41 -22.99
C ALA E 125 4.08 29.64 -23.32
N LEU E 126 4.23 28.34 -23.56
CA LEU E 126 3.09 27.46 -23.83
C LEU E 126 2.15 27.40 -22.63
N MET E 127 2.71 27.38 -21.43
CA MET E 127 1.92 27.40 -20.20
C MET E 127 1.12 28.71 -20.10
N GLY E 128 1.78 29.82 -20.42
CA GLY E 128 1.13 31.12 -20.39
C GLY E 128 0.00 31.22 -21.41
N LEU E 129 0.21 30.65 -22.59
CA LEU E 129 -0.82 30.66 -23.61
C LEU E 129 -1.99 29.79 -23.17
N ALA E 130 -1.67 28.66 -22.52
CA ALA E 130 -2.69 27.78 -21.97
C ALA E 130 -3.57 28.52 -20.97
N GLY E 131 -2.93 29.33 -20.12
CA GLY E 131 -3.64 30.09 -19.11
C GLY E 131 -4.51 31.16 -19.74
N THR E 132 -4.03 31.73 -20.84
CA THR E 132 -4.74 32.80 -21.51
C THR E 132 -5.97 32.26 -22.23
N VAL E 133 -5.80 31.13 -22.91
CA VAL E 133 -6.91 30.43 -23.56
C VAL E 133 -8.03 30.11 -22.58
N VAL E 134 -7.66 29.64 -21.38
CA VAL E 134 -8.63 29.35 -20.34
C VAL E 134 -9.36 30.61 -19.89
N LEU E 135 -8.59 31.67 -19.65
CA LEU E 135 -9.15 32.90 -19.12
C LEU E 135 -10.02 33.64 -20.13
N LEU E 136 -9.46 33.89 -21.32
CA LEU E 136 -10.19 34.62 -22.35
C LEU E 136 -11.34 33.79 -22.89
N GLY E 137 -11.09 32.49 -23.06
CA GLY E 137 -12.10 31.58 -23.57
C GLY E 137 -13.30 31.37 -22.68
N ALA E 138 -13.16 31.67 -21.40
CA ALA E 138 -14.26 31.50 -20.45
C ALA E 138 -15.22 32.70 -20.47
N ARG E 139 -14.80 33.79 -21.09
CA ARG E 139 -15.61 35.01 -21.17
C ARG E 139 -16.89 34.83 -22.00
N ALA E 140 -17.71 35.87 -22.05
CA ALA E 140 -18.99 35.83 -22.77
C ALA E 140 -18.79 35.59 -24.26
N GLY E 141 -17.93 36.40 -24.87
CA GLY E 141 -17.57 36.20 -26.27
C GLY E 141 -17.01 34.80 -26.44
N GLY E 142 -16.09 34.45 -25.56
CA GLY E 142 -15.67 33.07 -25.36
C GLY E 142 -14.85 32.40 -26.45
N PHE E 143 -15.32 31.22 -26.85
CA PHE E 143 -14.52 30.29 -27.64
C PHE E 143 -15.29 29.78 -28.86
N GLY E 144 -16.31 30.53 -29.27
CA GLY E 144 -17.13 30.14 -30.40
C GLY E 144 -16.63 30.71 -31.71
N PHE E 145 -15.97 29.87 -32.50
CA PHE E 145 -15.38 30.30 -33.75
C PHE E 145 -16.24 29.92 -34.97
N ALA E 146 -16.29 30.81 -35.95
CA ALA E 146 -17.10 30.60 -37.14
C ALA E 146 -16.30 30.88 -38.42
N PRO E 147 -16.57 30.13 -39.49
CA PRO E 147 -15.82 30.23 -40.75
C PRO E 147 -15.95 31.58 -41.45
N GLU E 148 -17.00 32.33 -41.16
CA GLU E 148 -17.18 33.63 -41.82
C GLU E 148 -16.37 34.72 -41.11
N TYR E 149 -15.68 34.36 -40.04
CA TYR E 149 -14.85 35.31 -39.32
C TYR E 149 -13.37 35.03 -39.55
N VAL E 150 -13.08 34.09 -40.45
CA VAL E 150 -11.71 33.72 -40.78
C VAL E 150 -10.85 34.91 -41.27
N PRO E 151 -11.41 35.80 -42.12
CA PRO E 151 -10.61 36.98 -42.45
C PRO E 151 -10.21 37.79 -41.20
N GLY E 152 -11.10 37.86 -40.22
CA GLY E 152 -10.81 38.54 -38.97
C GLY E 152 -9.71 37.84 -38.18
N TYR E 153 -9.75 36.51 -38.17
CA TYR E 153 -8.76 35.71 -37.46
C TYR E 153 -7.37 35.93 -38.07
N LEU E 154 -7.33 36.03 -39.39
CA LEU E 154 -6.08 36.22 -40.13
C LEU E 154 -5.49 37.60 -39.84
N ALA E 155 -6.35 38.61 -39.80
CA ALA E 155 -5.95 39.96 -39.45
C ALA E 155 -5.38 39.98 -38.04
N ALA E 156 -6.00 39.24 -37.13
CA ALA E 156 -5.52 39.19 -35.75
C ALA E 156 -4.20 38.44 -35.68
N ALA E 157 -4.05 37.40 -36.48
CA ALA E 157 -2.79 36.67 -36.55
C ALA E 157 -1.69 37.57 -37.12
N ALA E 158 -2.04 38.31 -38.17
CA ALA E 158 -1.13 39.28 -38.76
C ALA E 158 -0.67 40.30 -37.72
N CYS E 159 -1.60 40.72 -36.87
CA CYS E 159 -1.30 41.64 -35.78
C CYS E 159 -0.24 41.05 -34.84
N ALA E 160 -0.48 39.83 -34.38
CA ALA E 160 0.45 39.14 -33.48
C ALA E 160 1.83 38.99 -34.13
N VAL E 161 1.85 38.62 -35.41
CA VAL E 161 3.12 38.45 -36.11
C VAL E 161 3.87 39.78 -36.21
N ILE E 162 3.19 40.83 -36.64
CA ILE E 162 3.83 42.15 -36.78
C ILE E 162 4.39 42.68 -35.45
N TRP E 163 3.59 42.61 -34.38
CA TRP E 163 4.03 43.09 -33.08
C TRP E 163 5.19 42.27 -32.52
N SER E 164 5.14 40.96 -32.71
CA SER E 164 6.21 40.09 -32.22
C SER E 164 7.48 40.24 -33.05
N VAL E 165 7.33 40.42 -34.36
CA VAL E 165 8.49 40.64 -35.22
C VAL E 165 9.14 41.98 -34.91
N TYR E 166 8.31 43.01 -34.71
CA TYR E 166 8.79 44.31 -34.28
C TYR E 166 9.57 44.24 -32.98
N SER E 167 9.06 43.44 -32.04
CA SER E 167 9.68 43.35 -30.72
C SER E 167 11.02 42.64 -30.81
N VAL E 168 11.07 41.54 -31.54
CA VAL E 168 12.31 40.77 -31.69
C VAL E 168 13.33 41.53 -32.54
N ALA E 169 12.85 42.19 -33.59
CA ALA E 169 13.76 42.90 -34.50
C ALA E 169 14.40 44.13 -33.83
N SER E 170 13.83 44.55 -32.71
CA SER E 170 14.38 45.67 -31.95
C SER E 170 15.79 45.36 -31.46
N ARG E 171 16.08 44.08 -31.26
CA ARG E 171 17.41 43.65 -30.83
C ARG E 171 18.45 43.99 -31.88
N ARG E 172 18.07 43.85 -33.15
CA ARG E 172 18.97 44.16 -34.26
C ARG E 172 19.19 45.66 -34.42
N PHE E 173 18.38 46.45 -33.72
CA PHE E 173 18.55 47.91 -33.73
C PHE E 173 18.97 48.40 -32.33
N ALA E 174 19.68 47.55 -31.61
CA ALA E 174 20.12 47.85 -30.25
C ALA E 174 20.94 49.14 -30.15
N ARG E 175 21.60 49.51 -31.25
CA ARG E 175 22.38 50.73 -31.29
C ARG E 175 21.49 51.98 -31.27
N VAL E 176 20.27 51.84 -31.78
CA VAL E 176 19.34 52.97 -31.86
C VAL E 176 18.81 53.37 -30.48
N PRO E 177 18.98 54.65 -30.12
CA PRO E 177 18.49 55.21 -28.86
C PRO E 177 16.99 55.01 -28.66
N THR E 178 16.56 54.82 -27.41
CA THR E 178 15.16 54.56 -27.11
C THR E 178 14.28 55.78 -27.38
N GLU E 179 14.89 56.96 -27.38
CA GLU E 179 14.15 58.20 -27.60
C GLU E 179 13.54 58.27 -28.99
N VAL E 180 14.05 57.43 -29.90
CA VAL E 180 13.54 57.39 -31.26
C VAL E 180 12.11 56.82 -31.29
N VAL E 181 11.77 56.01 -30.30
CA VAL E 181 10.44 55.43 -30.20
C VAL E 181 9.36 56.52 -30.13
N ALA E 182 9.71 57.65 -29.52
CA ALA E 182 8.82 58.81 -29.51
C ALA E 182 8.48 59.22 -30.94
N GLY E 183 9.47 59.12 -31.82
CA GLY E 183 9.26 59.40 -33.23
C GLY E 183 8.28 58.42 -33.84
N PHE E 184 8.44 57.14 -33.47
CA PHE E 184 7.54 56.08 -33.94
C PHE E 184 6.10 56.34 -33.54
N CYS E 185 5.91 56.82 -32.31
CA CYS E 185 4.57 57.07 -31.79
C CYS E 185 3.89 58.21 -32.54
N LEU E 186 4.64 59.29 -32.78
CA LEU E 186 4.09 60.44 -33.49
C LEU E 186 3.67 60.09 -34.92
N ALA E 187 4.55 59.38 -35.62
CA ALA E 187 4.25 58.92 -36.99
C ALA E 187 3.08 57.95 -36.98
N THR E 188 2.99 57.16 -35.91
CA THR E 188 1.87 56.23 -35.74
C THR E 188 0.59 57.00 -35.47
N ALA E 189 0.70 58.08 -34.70
CA ALA E 189 -0.45 58.94 -34.42
C ALA E 189 -0.97 59.60 -35.70
N ALA E 190 -0.05 60.06 -36.54
CA ALA E 190 -0.42 60.72 -37.78
C ALA E 190 -1.13 59.77 -38.73
N LEU E 191 -0.57 58.57 -38.88
CA LEU E 191 -1.14 57.55 -39.74
C LEU E 191 -2.50 57.09 -39.23
N SER E 192 -2.64 56.98 -37.92
CA SER E 192 -3.93 56.61 -37.32
C SER E 192 -4.98 57.71 -37.51
N ALA E 193 -4.54 58.96 -37.38
CA ALA E 193 -5.42 60.11 -37.60
C ALA E 193 -5.98 60.09 -39.02
N LEU E 194 -5.14 59.71 -39.96
CA LEU E 194 -5.53 59.60 -41.36
C LEU E 194 -6.58 58.51 -41.56
N CYS E 195 -6.36 57.38 -40.91
CA CYS E 195 -7.27 56.25 -41.04
C CYS E 195 -8.61 56.52 -40.35
N HIS E 196 -8.56 57.29 -39.27
CA HIS E 196 -9.79 57.68 -38.60
C HIS E 196 -10.69 58.51 -39.52
N ILE E 197 -10.08 59.46 -40.23
CA ILE E 197 -10.80 60.33 -41.16
C ILE E 197 -11.41 59.53 -42.31
N LEU E 198 -10.70 58.50 -42.75
CA LEU E 198 -11.10 57.71 -43.90
C LEU E 198 -12.16 56.64 -43.60
N PHE E 199 -12.04 56.00 -42.44
CA PHE E 199 -12.82 54.80 -42.17
C PHE E 199 -13.69 54.84 -40.92
N GLU E 200 -13.60 55.90 -40.14
CA GLU E 200 -14.26 55.91 -38.82
C GLU E 200 -15.31 57.02 -38.65
N PRO E 201 -16.29 56.79 -37.76
CA PRO E 201 -17.26 57.83 -37.42
C PRO E 201 -16.64 58.93 -36.57
N SER E 202 -17.26 60.10 -36.59
CA SER E 202 -16.76 61.26 -35.87
C SER E 202 -17.23 61.28 -34.41
N VAL E 203 -16.76 60.32 -33.62
CA VAL E 203 -17.12 60.26 -32.20
C VAL E 203 -15.92 60.56 -31.32
N TRP E 204 -15.95 61.71 -30.66
CA TRP E 204 -14.82 62.17 -29.86
C TRP E 204 -15.01 61.91 -28.37
N PRO E 205 -13.89 61.86 -27.62
CA PRO E 205 -13.98 61.81 -26.16
C PRO E 205 -14.68 63.06 -25.63
N VAL E 206 -15.43 62.92 -24.55
CA VAL E 206 -16.11 64.07 -23.94
C VAL E 206 -15.96 64.04 -22.42
N GLY E 207 -15.89 65.24 -21.83
CA GLY E 207 -15.81 65.38 -20.39
C GLY E 207 -14.69 64.60 -19.72
N SER E 208 -15.07 63.73 -18.80
CA SER E 208 -14.12 62.97 -17.98
C SER E 208 -13.36 61.91 -18.77
N GLU E 209 -13.80 61.64 -20.00
CA GLU E 209 -13.14 60.63 -20.83
C GLU E 209 -11.73 61.07 -21.22
N TRP E 210 -11.52 62.39 -21.25
CA TRP E 210 -10.21 62.94 -21.58
C TRP E 210 -9.17 62.59 -20.52
N LEU E 211 -9.61 62.44 -19.28
CA LEU E 211 -8.73 62.01 -18.19
C LEU E 211 -8.13 60.64 -18.51
N ALA E 212 -8.97 59.76 -19.04
CA ALA E 212 -8.51 58.42 -19.43
C ALA E 212 -7.55 58.50 -20.62
N VAL E 213 -7.90 59.34 -21.58
CA VAL E 213 -7.08 59.53 -22.78
C VAL E 213 -5.67 60.00 -22.43
N VAL E 214 -5.57 61.02 -21.57
CA VAL E 214 -4.28 61.53 -21.11
C VAL E 214 -3.51 60.46 -20.31
N ALA E 215 -4.22 59.74 -19.44
CA ALA E 215 -3.62 58.67 -18.66
C ALA E 215 -3.09 57.55 -19.55
N LEU E 216 -3.84 57.22 -20.60
CA LEU E 216 -3.44 56.17 -21.53
C LEU E 216 -2.14 56.54 -22.25
N GLY E 217 -2.00 57.82 -22.59
CA GLY E 217 -0.85 58.27 -23.34
C GLY E 217 0.42 58.54 -22.54
N ILE E 218 0.35 58.47 -21.22
CA ILE E 218 1.48 58.94 -20.39
C ILE E 218 2.65 57.97 -20.10
N GLY E 219 2.44 56.71 -19.69
CA GLY E 219 1.17 56.01 -19.60
C GLY E 219 1.40 54.61 -20.17
N PRO E 220 0.32 53.89 -20.46
CA PRO E 220 0.40 52.68 -21.28
C PRO E 220 1.06 52.91 -22.64
N VAL E 221 1.16 54.16 -23.07
CA VAL E 221 1.83 54.48 -24.34
C VAL E 221 3.20 55.10 -24.10
N GLY E 222 3.22 56.22 -23.38
CA GLY E 222 4.45 56.93 -23.10
C GLY E 222 5.50 56.02 -22.48
N ILE E 223 5.34 55.75 -21.20
CA ILE E 223 6.31 54.95 -20.46
C ILE E 223 6.53 53.55 -21.05
N ALA E 224 5.43 52.86 -21.35
CA ALA E 224 5.49 51.44 -21.68
C ALA E 224 6.27 51.12 -22.96
N PHE E 225 6.10 51.91 -24.01
CA PHE E 225 6.75 51.59 -25.27
C PHE E 225 8.26 51.86 -25.22
N TYR E 226 8.68 52.75 -24.33
CA TYR E 226 10.10 53.03 -24.15
C TYR E 226 10.76 51.96 -23.27
N THR E 227 10.10 51.61 -22.16
CA THR E 227 10.65 50.60 -21.26
C THR E 227 10.69 49.23 -21.94
N TRP E 228 9.73 48.98 -22.82
CA TRP E 228 9.69 47.75 -23.62
C TRP E 228 10.88 47.71 -24.57
N ASP E 229 11.20 48.85 -25.17
CA ASP E 229 12.29 48.97 -26.14
C ASP E 229 13.65 48.65 -25.51
N ILE E 230 13.84 49.08 -24.27
CA ILE E 230 15.08 48.80 -23.55
C ILE E 230 15.15 47.32 -23.17
N GLY E 231 14.01 46.76 -22.78
CA GLY E 231 13.94 45.33 -22.50
C GLY E 231 14.29 44.53 -23.74
N MET E 232 13.76 44.96 -24.88
CA MET E 232 14.00 44.24 -26.12
C MET E 232 15.45 44.36 -26.60
N LYS E 233 16.06 45.51 -26.36
CA LYS E 233 17.42 45.78 -26.85
C LYS E 233 18.52 45.35 -25.90
N ARG E 234 18.26 45.39 -24.59
CA ARG E 234 19.29 45.11 -23.60
C ARG E 234 18.93 43.98 -22.64
N GLY E 235 17.66 43.57 -22.64
CA GLY E 235 17.19 42.57 -21.71
C GLY E 235 17.10 41.17 -22.30
N ASP E 236 16.37 40.30 -21.61
CA ASP E 236 16.17 38.93 -22.06
C ASP E 236 14.86 38.82 -22.84
N VAL E 237 14.97 38.73 -24.15
CA VAL E 237 13.81 38.75 -25.04
C VAL E 237 12.86 37.58 -24.82
N ARG E 238 13.38 36.35 -24.78
CA ARG E 238 12.53 35.19 -24.63
C ARG E 238 11.85 35.13 -23.26
N LEU E 239 12.51 35.69 -22.25
CA LEU E 239 11.91 35.76 -20.92
C LEU E 239 10.75 36.76 -20.88
N LEU E 240 10.96 37.93 -21.49
CA LEU E 240 9.92 38.95 -21.57
C LEU E 240 8.74 38.46 -22.41
N GLY E 241 9.05 37.63 -23.40
CA GLY E 241 8.02 36.93 -24.16
C GLY E 241 7.15 36.08 -23.26
N VAL E 242 7.79 35.28 -22.40
CA VAL E 242 7.04 34.43 -21.47
C VAL E 242 6.24 35.26 -20.47
N LEU E 243 6.86 36.30 -19.93
CA LEU E 243 6.23 37.10 -18.89
C LEU E 243 5.08 37.96 -19.43
N SER E 244 5.02 38.12 -20.74
CA SER E 244 3.96 38.90 -21.37
C SER E 244 2.58 38.29 -21.13
N TYR E 245 2.56 36.98 -20.88
CA TYR E 245 1.30 36.28 -20.60
C TYR E 245 0.78 36.57 -19.20
N ALA E 246 1.48 37.40 -18.45
CA ALA E 246 0.98 37.87 -17.17
C ALA E 246 -0.06 38.98 -17.35
N ALA E 247 -0.01 39.63 -18.51
CA ALA E 247 -0.91 40.75 -18.80
C ALA E 247 -2.40 40.38 -18.77
N PRO E 248 -2.80 39.28 -19.43
CA PRO E 248 -4.22 38.93 -19.32
C PRO E 248 -4.65 38.62 -17.89
N VAL E 249 -3.76 37.99 -17.13
CA VAL E 249 -4.04 37.67 -15.75
C VAL E 249 -4.10 38.92 -14.87
N LEU E 250 -3.07 39.75 -14.97
CA LEU E 250 -2.99 40.96 -14.16
C LEU E 250 -4.12 41.92 -14.49
N SER E 251 -4.49 41.98 -15.77
CA SER E 251 -5.58 42.85 -16.21
C SER E 251 -6.90 42.48 -15.56
N THR E 252 -7.16 41.18 -15.43
CA THR E 252 -8.39 40.70 -14.80
C THR E 252 -8.34 40.94 -13.28
N LEU E 253 -7.18 40.73 -12.67
CA LEU E 253 -6.98 40.98 -11.25
C LEU E 253 -7.28 42.44 -10.90
N LEU E 254 -6.83 43.35 -11.74
CA LEU E 254 -7.10 44.77 -11.53
C LEU E 254 -8.58 45.07 -11.65
N LEU E 255 -9.27 44.35 -12.54
CA LEU E 255 -10.70 44.50 -12.70
C LEU E 255 -11.45 43.94 -11.49
N VAL E 256 -10.91 42.86 -10.92
CA VAL E 256 -11.51 42.24 -9.74
C VAL E 256 -11.32 43.13 -8.50
N VAL E 257 -10.11 43.64 -8.32
CA VAL E 257 -9.80 44.53 -7.20
C VAL E 257 -10.64 45.81 -7.28
N ALA E 258 -10.81 46.32 -8.50
CA ALA E 258 -11.62 47.51 -8.71
C ALA E 258 -13.11 47.18 -8.70
N GLY E 259 -13.43 45.91 -8.55
CA GLY E 259 -14.81 45.46 -8.47
C GLY E 259 -15.53 45.47 -9.80
N PHE E 260 -14.78 45.48 -10.88
CA PHE E 260 -15.37 45.47 -12.23
C PHE E 260 -15.54 44.05 -12.73
N ALA E 261 -15.04 43.08 -11.95
CA ALA E 261 -15.11 41.68 -12.33
C ALA E 261 -15.09 40.78 -11.10
N ALA E 262 -15.57 39.55 -11.27
CA ALA E 262 -15.61 38.59 -10.17
C ALA E 262 -14.61 37.46 -10.38
N PRO E 263 -13.97 37.00 -9.28
CA PRO E 263 -13.03 35.88 -9.33
C PRO E 263 -13.68 34.61 -9.86
N SER E 264 -12.91 33.77 -10.54
CA SER E 264 -13.43 32.52 -11.09
C SER E 264 -12.36 31.43 -11.09
N GLY E 265 -12.79 30.20 -11.32
CA GLY E 265 -11.88 29.08 -11.42
C GLY E 265 -10.92 29.24 -12.58
N ALA E 266 -11.39 29.86 -13.66
CA ALA E 266 -10.56 30.10 -14.83
C ALA E 266 -9.42 31.07 -14.50
N LEU E 267 -9.71 32.08 -13.69
CA LEU E 267 -8.69 33.02 -13.23
C LEU E 267 -7.62 32.30 -12.40
N ALA E 268 -8.08 31.38 -11.54
CA ALA E 268 -7.17 30.65 -10.67
C ALA E 268 -6.21 29.77 -11.47
N ILE E 269 -6.77 29.05 -12.44
CA ILE E 269 -5.98 28.19 -13.33
C ILE E 269 -4.98 29.04 -14.12
N ALA E 270 -5.43 30.20 -14.59
CA ALA E 270 -4.56 31.09 -15.35
C ALA E 270 -3.41 31.62 -14.49
N CYS E 271 -3.72 31.99 -13.25
CA CYS E 271 -2.69 32.47 -12.32
C CYS E 271 -1.63 31.40 -12.08
N ALA E 272 -2.07 30.19 -11.78
CA ALA E 272 -1.15 29.07 -11.56
C ALA E 272 -0.26 28.80 -12.77
N LEU E 273 -0.86 28.84 -13.95
CA LEU E 273 -0.13 28.50 -15.17
C LEU E 273 0.92 29.54 -15.52
N ILE E 274 0.61 30.82 -15.34
CA ILE E 274 1.56 31.87 -15.68
C ILE E 274 2.65 31.96 -14.61
N VAL E 275 2.31 31.70 -13.35
CA VAL E 275 3.31 31.71 -12.29
C VAL E 275 4.23 30.51 -12.46
N GLY E 276 3.65 29.38 -12.82
CA GLY E 276 4.42 28.18 -13.08
C GLY E 276 5.29 28.33 -14.31
N GLY E 277 4.73 28.96 -15.35
CA GLY E 277 5.47 29.18 -16.58
C GLY E 277 6.63 30.13 -16.38
N ALA E 278 6.37 31.20 -15.64
CA ALA E 278 7.42 32.18 -15.34
C ALA E 278 8.54 31.55 -14.53
N ALA E 279 8.19 30.67 -13.59
CA ALA E 279 9.17 30.04 -12.74
C ALA E 279 10.00 29.02 -13.51
N VAL E 280 9.34 28.24 -14.36
CA VAL E 280 10.02 27.27 -15.22
C VAL E 280 11.03 27.97 -16.14
N ALA E 281 10.62 29.10 -16.71
CA ALA E 281 11.44 29.81 -17.68
C ALA E 281 12.58 30.61 -17.02
N THR E 282 12.33 31.12 -15.82
CA THR E 282 13.31 31.98 -15.15
C THR E 282 14.30 31.18 -14.33
N LEU E 283 13.79 30.31 -13.46
CA LEU E 283 14.62 29.60 -12.50
C LEU E 283 15.23 28.32 -13.05
N LEU E 284 14.54 27.69 -14.01
CA LEU E 284 14.93 26.36 -14.46
C LEU E 284 15.42 26.31 -15.91
N ALA E 285 15.73 27.47 -16.48
CA ALA E 285 16.14 27.55 -17.87
C ALA E 285 17.40 26.72 -18.16
N ARG E 286 18.34 26.75 -17.22
CA ARG E 286 19.60 26.04 -17.40
C ARG E 286 19.61 24.71 -16.66
N ARG E 287 18.83 24.61 -15.60
CA ARG E 287 18.83 23.42 -14.76
C ARG E 287 17.92 22.30 -15.26
N LEU E 288 17.40 22.45 -16.48
CA LEU E 288 16.45 21.48 -17.00
C LEU E 288 17.05 20.61 -18.10
N GLU E 289 18.37 20.73 -18.29
CA GLU E 289 19.05 20.00 -19.35
C GLU E 289 19.86 18.81 -18.83
N SER E 290 19.99 18.72 -17.50
CA SER E 290 20.71 17.62 -16.89
C SER E 290 19.98 16.30 -17.08
N SER E 291 20.71 15.28 -17.52
CA SER E 291 20.14 13.95 -17.69
C SER E 291 20.27 13.14 -16.41
N GLY E 292 21.23 13.55 -15.57
CA GLY E 292 21.51 12.90 -14.29
C GLY E 292 21.84 11.42 -14.47
N ARG F 3 -20.24 -38.51 -33.69
CA ARG F 3 -19.12 -37.68 -33.28
C ARG F 3 -17.91 -38.52 -32.88
N SER F 4 -18.13 -39.49 -31.99
CA SER F 4 -17.07 -40.36 -31.50
C SER F 4 -16.37 -41.11 -32.63
N SER F 5 -17.11 -41.36 -33.70
CA SER F 5 -16.53 -41.98 -34.89
C SER F 5 -15.52 -41.04 -35.53
N ALA F 6 -15.86 -39.76 -35.57
CA ALA F 6 -14.99 -38.74 -36.16
C ALA F 6 -13.83 -38.42 -35.21
N THR F 7 -14.05 -38.56 -33.91
CA THR F 7 -12.97 -38.39 -32.93
C THR F 7 -11.91 -39.46 -33.14
N LEU F 8 -12.37 -40.70 -33.28
CA LEU F 8 -11.47 -41.82 -33.52
C LEU F 8 -10.88 -41.73 -34.92
N ILE F 9 -11.57 -40.99 -35.80
CA ILE F 9 -11.06 -40.72 -37.14
C ILE F 9 -9.93 -39.71 -37.05
N GLY F 10 -10.15 -38.65 -36.28
CA GLY F 10 -9.11 -37.67 -36.01
C GLY F 10 -8.01 -38.25 -35.15
N PHE F 11 -8.34 -39.30 -34.42
CA PHE F 11 -7.38 -40.02 -33.59
C PHE F 11 -6.28 -40.63 -34.46
N THR F 12 -6.65 -41.08 -35.65
CA THR F 12 -5.69 -41.72 -36.57
C THR F 12 -4.68 -40.71 -37.11
N ALA F 13 -5.01 -39.43 -37.04
CA ALA F 13 -4.09 -38.38 -37.48
C ALA F 13 -2.89 -38.29 -36.56
N ILE F 14 -3.14 -38.41 -35.25
CA ILE F 14 -2.08 -38.41 -34.25
C ILE F 14 -1.15 -39.60 -34.45
N LEU F 15 -1.76 -40.76 -34.68
CA LEU F 15 -1.00 -41.98 -34.94
C LEU F 15 -0.14 -41.83 -36.19
N LEU F 16 -0.73 -41.25 -37.22
CA LEU F 16 -0.04 -41.05 -38.50
C LEU F 16 0.99 -39.92 -38.42
N TRP F 17 0.91 -39.10 -37.37
CA TRP F 17 1.91 -38.07 -37.14
C TRP F 17 2.94 -38.56 -36.13
N SER F 18 2.58 -39.61 -35.39
CA SER F 18 3.50 -40.23 -34.46
C SER F 18 4.64 -40.96 -35.16
N THR F 19 4.36 -41.50 -36.34
CA THR F 19 5.37 -42.26 -37.08
C THR F 19 6.34 -41.36 -37.83
N LEU F 20 6.10 -40.06 -37.77
CA LEU F 20 6.86 -39.10 -38.56
C LEU F 20 8.34 -39.01 -38.17
N ALA F 21 8.63 -39.18 -36.89
CA ALA F 21 9.99 -39.01 -36.40
C ALA F 21 10.89 -40.19 -36.75
N LEU F 22 10.29 -41.32 -37.10
CA LEU F 22 11.06 -42.51 -37.44
C LEU F 22 11.76 -42.35 -38.79
N ALA F 23 11.18 -41.53 -39.66
CA ALA F 23 11.75 -41.28 -40.97
C ALA F 23 13.03 -40.47 -40.88
N PHE F 33 11.93 -28.12 -47.89
CA PHE F 33 11.21 -27.33 -48.89
C PHE F 33 10.92 -28.14 -50.16
N LEU F 34 11.97 -28.71 -50.76
CA LEU F 34 11.79 -29.52 -51.96
C LEU F 34 10.99 -30.78 -51.63
N LEU F 35 11.17 -31.29 -50.41
CA LEU F 35 10.44 -32.46 -49.96
C LEU F 35 8.94 -32.17 -49.84
N THR F 36 8.62 -31.01 -49.28
CA THR F 36 7.23 -30.59 -49.09
C THR F 36 6.51 -30.49 -50.42
N ALA F 37 7.21 -29.94 -51.41
CA ALA F 37 6.66 -29.81 -52.76
C ALA F 37 6.28 -31.17 -53.34
N LEU F 38 7.09 -32.17 -53.04
CA LEU F 38 6.86 -33.52 -53.53
C LEU F 38 5.89 -34.28 -52.62
N THR F 39 6.11 -34.20 -51.31
CA THR F 39 5.34 -34.99 -50.36
C THR F 39 3.89 -34.51 -50.23
N PHE F 40 3.61 -33.28 -50.66
CA PHE F 40 2.25 -32.75 -50.64
C PHE F 40 1.56 -32.98 -51.97
N THR F 41 2.35 -33.24 -53.01
CA THR F 41 1.82 -33.54 -54.33
C THR F 41 1.06 -34.86 -54.31
N ILE F 42 1.74 -35.91 -53.86
CA ILE F 42 1.11 -37.22 -53.70
C ILE F 42 0.04 -37.12 -52.61
N GLY F 43 0.32 -36.32 -51.59
CA GLY F 43 -0.63 -36.08 -50.50
C GLY F 43 -1.98 -35.55 -50.97
N GLY F 44 -1.99 -34.91 -52.13
CA GLY F 44 -3.24 -34.44 -52.72
C GLY F 44 -3.92 -35.54 -53.52
N ALA F 45 -3.15 -36.56 -53.89
CA ALA F 45 -3.68 -37.69 -54.65
C ALA F 45 -3.96 -38.89 -53.76
N VAL F 46 -3.58 -38.78 -52.49
CA VAL F 46 -3.78 -39.86 -51.53
C VAL F 46 -4.91 -39.53 -50.57
N VAL F 69 -7.56 -20.32 -49.74
CA VAL F 69 -7.91 -19.31 -48.75
C VAL F 69 -7.54 -19.78 -47.35
N HIS F 70 -8.49 -20.42 -46.68
CA HIS F 70 -8.26 -20.97 -45.35
C HIS F 70 -7.33 -22.18 -45.40
N GLY F 71 -7.52 -23.01 -46.41
CA GLY F 71 -6.74 -24.23 -46.56
C GLY F 71 -5.30 -23.99 -46.95
N ILE F 72 -5.07 -23.16 -47.96
CA ILE F 72 -3.72 -22.88 -48.45
C ILE F 72 -2.90 -22.15 -47.39
N GLY F 73 -3.45 -21.07 -46.85
CA GLY F 73 -2.74 -20.27 -45.87
C GLY F 73 -2.40 -21.04 -44.61
N GLY F 74 -3.32 -21.89 -44.17
CA GLY F 74 -3.13 -22.66 -42.96
C GLY F 74 -2.08 -23.74 -43.09
N LEU F 75 -2.12 -24.47 -44.20
CA LEU F 75 -1.19 -25.57 -44.43
C LEU F 75 0.19 -25.10 -44.85
N PHE F 76 0.24 -24.21 -45.85
CA PHE F 76 1.52 -23.73 -46.36
C PHE F 76 2.25 -22.91 -45.31
N GLY F 77 1.51 -22.13 -44.54
CA GLY F 77 2.09 -21.30 -43.50
C GLY F 77 2.69 -22.10 -42.36
N TYR F 78 1.94 -23.07 -41.85
CA TYR F 78 2.36 -23.86 -40.70
C TYR F 78 3.57 -24.74 -41.03
N HIS F 79 3.62 -25.22 -42.27
CA HIS F 79 4.73 -26.07 -42.71
C HIS F 79 5.99 -25.24 -42.95
N PHE F 80 5.80 -24.06 -43.53
CA PHE F 80 6.91 -23.14 -43.78
C PHE F 80 7.56 -22.70 -42.48
N PHE F 81 6.75 -22.42 -41.47
CA PHE F 81 7.26 -21.95 -40.19
C PHE F 81 7.86 -23.05 -39.34
N TYR F 82 7.35 -24.27 -39.49
CA TYR F 82 7.88 -25.39 -38.72
C TYR F 82 9.23 -25.83 -39.25
N PHE F 83 9.34 -26.00 -40.56
CA PHE F 83 10.60 -26.37 -41.19
C PHE F 83 11.63 -25.26 -40.99
N SER F 84 11.15 -24.03 -40.86
CA SER F 84 12.03 -22.91 -40.54
C SER F 84 12.57 -23.06 -39.11
N ALA F 85 11.70 -23.47 -38.19
CA ALA F 85 12.08 -23.66 -36.79
C ALA F 85 13.12 -24.76 -36.64
N LEU F 86 13.00 -25.80 -37.46
CA LEU F 86 13.93 -26.93 -37.40
C LEU F 86 15.30 -26.58 -37.98
N LYS F 87 15.34 -25.53 -38.78
CA LYS F 87 16.60 -25.10 -39.40
C LYS F 87 17.23 -23.94 -38.64
N LEU F 88 16.47 -23.35 -37.72
CA LEU F 88 16.93 -22.18 -36.99
C LEU F 88 17.12 -22.45 -35.50
N ALA F 89 16.79 -23.67 -35.08
CA ALA F 89 16.84 -24.02 -33.66
C ALA F 89 17.03 -25.53 -33.47
N PRO F 90 17.63 -25.93 -32.32
CA PRO F 90 17.76 -27.35 -32.00
C PRO F 90 16.41 -28.05 -31.96
N PRO F 91 16.31 -29.24 -32.57
CA PRO F 91 15.06 -30.01 -32.74
C PRO F 91 14.29 -30.23 -31.43
N ALA F 92 15.01 -30.49 -30.34
CA ALA F 92 14.37 -30.72 -29.04
C ALA F 92 13.66 -29.47 -28.53
N GLU F 93 14.31 -28.33 -28.70
CA GLU F 93 13.75 -27.05 -28.25
C GLU F 93 12.64 -26.58 -29.19
N ALA F 94 12.83 -26.78 -30.49
CA ALA F 94 11.85 -26.37 -31.48
C ALA F 94 10.57 -27.18 -31.34
N GLY F 95 10.72 -28.46 -31.03
CA GLY F 95 9.58 -29.35 -30.87
C GLY F 95 8.71 -29.01 -29.67
N LEU F 96 9.36 -28.66 -28.57
CA LEU F 96 8.64 -28.29 -27.35
C LEU F 96 7.81 -27.04 -27.58
N VAL F 97 8.44 -26.01 -28.16
CA VAL F 97 7.75 -24.77 -28.48
C VAL F 97 6.64 -25.03 -29.50
N ALA F 98 6.90 -25.93 -30.44
CA ALA F 98 5.90 -26.28 -31.44
C ALA F 98 4.70 -26.96 -30.79
N TYR F 99 4.98 -27.87 -29.87
CA TYR F 99 3.90 -28.64 -29.21
C TYR F 99 3.12 -27.82 -28.20
N LEU F 100 2.99 -26.53 -28.48
CA LEU F 100 2.09 -25.65 -27.75
C LEU F 100 0.74 -25.66 -28.47
N TRP F 101 0.74 -26.23 -29.67
CA TRP F 101 -0.45 -26.21 -30.52
C TRP F 101 -1.61 -27.10 -30.03
N PRO F 102 -1.33 -28.28 -29.43
CA PRO F 102 -2.54 -29.01 -29.01
C PRO F 102 -3.26 -28.35 -27.83
N LEU F 103 -2.50 -27.71 -26.95
CA LEU F 103 -3.08 -26.92 -25.87
C LEU F 103 -3.84 -25.72 -26.45
N LEU F 104 -3.26 -25.11 -27.49
CA LEU F 104 -3.86 -23.96 -28.15
C LEU F 104 -5.16 -24.33 -28.85
N ILE F 105 -5.22 -25.55 -29.39
CA ILE F 105 -6.44 -26.04 -30.01
C ILE F 105 -7.57 -26.08 -28.99
N VAL F 106 -7.26 -26.57 -27.80
CA VAL F 106 -8.24 -26.62 -26.71
C VAL F 106 -8.69 -25.21 -26.35
N LEU F 107 -7.74 -24.30 -26.18
CA LEU F 107 -8.03 -22.92 -25.80
C LEU F 107 -8.83 -22.19 -26.89
N PHE F 108 -8.44 -22.40 -28.15
CA PHE F 108 -9.12 -21.77 -29.28
C PHE F 108 -10.49 -22.39 -29.54
N SER F 109 -10.69 -23.62 -29.07
CA SER F 109 -11.94 -24.33 -29.29
C SER F 109 -13.09 -23.70 -28.50
N ALA F 110 -12.75 -22.92 -27.48
CA ALA F 110 -13.74 -22.26 -26.65
C ALA F 110 -14.33 -21.03 -27.35
N PHE F 111 -13.77 -20.70 -28.50
CA PHE F 111 -14.21 -19.53 -29.27
C PHE F 111 -15.27 -19.89 -30.30
N LEU F 112 -15.58 -21.18 -30.40
CA LEU F 112 -16.62 -21.65 -31.31
C LEU F 112 -17.98 -21.12 -30.91
N LEU F 117 -16.63 -26.13 -23.56
CA LEU F 117 -15.24 -26.31 -23.15
C LEU F 117 -15.16 -26.54 -21.64
N ARG F 118 -15.11 -27.80 -21.25
CA ARG F 118 -15.04 -28.16 -19.83
C ARG F 118 -13.64 -27.91 -19.27
N PRO F 119 -13.56 -27.53 -17.99
CA PRO F 119 -12.28 -27.35 -17.29
C PRO F 119 -11.42 -28.62 -17.30
N ALA F 120 -12.08 -29.76 -17.44
CA ALA F 120 -11.38 -31.04 -17.49
C ALA F 120 -10.56 -31.15 -18.78
N HIS F 121 -11.09 -30.58 -19.86
CA HIS F 121 -10.40 -30.53 -21.13
C HIS F 121 -9.13 -29.69 -21.03
N VAL F 122 -9.26 -28.53 -20.37
CA VAL F 122 -8.13 -27.63 -20.18
C VAL F 122 -7.10 -28.27 -19.25
N ALA F 123 -7.58 -28.89 -18.17
CA ALA F 123 -6.69 -29.53 -17.22
C ALA F 123 -5.97 -30.72 -17.85
N GLY F 124 -6.68 -31.43 -18.75
CA GLY F 124 -6.11 -32.57 -19.43
C GLY F 124 -4.98 -32.19 -20.36
N ALA F 125 -5.15 -31.06 -21.04
CA ALA F 125 -4.12 -30.55 -21.95
C ALA F 125 -2.91 -30.03 -21.18
N LEU F 126 -3.14 -29.54 -19.97
CA LEU F 126 -2.06 -29.06 -19.12
C LEU F 126 -1.20 -30.21 -18.63
N MET F 127 -1.83 -31.34 -18.36
CA MET F 127 -1.12 -32.54 -17.96
C MET F 127 -0.37 -33.14 -19.15
N GLY F 128 -0.94 -32.99 -20.34
CA GLY F 128 -0.31 -33.46 -21.56
C GLY F 128 0.95 -32.66 -21.85
N LEU F 129 0.87 -31.35 -21.65
CA LEU F 129 2.01 -30.48 -21.88
C LEU F 129 3.11 -30.75 -20.85
N ALA F 130 2.70 -30.98 -19.60
CA ALA F 130 3.63 -31.27 -18.52
C ALA F 130 4.47 -32.51 -18.80
N GLY F 131 3.83 -33.52 -19.39
CA GLY F 131 4.51 -34.75 -19.74
C GLY F 131 5.47 -34.54 -20.90
N THR F 132 5.09 -33.67 -21.82
CA THR F 132 5.94 -33.33 -22.96
C THR F 132 7.20 -32.60 -22.49
N VAL F 133 7.03 -31.73 -21.50
CA VAL F 133 8.15 -30.95 -20.96
C VAL F 133 9.24 -31.82 -20.35
N VAL F 134 8.85 -32.74 -19.45
CA VAL F 134 9.83 -33.58 -18.78
C VAL F 134 10.48 -34.56 -19.74
N LEU F 135 9.73 -35.00 -20.74
CA LEU F 135 10.23 -35.94 -21.74
C LEU F 135 11.24 -35.28 -22.67
N LEU F 136 10.82 -34.20 -23.33
CA LEU F 136 11.64 -33.54 -24.33
C LEU F 136 12.66 -32.57 -23.73
N GLY F 137 12.51 -32.29 -22.43
CA GLY F 137 13.40 -31.36 -21.77
C GLY F 137 14.77 -31.94 -21.50
N GLY F 141 22.42 -30.47 -16.50
CA GLY F 141 21.65 -29.78 -17.51
C GLY F 141 20.57 -28.89 -16.92
N GLY F 142 19.55 -28.59 -17.72
CA GLY F 142 18.45 -27.76 -17.27
C GLY F 142 17.67 -27.18 -18.43
N PHE F 143 18.08 -26.00 -18.88
CA PHE F 143 17.43 -25.29 -19.97
C PHE F 143 18.45 -24.41 -20.66
N GLY F 144 18.79 -24.74 -21.90
CA GLY F 144 19.81 -24.01 -22.62
C GLY F 144 19.27 -23.30 -23.84
N PHE F 145 18.21 -22.51 -23.64
CA PHE F 145 17.64 -21.72 -24.71
C PHE F 145 18.55 -20.53 -25.00
N ALA F 146 18.78 -20.26 -26.28
CA ALA F 146 19.73 -19.24 -26.70
C ALA F 146 19.09 -18.16 -27.56
N PRO F 147 19.60 -16.93 -27.47
CA PRO F 147 19.12 -15.77 -28.24
C PRO F 147 19.25 -15.95 -29.75
N GLU F 148 20.26 -16.68 -30.22
CA GLU F 148 20.42 -16.90 -31.66
C GLU F 148 19.43 -17.94 -32.17
N TYR F 149 18.75 -18.60 -31.23
CA TYR F 149 17.75 -19.61 -31.57
C TYR F 149 16.34 -19.04 -31.47
N VAL F 150 16.25 -17.78 -31.03
CA VAL F 150 14.96 -17.08 -30.93
C VAL F 150 14.19 -17.04 -32.27
N PRO F 151 14.88 -16.81 -33.40
CA PRO F 151 14.11 -16.91 -34.66
C PRO F 151 13.48 -18.28 -34.87
N GLY F 152 14.14 -19.33 -34.35
CA GLY F 152 13.62 -20.67 -34.43
C GLY F 152 12.46 -20.91 -33.48
N TYR F 153 12.54 -20.33 -32.28
CA TYR F 153 11.47 -20.46 -31.30
C TYR F 153 10.22 -19.75 -31.80
N LEU F 154 10.40 -18.53 -32.32
CA LEU F 154 9.31 -17.74 -32.88
C LEU F 154 8.71 -18.42 -34.10
N ALA F 155 9.56 -19.11 -34.87
CA ALA F 155 9.10 -19.86 -36.02
C ALA F 155 8.23 -21.04 -35.56
N ALA F 156 8.67 -21.69 -34.49
CA ALA F 156 7.91 -22.80 -33.92
C ALA F 156 6.65 -22.30 -33.23
N ALA F 157 6.72 -21.06 -32.75
CA ALA F 157 5.58 -20.41 -32.10
C ALA F 157 4.55 -19.99 -33.15
N ALA F 158 5.02 -19.45 -34.26
CA ALA F 158 4.14 -19.07 -35.36
C ALA F 158 3.53 -20.32 -36.00
N CYS F 159 4.31 -21.40 -36.03
CA CYS F 159 3.84 -22.67 -36.55
C CYS F 159 2.69 -23.23 -35.73
N ALA F 160 2.84 -23.16 -34.40
CA ALA F 160 1.84 -23.71 -33.48
C ALA F 160 0.52 -22.96 -33.60
N VAL F 161 0.59 -21.63 -33.67
CA VAL F 161 -0.59 -20.78 -33.76
C VAL F 161 -1.35 -21.01 -35.06
N ILE F 162 -0.64 -20.88 -36.20
CA ILE F 162 -1.24 -21.03 -37.51
C ILE F 162 -1.89 -22.41 -37.68
N TRP F 163 -1.19 -23.45 -37.24
CA TRP F 163 -1.71 -24.80 -37.34
C TRP F 163 -2.95 -25.01 -36.47
N SER F 164 -2.94 -24.43 -35.27
CA SER F 164 -4.08 -24.52 -34.35
C SER F 164 -5.29 -23.74 -34.84
N VAL F 165 -5.06 -22.52 -35.31
CA VAL F 165 -6.12 -21.68 -35.85
C VAL F 165 -6.76 -22.36 -37.05
N TYR F 166 -5.92 -22.96 -37.90
CA TYR F 166 -6.41 -23.70 -39.07
C TYR F 166 -7.32 -24.84 -38.66
N SER F 167 -6.95 -25.54 -37.59
CA SER F 167 -7.71 -26.68 -37.11
C SER F 167 -9.06 -26.26 -36.54
N VAL F 168 -9.06 -25.19 -35.75
CA VAL F 168 -10.30 -24.70 -35.14
C VAL F 168 -11.23 -24.13 -36.20
N ALA F 169 -10.66 -23.42 -37.17
CA ALA F 169 -11.45 -22.87 -38.28
C ALA F 169 -12.03 -23.96 -39.16
N SER F 170 -11.50 -25.17 -39.06
CA SER F 170 -12.01 -26.29 -39.86
C SER F 170 -13.43 -26.65 -39.45
N ARG F 171 -13.70 -26.61 -38.15
CA ARG F 171 -15.04 -26.87 -37.65
C ARG F 171 -16.02 -25.81 -38.15
N ARG F 172 -15.54 -24.58 -38.24
CA ARG F 172 -16.35 -23.46 -38.72
C ARG F 172 -16.47 -23.48 -40.24
N VAL F 180 -11.60 -31.98 -49.72
CA VAL F 180 -11.22 -30.62 -50.09
C VAL F 180 -9.76 -30.35 -49.74
N VAL F 181 -9.20 -31.21 -48.89
CA VAL F 181 -7.81 -31.07 -48.45
C VAL F 181 -6.85 -31.32 -49.62
N ALA F 182 -7.30 -32.10 -50.59
CA ALA F 182 -6.51 -32.41 -51.77
C ALA F 182 -6.07 -31.14 -52.50
N GLY F 183 -7.01 -30.23 -52.70
CA GLY F 183 -6.73 -28.96 -53.36
C GLY F 183 -5.74 -28.12 -52.57
N PHE F 184 -5.82 -28.20 -51.24
CA PHE F 184 -4.89 -27.47 -50.38
C PHE F 184 -3.49 -28.06 -50.50
N CYS F 185 -3.41 -29.38 -50.55
CA CYS F 185 -2.13 -30.08 -50.70
C CYS F 185 -1.48 -29.76 -52.03
N LEU F 186 -2.29 -29.73 -53.10
CA LEU F 186 -1.78 -29.48 -54.45
C LEU F 186 -1.20 -28.08 -54.60
N ALA F 187 -1.91 -27.09 -54.08
CA ALA F 187 -1.46 -25.70 -54.15
C ALA F 187 -0.26 -25.48 -53.24
N THR F 188 -0.27 -26.09 -52.07
CA THR F 188 0.84 -25.99 -51.12
C THR F 188 2.08 -26.66 -51.69
N ALA F 189 1.86 -27.75 -52.42
CA ALA F 189 2.96 -28.46 -53.09
C ALA F 189 3.59 -27.59 -54.16
N ALA F 190 2.77 -26.83 -54.86
CA ALA F 190 3.25 -25.92 -55.89
C ALA F 190 3.98 -24.74 -55.27
N LEU F 191 3.50 -24.31 -54.10
CA LEU F 191 4.09 -23.18 -53.39
C LEU F 191 5.47 -23.54 -52.84
N SER F 192 5.59 -24.77 -52.35
CA SER F 192 6.85 -25.26 -51.81
C SER F 192 7.89 -25.47 -52.91
N ALA F 193 7.41 -25.67 -54.13
CA ALA F 193 8.30 -25.84 -55.27
C ALA F 193 9.00 -24.53 -55.60
N LEU F 194 8.34 -23.42 -55.28
CA LEU F 194 8.89 -22.08 -55.50
C LEU F 194 10.04 -21.81 -54.53
N CYS F 195 9.88 -22.27 -53.30
CA CYS F 195 10.91 -22.13 -52.27
C CYS F 195 12.15 -22.93 -52.65
N HIS F 196 11.95 -24.02 -53.38
CA HIS F 196 13.05 -24.84 -53.85
C HIS F 196 13.68 -24.24 -55.11
N ILE F 197 12.84 -24.00 -56.12
CA ILE F 197 13.31 -23.42 -57.38
C ILE F 197 13.64 -21.94 -57.21
N VAL F 213 10.06 -40.40 -48.85
CA VAL F 213 9.43 -39.33 -49.62
C VAL F 213 8.04 -39.73 -50.09
N VAL F 214 7.98 -40.83 -50.85
CA VAL F 214 6.70 -41.36 -51.32
C VAL F 214 5.83 -41.80 -50.15
N ALA F 215 6.43 -42.56 -49.24
CA ALA F 215 5.74 -43.00 -48.03
C ALA F 215 5.39 -41.80 -47.16
N LEU F 216 6.23 -40.77 -47.23
CA LEU F 216 5.99 -39.55 -46.48
C LEU F 216 4.81 -38.76 -47.06
N GLY F 217 4.40 -39.15 -48.26
CA GLY F 217 3.25 -38.55 -48.91
C GLY F 217 1.98 -39.33 -48.63
N ILE F 218 2.14 -40.63 -48.41
CA ILE F 218 1.00 -41.51 -48.12
C ILE F 218 0.86 -41.78 -46.63
N GLY F 219 1.96 -42.17 -46.01
CA GLY F 219 1.97 -42.56 -44.61
C GLY F 219 1.38 -41.56 -43.63
N PRO F 220 1.82 -40.30 -43.70
CA PRO F 220 1.14 -39.25 -42.92
C PRO F 220 0.16 -38.39 -43.74
N VAL F 221 0.68 -37.51 -44.59
CA VAL F 221 -0.10 -36.52 -45.34
C VAL F 221 -1.39 -37.06 -45.95
N GLY F 222 -1.30 -38.19 -46.64
CA GLY F 222 -2.45 -38.77 -47.33
C GLY F 222 -3.56 -39.25 -46.42
N ILE F 223 -3.19 -39.74 -45.24
CA ILE F 223 -4.18 -40.28 -44.31
C ILE F 223 -4.49 -39.29 -43.19
N ALA F 224 -3.52 -38.50 -42.79
CA ALA F 224 -3.67 -37.61 -41.63
C ALA F 224 -4.54 -36.39 -41.93
N PHE F 225 -4.13 -35.60 -42.92
CA PHE F 225 -4.80 -34.33 -43.23
C PHE F 225 -6.30 -34.51 -43.48
N TYR F 226 -6.66 -35.59 -44.17
CA TYR F 226 -8.06 -35.90 -44.45
C TYR F 226 -8.79 -36.33 -43.19
N THR F 227 -8.20 -37.24 -42.44
CA THR F 227 -8.84 -37.77 -41.23
C THR F 227 -8.78 -36.75 -40.09
N TRP F 228 -7.88 -35.77 -40.21
CA TRP F 228 -7.81 -34.69 -39.24
C TRP F 228 -8.92 -33.69 -39.53
N ASP F 229 -9.14 -33.43 -40.81
CA ASP F 229 -10.20 -32.52 -41.23
C ASP F 229 -11.56 -33.06 -40.81
N ILE F 230 -11.72 -34.38 -40.89
CA ILE F 230 -12.95 -35.04 -40.46
C ILE F 230 -13.14 -34.89 -38.95
N GLY F 231 -12.07 -35.12 -38.20
CA GLY F 231 -12.11 -35.00 -36.75
C GLY F 231 -12.46 -33.61 -36.26
N MET F 232 -11.97 -32.59 -36.97
CA MET F 232 -12.25 -31.21 -36.60
C MET F 232 -13.67 -30.83 -36.99
N LYS F 233 -14.15 -31.38 -38.10
CA LYS F 233 -15.44 -30.98 -38.67
C LYS F 233 -16.63 -31.69 -38.02
N ARG F 234 -16.43 -32.88 -37.48
CA ARG F 234 -17.54 -33.66 -36.96
C ARG F 234 -17.21 -34.46 -35.70
N GLY F 235 -16.07 -34.15 -35.08
CA GLY F 235 -15.65 -34.88 -33.90
C GLY F 235 -15.71 -34.05 -32.63
N ASP F 236 -14.77 -34.30 -31.71
CA ASP F 236 -14.66 -33.57 -30.46
C ASP F 236 -13.37 -32.76 -30.45
N VAL F 237 -13.45 -31.53 -30.95
CA VAL F 237 -12.30 -30.65 -31.08
C VAL F 237 -11.53 -30.49 -29.78
N ARG F 238 -12.25 -30.26 -28.68
CA ARG F 238 -11.65 -30.11 -27.36
C ARG F 238 -10.89 -31.38 -26.94
N LEU F 239 -11.56 -32.52 -27.07
CA LEU F 239 -10.95 -33.80 -26.69
C LEU F 239 -9.84 -34.22 -27.65
N LEU F 240 -10.02 -33.90 -28.94
CA LEU F 240 -9.04 -34.26 -29.95
C LEU F 240 -7.72 -33.53 -29.73
N GLY F 241 -7.79 -32.33 -29.18
CA GLY F 241 -6.61 -31.55 -28.88
C GLY F 241 -5.82 -32.13 -27.72
N VAL F 242 -6.53 -32.65 -26.73
CA VAL F 242 -5.91 -33.26 -25.56
C VAL F 242 -5.20 -34.55 -25.96
N LEU F 243 -5.79 -35.28 -26.90
CA LEU F 243 -5.22 -36.53 -27.37
C LEU F 243 -3.91 -36.32 -28.14
N SER F 244 -3.74 -35.13 -28.71
CA SER F 244 -2.59 -34.84 -29.57
C SER F 244 -1.26 -34.87 -28.81
N TYR F 245 -1.34 -34.75 -27.48
CA TYR F 245 -0.13 -34.78 -26.65
C TYR F 245 0.41 -36.20 -26.52
N ALA F 246 -0.32 -37.17 -27.05
CA ALA F 246 0.17 -38.54 -27.09
C ALA F 246 1.31 -38.66 -28.07
N ALA F 247 1.18 -37.97 -29.21
CA ALA F 247 2.13 -38.05 -30.32
C ALA F 247 3.61 -37.87 -29.95
N PRO F 248 3.98 -36.86 -29.14
CA PRO F 248 5.41 -36.76 -28.81
C PRO F 248 5.91 -37.96 -28.02
N VAL F 249 5.07 -38.49 -27.15
CA VAL F 249 5.39 -39.70 -26.42
C VAL F 249 5.15 -40.91 -27.34
N LEU F 250 4.10 -40.84 -28.15
CA LEU F 250 3.78 -41.90 -29.10
C LEU F 250 4.88 -42.06 -30.14
N SER F 251 5.61 -40.97 -30.39
CA SER F 251 6.74 -41.00 -31.31
C SER F 251 7.99 -41.47 -30.59
N THR F 252 8.00 -41.30 -29.28
CA THR F 252 9.14 -41.66 -28.45
C THR F 252 9.30 -43.17 -28.29
N LEU F 253 8.22 -43.87 -27.98
CA LEU F 253 8.33 -45.32 -27.83
C LEU F 253 8.65 -45.94 -29.20
N LEU F 254 8.06 -45.40 -30.27
CA LEU F 254 8.39 -45.84 -31.63
C LEU F 254 9.88 -45.66 -31.92
N LEU F 255 10.48 -44.62 -31.35
CA LEU F 255 11.90 -44.37 -31.49
C LEU F 255 12.71 -45.30 -30.57
N VAL F 256 12.06 -45.78 -29.51
CA VAL F 256 12.73 -46.64 -28.55
C VAL F 256 12.07 -48.02 -28.42
N VAL F 257 11.48 -48.50 -29.50
CA VAL F 257 10.88 -49.83 -29.52
C VAL F 257 11.95 -50.90 -29.32
N ALA F 262 17.77 -45.08 -26.14
CA ALA F 262 17.91 -45.23 -24.69
C ALA F 262 16.65 -44.77 -23.97
N PRO F 263 16.24 -45.52 -22.94
CA PRO F 263 15.07 -45.15 -22.14
C PRO F 263 15.41 -44.28 -20.93
N SER F 264 14.67 -43.20 -20.74
CA SER F 264 14.81 -42.38 -19.55
C SER F 264 13.58 -42.54 -18.67
N GLY F 265 13.79 -42.59 -17.35
CA GLY F 265 12.71 -42.75 -16.39
C GLY F 265 11.65 -41.68 -16.48
N ALA F 266 12.01 -40.53 -17.05
CA ALA F 266 11.08 -39.42 -17.24
C ALA F 266 9.99 -39.77 -18.24
N LEU F 267 10.26 -40.76 -19.09
CA LEU F 267 9.27 -41.20 -20.08
C LEU F 267 8.06 -41.84 -19.40
N ALA F 268 8.32 -42.57 -18.32
CA ALA F 268 7.25 -43.18 -17.54
C ALA F 268 6.42 -42.11 -16.85
N ILE F 269 7.09 -41.03 -16.42
CA ILE F 269 6.42 -39.90 -15.82
C ILE F 269 5.52 -39.23 -16.86
N ALA F 270 6.05 -39.05 -18.06
CA ALA F 270 5.28 -38.52 -19.17
C ALA F 270 4.11 -39.44 -19.51
N CYS F 271 4.33 -40.74 -19.39
CA CYS F 271 3.29 -41.72 -19.65
C CYS F 271 2.19 -41.65 -18.59
N ALA F 272 2.58 -41.35 -17.35
CA ALA F 272 1.62 -41.17 -16.28
C ALA F 272 0.83 -39.89 -16.49
N LEU F 273 1.49 -38.88 -17.04
CA LEU F 273 0.87 -37.58 -17.27
C LEU F 273 -0.09 -37.60 -18.45
N ILE F 274 0.23 -38.39 -19.47
CA ILE F 274 -0.57 -38.43 -20.69
C ILE F 274 -1.84 -39.26 -20.53
N VAL F 275 -1.80 -40.28 -19.68
CA VAL F 275 -2.98 -41.12 -19.47
C VAL F 275 -3.90 -40.47 -18.45
N GLY F 276 -3.33 -39.68 -17.54
CA GLY F 276 -4.12 -38.94 -16.57
C GLY F 276 -4.82 -37.78 -17.25
N GLY F 277 -4.06 -37.02 -18.03
CA GLY F 277 -4.61 -35.90 -18.78
C GLY F 277 -5.72 -36.36 -19.70
N ALA F 278 -5.56 -37.54 -20.29
CA ALA F 278 -6.60 -38.13 -21.12
C ALA F 278 -7.81 -38.49 -20.26
N ALA F 279 -7.56 -39.27 -19.21
CA ALA F 279 -8.62 -39.73 -18.31
C ALA F 279 -9.43 -38.58 -17.71
N VAL F 280 -8.73 -37.54 -17.26
CA VAL F 280 -9.39 -36.34 -16.74
C VAL F 280 -10.28 -35.71 -17.81
N ALA F 281 -9.80 -35.71 -19.04
CA ALA F 281 -10.51 -35.07 -20.14
C ALA F 281 -11.79 -35.82 -20.55
N THR F 282 -11.78 -37.15 -20.44
CA THR F 282 -12.93 -37.93 -20.90
C THR F 282 -13.61 -38.80 -19.84
N LEU F 283 -12.82 -39.53 -19.04
CA LEU F 283 -13.38 -40.50 -18.11
C LEU F 283 -14.24 -39.82 -17.03
N LEU F 284 -13.75 -38.70 -16.51
CA LEU F 284 -14.53 -37.90 -15.57
C LEU F 284 -15.32 -36.84 -16.32
N ALA F 285 -14.72 -35.66 -16.48
CA ALA F 285 -15.30 -34.56 -17.25
C ALA F 285 -16.73 -34.24 -16.83
C10 OLC G . 1.49 7.91 -33.58
C9 OLC G . 1.32 6.45 -33.35
C11 OLC G . 2.16 8.37 -34.82
C8 OLC G . 1.84 5.48 -34.35
C16 OLC G . 6.72 9.89 -33.23
C12 OLC G . 2.86 9.68 -34.56
C7 OLC G . 3.13 4.89 -33.88
C15 OLC G . 6.31 9.83 -34.65
C13 OLC G . 4.01 9.82 -35.49
C6 OLC G . 3.61 3.89 -34.87
C14 OLC G . 5.08 10.65 -34.86
C5 OLC G . 4.97 4.28 -35.36
C4 OLC G . 5.63 3.11 -36.02
C3 OLC G . 7.05 3.44 -36.33
C2 OLC G . 7.76 2.22 -36.79
C8 OLC H . -6.74 8.47 -18.17
C7 OLC H . -7.41 7.32 -18.84
C6 OLC H . -8.43 7.81 -19.80
C5 OLC H . -9.59 8.34 -19.05
C4 OLC H . -10.79 8.38 -19.94
C3 OLC H . -11.89 9.12 -19.25
C2 OLC H . -13.17 8.88 -19.98
C1 OLC H . -13.80 10.19 -20.28
O19 OLC H . -14.47 10.32 -21.30
O20 OLC H . -13.70 11.22 -19.38
C9 OLC I . 6.26 9.56 -11.20
C8 OLC I . 6.95 10.73 -10.57
C7 OLC I . 7.79 11.41 -11.60
C6 OLC I . 9.22 11.00 -11.44
C5 OLC I . 10.05 12.21 -11.19
C4 OLC I . 11.49 11.82 -11.11
C3 OLC I . 12.35 13.04 -11.19
C2 OLC I . 12.96 13.32 -9.86
C10 OLC J . -1.94 -1.87 -22.74
C9 OLC J . -3.27 -2.26 -23.30
C11 OLC J . -0.82 -2.85 -22.74
C8 OLC J . -3.43 -3.60 -23.94
C7 OLC J . -4.77 -4.16 -23.62
C6 OLC J . -5.82 -3.37 -24.33
C5 OLC J . -6.76 -4.30 -25.02
C4 OLC J . -8.17 -4.00 -24.63
C3 OLC J . -9.07 -4.45 -25.72
C2 OLC J . -10.45 -4.66 -25.18
C1 OLC J . -11.43 -4.63 -26.29
O19 OLC J . -12.76 -4.38 -26.03
O20 OLC J . -11.06 -4.76 -27.45
S SO4 K . -19.06 17.48 -23.23
O1 SO4 K . -20.35 17.62 -22.54
O2 SO4 K . -18.95 18.51 -24.26
O3 SO4 K . -17.98 17.63 -22.26
O4 SO4 K . -18.98 16.17 -23.86
C18 OLC L . -7.98 -14.26 -3.89
C10 OLC L . -1.70 -13.80 -4.93
C9 OLC L . -1.18 -13.59 -3.55
C17 OLC L . -7.36 -15.43 -4.58
C11 OLC L . -1.88 -12.63 -5.83
C8 OLC L . -1.02 -12.20 -3.04
C24 OLC L . -7.79 -9.28 -1.72
C16 OLC L . -6.89 -15.02 -5.93
C12 OLC L . -2.66 -13.04 -7.04
C7 OLC L . -1.58 -12.13 -1.66
C15 OLC L . -5.94 -13.87 -5.81
C13 OLC L . -4.09 -12.70 -6.86
C6 OLC L . -2.97 -11.61 -1.71
C14 OLC L . -4.91 -13.94 -6.88
C5 OLC L . -3.52 -11.48 -0.33
C4 OLC L . -3.35 -10.09 0.16
C3 OLC L . -4.42 -9.78 1.15
C2 OLC L . -5.16 -8.57 0.70
C21 OLC L . -8.58 -8.27 0.36
C1 OLC L . -6.46 -8.50 1.42
C22 OLC L . -8.52 -8.12 -1.13
O19 OLC L . -6.53 -8.91 2.57
O25 OLC L . -7.73 -9.13 -3.09
O23 OLC L . -9.81 -8.10 -1.63
O20 OLC L . -7.46 -7.69 0.94
C10 OLC M . 8.03 5.57 -11.92
C9 OLC M . 9.40 6.13 -11.83
C11 OLC M . 6.99 6.03 -10.96
C8 OLC M . 9.77 6.89 -10.59
C7 OLC M . 11.22 7.22 -10.62
C6 OLC M . 11.58 7.88 -9.33
C5 OLC M . 12.78 8.73 -9.54
C4 OLC M . 13.10 9.45 -8.27
C3 OLC M . 14.37 10.20 -8.45
C2 OLC M . 14.87 10.66 -7.13
C1 OLC M . 16.34 10.94 -7.23
O19 OLC M . 16.78 12.24 -7.36
O20 OLC M . 17.14 10.02 -7.14
C10 OLC N . 4.01 3.07 -8.57
C9 OLC N . 5.38 3.60 -8.34
C8 OLC N . 5.64 4.53 -7.20
C24 OLC N . 16.64 8.44 -3.81
C7 OLC N . 7.03 5.04 -7.30
C6 OLC N . 7.36 5.88 -6.10
C5 OLC N . 8.78 6.33 -6.20
C4 OLC N . 9.08 7.27 -5.08
C3 OLC N . 10.54 7.36 -4.86
C2 OLC N . 10.81 8.19 -3.66
C21 OLC N . 14.27 8.96 -4.01
C1 OLC N . 12.22 8.03 -3.21
C22 OLC N . 15.33 8.47 -3.09
O19 OLC N . 12.50 7.13 -2.44
O25 OLC N . 16.69 7.34 -4.65
O23 OLC N . 15.42 9.32 -2.02
O20 OLC N . 13.08 9.10 -3.32
C10 OLC O . 0.91 -20.81 9.82
C9 OLC O . 2.17 -20.15 10.30
C11 OLC O . -0.22 -19.96 9.33
C8 OLC O . 2.21 -18.67 10.49
C12 OLC O . -1.52 -20.60 9.68
C7 OLC O . 3.32 -18.33 11.42
C15 OLC O . -3.89 -22.75 7.84
C13 OLC O . -2.16 -21.14 8.44
C6 OLC O . 4.40 -17.59 10.69
C14 OLC O . -3.53 -21.64 8.77
C5 OLC O . 5.74 -18.04 11.15
C4 OLC O . 6.74 -16.97 10.88
C3 OLC O . 8.10 -17.42 11.35
C10 OLC P . 7.55 -5.10 -9.19
C9 OLC P . 9.02 -5.17 -9.45
C11 OLC P . 6.70 -4.32 -10.14
C8 OLC P . 9.63 -4.31 -10.50
C12 OLC P . 6.18 -5.23 -11.19
C7 OLC P . 11.02 -3.91 -10.09
C15 OLC P . 6.39 -5.20 -14.90
C13 OLC P . 6.51 -4.67 -12.53
C6 OLC P . 11.48 -2.84 -11.03
C14 OLC P . 5.73 -5.39 -13.58
C5 OLC P . 12.53 -1.99 -10.38
C4 OLC P . 12.64 -0.71 -11.15
C3 OLC P . 14.01 -0.13 -10.97
C2 OLC P . 15.01 -0.95 -11.71
C1 OLC P . 16.28 -0.18 -11.89
O19 OLC P . 16.46 0.85 -11.28
O20 OLC P . 17.28 -0.68 -12.70
C10 OLC Q . -0.53 17.76 60.28
C9 OLC Q . -1.68 18.13 61.15
C11 OLC Q . -0.76 17.10 58.96
C8 OLC Q . -2.95 17.35 61.12
C12 OLC Q . 0.48 17.20 58.13
C7 OLC Q . -3.89 17.95 62.13
C6 OLC Q . -5.03 17.05 62.42
C5 OLC Q . -6.11 17.83 63.09
C4 OLC Q . -7.09 16.91 63.74
C3 OLC Q . -8.48 17.29 63.35
C2 OLC Q . -9.45 16.54 64.21
C18 OLC R . 6.63 2.72 58.57
C10 OLC R . 0.24 1.80 60.33
C9 OLC R . -0.28 2.97 61.09
C17 OLC R . 6.12 1.33 58.40
C11 OLC R . 0.46 0.52 61.05
C8 OLC R . 0.02 3.06 62.55
C24 OLC R . 5.61 0.76 64.29
C16 OLC R . 5.04 1.06 59.40
C12 OLC R . 1.04 -0.49 60.14
C7 OLC R . 1.05 4.11 62.78
C15 OLC R . 4.69 -0.39 59.37
C13 OLC R . 2.30 0.01 59.54
C6 OLC R . 1.93 3.70 63.92
C14 OLC R . 3.47 -0.63 60.19
C5 OLC R . 2.28 4.88 64.75
C4 OLC R . 2.90 4.42 66.03
C3 OLC R . 4.37 4.18 65.83
C2 OLC R . 4.98 3.76 67.14
C21 OLC R . 7.10 1.89 65.84
C1 OLC R . 6.47 3.84 67.06
C22 OLC R . 6.86 1.57 64.41
O19 OLC R . 7.09 4.28 68.02
O23 OLC R . 6.73 2.73 63.69
O20 OLC R . 7.14 3.26 66.01
C10 OLC S . -8.92 -9.99 43.43
C9 OLC S . -10.01 -9.34 44.23
C11 OLC S . -8.97 -11.45 43.15
C8 OLC S . -11.12 -10.18 44.75
C7 OLC S . -12.00 -9.36 45.62
C6 OLC S . -13.28 -10.08 45.87
C5 OLC S . -14.03 -9.43 46.97
C4 OLC S . -15.43 -9.94 47.03
C3 OLC S . -16.33 -8.83 47.46
C2 OLC S . -17.74 -9.32 47.58
C1 OLC S . -18.52 -8.37 48.42
O19 OLC S . -18.14 -7.21 48.54
O20 OLC S . -19.67 -8.78 49.05
C18 OLC T . -8.72 -17.25 29.80
C10 OLC T . -2.26 -19.50 29.67
C9 OLC T . -2.72 -20.10 28.39
C17 OLC T . -8.22 -18.44 30.53
C11 OLC T . -2.75 -20.05 30.97
C8 OLC T . -3.69 -21.23 28.37
C24 OLC T . -9.87 -22.55 28.54
C16 OLC T . -7.33 -18.00 31.65
C12 OLC T . -3.91 -19.23 31.41
C7 OLC T . -4.50 -21.16 27.12
C15 OLC T . -6.82 -19.20 32.37
C13 OLC T . -4.47 -19.76 32.69
C6 OLC T . -4.50 -22.48 26.41
C14 OLC T . -5.58 -18.86 33.12
C5 OLC T . -5.82 -23.13 26.58
C4 OLC T . -6.02 -24.16 25.52
C3 OLC T . -7.31 -23.89 24.80
C2 OLC T . -7.99 -25.17 24.44
C21 OLC T . -10.56 -23.99 26.68
C1 OLC T . -9.21 -25.34 25.26
C22 OLC T . -9.43 -23.57 27.56
O19 OLC T . -9.62 -26.47 25.50
O25 OLC T . -8.76 -21.89 29.03
O23 OLC T . -8.93 -24.67 28.22
O20 OLC T . -10.07 -24.28 25.42
C5 OLC U . 3.75 -27.51 41.23
C4 OLC U . 3.43 -26.96 39.88
C3 OLC U . 3.59 -28.04 38.84
C2 OLC U . 5.01 -28.49 38.80
C1 OLC U . 5.65 -28.02 37.52
O19 OLC U . 4.99 -28.00 36.49
O20 OLC U . 7.01 -27.95 37.45
C10 OLC V . 6.63 -6.54 23.01
C9 OLC V . 8.11 -6.72 23.09
C11 OLC V . 6.01 -5.31 23.59
C8 OLC V . 8.93 -5.66 23.76
C12 OLC V . 5.10 -4.69 22.59
C7 OLC V . 10.37 -6.03 23.67
C13 OLC V . 4.62 -3.37 23.09
C6 OLC V . 11.12 -5.38 24.79
C5 OLC V . 12.46 -6.01 24.93
C4 OLC V . 13.02 -5.66 26.27
C3 OLC V . 13.41 -4.22 26.28
C10 OLC W . -2.73 -3.43 25.27
C9 OLC W . -3.90 -2.57 24.92
C11 OLC W . -1.36 -3.03 24.84
C8 OLC W . -3.76 -1.51 23.88
C12 OLC W . -0.39 -4.08 25.26
C7 OLC W . -4.08 -0.18 24.46
C13 OLC W . 0.86 -3.43 25.75
C6 OLC W . -4.14 0.82 23.36
C14 OLC W . 2.01 -4.37 25.59
C5 OLC W . -5.55 0.97 22.88
C4 OLC W . -6.25 1.97 23.74
C3 OLC W . -7.62 2.21 23.22
C2 OLC W . -8.60 2.08 24.34
C1 OLC W . -9.95 2.52 23.88
O19 OLC W . -10.12 2.80 22.71
O20 OLC W . -11.02 2.47 24.74
C24 OLC X . -14.75 -30.56 44.98
C6 OLC X . -5.33 -26.88 45.76
C5 OLC X . -6.32 -27.78 45.09
C4 OLC X . -7.66 -27.14 45.09
C3 OLC X . -8.64 -28.03 44.40
C2 OLC X . -9.88 -27.27 44.13
C21 OLC X . -12.82 -29.56 43.86
C1 OLC X . -10.90 -28.18 43.54
C22 OLC X . -13.28 -30.31 45.07
O19 OLC X . -10.70 -28.72 42.47
O25 OLC X . -15.40 -29.76 45.89
O23 OLC X . -12.60 -31.51 45.15
O20 OLC X . -12.01 -28.52 44.28
C18 OLC Y . 6.92 23.68 -30.93
C10 OLC Y . -1.27 27.46 -31.58
C9 OLC Y . -2.74 27.56 -31.45
C17 OLC Y . 6.05 24.50 -30.04
C11 OLC Y . -0.48 26.58 -30.67
C8 OLC Y . -3.40 27.15 -30.16
C16 OLC Y . 5.42 25.60 -30.81
C12 OLC Y . 0.97 26.87 -30.82
C7 OLC Y . -3.87 28.36 -29.42
C15 OLC Y . 4.11 25.15 -31.37
C13 OLC Y . 1.71 25.64 -31.22
C6 OLC Y . -4.55 29.31 -30.34
C14 OLC Y . 3.00 25.56 -30.46
C5 OLC Y . -5.84 29.75 -29.76
C4 OLC Y . -6.94 28.83 -30.17
C3 OLC Y . -8.26 29.52 -30.06
C18 OLC Z . -4.97 43.84 -26.10
C10 OLC Z . 1.03 44.88 -27.00
C9 OLC Z . 0.77 46.19 -26.33
C17 OLC Z . -5.17 42.71 -27.05
C11 OLC Z . 0.54 44.61 -28.38
C8 OLC Z . 0.02 47.28 -27.01
C24 OLC Z . -6.18 48.97 -28.90
C16 OLC Z . -4.60 43.05 -28.39
C12 OLC Z . -0.49 43.51 -28.32
C7 OLC Z . -0.55 48.21 -25.98
C15 OLC Z . -3.14 42.74 -28.43
C13 OLC Z . -1.06 43.25 -29.67
C6 OLC Z . -1.17 49.39 -26.64
C14 OLC Z . -2.55 43.38 -29.64
C5 OLC Z . -1.04 50.59 -25.76
C4 OLC Z . -2.38 51.23 -25.57
C3 OLC Z . -2.60 52.29 -26.61
C2 OLC Z . -3.86 53.05 -26.33
C21 OLC Z . -4.81 50.99 -28.93
C1 OLC Z . -5.01 52.48 -27.09
C22 OLC Z . -6.14 50.41 -29.29
O19 OLC Z . -6.11 52.42 -26.56
O25 OLC Z . -5.11 48.30 -29.46
O23 OLC Z . -7.14 51.12 -28.66
O20 OLC Z . -4.93 52.27 -28.45
C10 OLC AA . 4.18 45.91 -41.90
C9 OLC AA . 5.66 45.76 -41.82
C11 OLC AA . 3.57 46.47 -43.14
C8 OLC AA . 6.53 46.46 -42.81
C16 OLC AA . -1.18 49.43 -43.67
C12 OLC AA . 2.11 46.70 -42.93
C7 OLC AA . 7.95 46.39 -42.36
C15 OLC AA . -0.27 48.35 -43.18
C13 OLC AA . 1.90 47.95 -42.17
C14 OLC AA . 1.09 48.91 -42.98
C24 OLC BA . 14.19 36.39 -40.92
C7 OLC BA . 10.91 34.96 -37.88
C6 OLC BA . 11.15 36.20 -37.08
C5 OLC BA . 12.28 36.97 -37.67
C4 OLC BA . 12.57 38.17 -36.84
C3 OLC BA . 13.89 38.74 -37.22
C2 OLC BA . 14.98 37.88 -36.71
C21 OLC BA . 15.82 36.37 -39.10
C1 OLC BA . 16.25 38.09 -37.47
C22 OLC BA . 15.64 36.28 -40.58
O19 OLC BA . 17.27 38.36 -36.87
O25 OLC BA . 13.83 35.38 -41.77
O23 OLC BA . 16.34 37.29 -41.20
O20 OLC BA . 16.35 37.61 -38.77
C24 OLC CA . 13.25 46.52 -40.27
C7 OLC CA . 6.43 39.96 -41.90
C6 OLC CA . 6.01 40.96 -40.89
C5 OLC CA . 6.92 42.14 -40.97
C4 OLC CA . 6.79 42.96 -39.74
C3 OLC CA . 7.96 43.87 -39.64
C2 OLC CA . 7.96 44.52 -38.29
C21 OLC CA . 11.56 45.50 -38.82
C1 OLC CA . 9.28 45.20 -38.09
C22 OLC CA . 12.16 45.50 -40.19
O19 OLC CA . 9.36 46.15 -37.33
O25 OLC CA . 13.20 47.18 -41.48
O23 OLC CA . 12.69 44.25 -40.46
O20 OLC CA . 10.37 44.78 -38.82
C10 OLC DA . 7.36 39.75 -11.22
C9 OLC DA . 8.31 39.27 -12.25
C11 OLC DA . 7.83 40.75 -10.20
C8 OLC DA . 9.66 39.92 -12.37
C12 OLC DA . 6.65 41.47 -9.65
C7 OLC DA . 10.56 39.01 -13.14
C6 OLC DA . 11.90 39.66 -13.30
C5 OLC DA . 12.92 38.62 -13.57
C4 OLC DA . 14.14 39.22 -14.19
C3 OLC DA . 15.16 38.17 -14.43
C2 OLC DA . 16.19 38.70 -15.36
C1 OLC DA . 17.25 37.68 -15.57
O19 OLC DA . 16.94 36.51 -15.74
O20 OLC DA . 18.58 38.02 -15.40
#